data_4DW6
# 
_entry.id   4DW6 
# 
_audit_conform.dict_name       mmcif_pdbx.dic 
_audit_conform.dict_version    5.387 
_audit_conform.dict_location   http://mmcif.pdb.org/dictionaries/ascii/mmcif_pdbx.dic 
# 
loop_
_database_2.database_id 
_database_2.database_code 
_database_2.pdbx_database_accession 
_database_2.pdbx_DOI 
PDB   4DW6         pdb_00004dw6 10.2210/pdb4dw6/pdb 
RCSB  RCSB070858   ?            ?                   
WWPDB D_1000070858 ?            ?                   
# 
loop_
_pdbx_audit_revision_history.ordinal 
_pdbx_audit_revision_history.data_content_type 
_pdbx_audit_revision_history.major_revision 
_pdbx_audit_revision_history.minor_revision 
_pdbx_audit_revision_history.revision_date 
1 'Structure model' 1 0 2013-03-27 
2 'Structure model' 1 1 2013-08-07 
3 'Structure model' 1 2 2024-02-28 
# 
_pdbx_audit_revision_details.ordinal             1 
_pdbx_audit_revision_details.revision_ordinal    1 
_pdbx_audit_revision_details.data_content_type   'Structure model' 
_pdbx_audit_revision_details.provider            repository 
_pdbx_audit_revision_details.type                'Initial release' 
_pdbx_audit_revision_details.description         ? 
_pdbx_audit_revision_details.details             ? 
# 
loop_
_pdbx_audit_revision_group.ordinal 
_pdbx_audit_revision_group.revision_ordinal 
_pdbx_audit_revision_group.data_content_type 
_pdbx_audit_revision_group.group 
1 2 'Structure model' 'Database references'  
2 3 'Structure model' 'Data collection'      
3 3 'Structure model' 'Database references'  
4 3 'Structure model' 'Derived calculations' 
# 
loop_
_pdbx_audit_revision_category.ordinal 
_pdbx_audit_revision_category.revision_ordinal 
_pdbx_audit_revision_category.data_content_type 
_pdbx_audit_revision_category.category 
1 3 'Structure model' chem_comp_atom     
2 3 'Structure model' chem_comp_bond     
3 3 'Structure model' database_2         
4 3 'Structure model' struct_ref_seq_dif 
5 3 'Structure model' struct_site        
# 
loop_
_pdbx_audit_revision_item.ordinal 
_pdbx_audit_revision_item.revision_ordinal 
_pdbx_audit_revision_item.data_content_type 
_pdbx_audit_revision_item.item 
1 3 'Structure model' '_database_2.pdbx_DOI'                
2 3 'Structure model' '_database_2.pdbx_database_accession' 
3 3 'Structure model' '_struct_ref_seq_dif.details'         
4 3 'Structure model' '_struct_site.pdbx_auth_asym_id'      
5 3 'Structure model' '_struct_site.pdbx_auth_comp_id'      
6 3 'Structure model' '_struct_site.pdbx_auth_seq_id'       
# 
_pdbx_database_status.status_code                     REL 
_pdbx_database_status.entry_id                        4DW6 
_pdbx_database_status.recvd_initial_deposition_date   2012-02-24 
_pdbx_database_status.deposit_site                    RCSB 
_pdbx_database_status.process_site                    RCSB 
_pdbx_database_status.status_code_sf                  REL 
_pdbx_database_status.status_code_mr                  ? 
_pdbx_database_status.SG_entry                        ? 
_pdbx_database_status.status_code_cs                  ? 
_pdbx_database_status.methods_development_category    ? 
_pdbx_database_status.pdb_format_compatible           Y 
_pdbx_database_status.status_code_nmr_data            ? 
# 
loop_
_audit_author.name 
_audit_author.pdbx_ordinal 
'Flipo, M.'         1  
'Willand, N.'       2  
'Lecat-Guillet, N.' 3  
'Hounsou, C.'       4  
'Desroses, M.'      5  
'Leroux, F.'        6  
'Lens, Z.'          7  
'Villeret, V.'      8  
'Wohlkonig, A.'     9  
'Wintjens, R.'      10 
'Christophe, T.'    11 
'Jeon, H.K.'        12 
'Locht, C.'         13 
'Brodin, P.'        14 
'Baulard, A.R.'     15 
'Deprez, B.'        16 
# 
_citation.id                        primary 
_citation.title                     
;Discovery of novel N-phenylphenoxyacetamide derivatives as EthR inhibitors and ethionamide boosters by combining high-throughput screening and synthesis.
;
_citation.journal_abbrev            J.Med.Chem. 
_citation.journal_volume            55 
_citation.page_first                6391 
_citation.page_last                 6402 
_citation.year                      2012 
_citation.journal_id_ASTM           JMCMAR 
_citation.country                   US 
_citation.journal_id_ISSN           0022-2623 
_citation.journal_id_CSD            0151 
_citation.book_publisher            ? 
_citation.pdbx_database_id_PubMed   22738293 
_citation.pdbx_database_id_DOI      10.1021/jm300377g 
# 
loop_
_citation_author.citation_id 
_citation_author.name 
_citation_author.ordinal 
_citation_author.identifier_ORCID 
primary 'Flipo, M.'         1  ? 
primary 'Willand, N.'       2  ? 
primary 'Lecat-Guillet, N.' 3  ? 
primary 'Hounsou, C.'       4  ? 
primary 'Desroses, M.'      5  ? 
primary 'Leroux, F.'        6  ? 
primary 'Lens, Z.'          7  ? 
primary 'Villeret, V.'      8  ? 
primary 'Wohlkonig, A.'     9  ? 
primary 'Wintjens, R.'      10 ? 
primary 'Christophe, T.'    11 ? 
primary 'Kyoung Jeon, H.'   12 ? 
primary 'Locht, C.'         13 ? 
primary 'Brodin, P.'        14 ? 
primary 'Baulard, A.R.'     15 ? 
primary 'Deprez, B.'        16 ? 
# 
loop_
_entity.id 
_entity.type 
_entity.src_method 
_entity.pdbx_description 
_entity.formula_weight 
_entity.pdbx_number_of_molecules 
_entity.pdbx_ec 
_entity.pdbx_mutation 
_entity.pdbx_fragment 
_entity.details 
1 polymer     man 'HTH-type transcriptional regulator EthR'                           25953.076 1  ? ? ? ? 
2 non-polymer syn 'N-[4-(1,3-benzothiazol-2-yl)phenyl]-2-(3-methoxyphenoxy)acetamide' 390.455   1  ? ? ? ? 
3 non-polymer syn 'AMMONIUM ION'                                                      18.038    1  ? ? ? ? 
4 non-polymer syn GLYCEROL                                                            92.094    3  ? ? ? ? 
5 water       nat water                                                               18.015    48 ? ? ? ? 
# 
_entity_poly.entity_id                      1 
_entity_poly.type                           'polypeptide(L)' 
_entity_poly.nstd_linkage                   no 
_entity_poly.nstd_monomer                   no 
_entity_poly.pdbx_seq_one_letter_code       
;MGSSHHHHHHSSGLVPRGSHMTTSAASQASLPRGRRTARPSGDDRELAILATAENLLEDRPLADISVDDLAKGAGISRPT
FYFYFPSKEAVLLTLLDRVVNQADMALQTLAENPADTDRENMWRTGINVFFETFGSHKAVTRAGQAARATSVEVAELWST
FMQKWIAYTAAVIDAERDRGAAPRTLPAHELATALNLMNERTLFASFAGEQPSVPEARVLDTLVHIWVTSIYGENR
;
_entity_poly.pdbx_seq_one_letter_code_can   
;MGSSHHHHHHSSGLVPRGSHMTTSAASQASLPRGRRTARPSGDDRELAILATAENLLEDRPLADISVDDLAKGAGISRPT
FYFYFPSKEAVLLTLLDRVVNQADMALQTLAENPADTDRENMWRTGINVFFETFGSHKAVTRAGQAARATSVEVAELWST
FMQKWIAYTAAVIDAERDRGAAPRTLPAHELATALNLMNERTLFASFAGEQPSVPEARVLDTLVHIWVTSIYGENR
;
_entity_poly.pdbx_strand_id                 A 
_entity_poly.pdbx_target_identifier         ? 
# 
loop_
_pdbx_entity_nonpoly.entity_id 
_pdbx_entity_nonpoly.name 
_pdbx_entity_nonpoly.comp_id 
2 'N-[4-(1,3-benzothiazol-2-yl)phenyl]-2-(3-methoxyphenoxy)acetamide' 0MN 
3 'AMMONIUM ION'                                                      NH4 
4 GLYCEROL                                                            GOL 
5 water                                                               HOH 
# 
loop_
_entity_poly_seq.entity_id 
_entity_poly_seq.num 
_entity_poly_seq.mon_id 
_entity_poly_seq.hetero 
1 1   MET n 
1 2   GLY n 
1 3   SER n 
1 4   SER n 
1 5   HIS n 
1 6   HIS n 
1 7   HIS n 
1 8   HIS n 
1 9   HIS n 
1 10  HIS n 
1 11  SER n 
1 12  SER n 
1 13  GLY n 
1 14  LEU n 
1 15  VAL n 
1 16  PRO n 
1 17  ARG n 
1 18  GLY n 
1 19  SER n 
1 20  HIS n 
1 21  MET n 
1 22  THR n 
1 23  THR n 
1 24  SER n 
1 25  ALA n 
1 26  ALA n 
1 27  SER n 
1 28  GLN n 
1 29  ALA n 
1 30  SER n 
1 31  LEU n 
1 32  PRO n 
1 33  ARG n 
1 34  GLY n 
1 35  ARG n 
1 36  ARG n 
1 37  THR n 
1 38  ALA n 
1 39  ARG n 
1 40  PRO n 
1 41  SER n 
1 42  GLY n 
1 43  ASP n 
1 44  ASP n 
1 45  ARG n 
1 46  GLU n 
1 47  LEU n 
1 48  ALA n 
1 49  ILE n 
1 50  LEU n 
1 51  ALA n 
1 52  THR n 
1 53  ALA n 
1 54  GLU n 
1 55  ASN n 
1 56  LEU n 
1 57  LEU n 
1 58  GLU n 
1 59  ASP n 
1 60  ARG n 
1 61  PRO n 
1 62  LEU n 
1 63  ALA n 
1 64  ASP n 
1 65  ILE n 
1 66  SER n 
1 67  VAL n 
1 68  ASP n 
1 69  ASP n 
1 70  LEU n 
1 71  ALA n 
1 72  LYS n 
1 73  GLY n 
1 74  ALA n 
1 75  GLY n 
1 76  ILE n 
1 77  SER n 
1 78  ARG n 
1 79  PRO n 
1 80  THR n 
1 81  PHE n 
1 82  TYR n 
1 83  PHE n 
1 84  TYR n 
1 85  PHE n 
1 86  PRO n 
1 87  SER n 
1 88  LYS n 
1 89  GLU n 
1 90  ALA n 
1 91  VAL n 
1 92  LEU n 
1 93  LEU n 
1 94  THR n 
1 95  LEU n 
1 96  LEU n 
1 97  ASP n 
1 98  ARG n 
1 99  VAL n 
1 100 VAL n 
1 101 ASN n 
1 102 GLN n 
1 103 ALA n 
1 104 ASP n 
1 105 MET n 
1 106 ALA n 
1 107 LEU n 
1 108 GLN n 
1 109 THR n 
1 110 LEU n 
1 111 ALA n 
1 112 GLU n 
1 113 ASN n 
1 114 PRO n 
1 115 ALA n 
1 116 ASP n 
1 117 THR n 
1 118 ASP n 
1 119 ARG n 
1 120 GLU n 
1 121 ASN n 
1 122 MET n 
1 123 TRP n 
1 124 ARG n 
1 125 THR n 
1 126 GLY n 
1 127 ILE n 
1 128 ASN n 
1 129 VAL n 
1 130 PHE n 
1 131 PHE n 
1 132 GLU n 
1 133 THR n 
1 134 PHE n 
1 135 GLY n 
1 136 SER n 
1 137 HIS n 
1 138 LYS n 
1 139 ALA n 
1 140 VAL n 
1 141 THR n 
1 142 ARG n 
1 143 ALA n 
1 144 GLY n 
1 145 GLN n 
1 146 ALA n 
1 147 ALA n 
1 148 ARG n 
1 149 ALA n 
1 150 THR n 
1 151 SER n 
1 152 VAL n 
1 153 GLU n 
1 154 VAL n 
1 155 ALA n 
1 156 GLU n 
1 157 LEU n 
1 158 TRP n 
1 159 SER n 
1 160 THR n 
1 161 PHE n 
1 162 MET n 
1 163 GLN n 
1 164 LYS n 
1 165 TRP n 
1 166 ILE n 
1 167 ALA n 
1 168 TYR n 
1 169 THR n 
1 170 ALA n 
1 171 ALA n 
1 172 VAL n 
1 173 ILE n 
1 174 ASP n 
1 175 ALA n 
1 176 GLU n 
1 177 ARG n 
1 178 ASP n 
1 179 ARG n 
1 180 GLY n 
1 181 ALA n 
1 182 ALA n 
1 183 PRO n 
1 184 ARG n 
1 185 THR n 
1 186 LEU n 
1 187 PRO n 
1 188 ALA n 
1 189 HIS n 
1 190 GLU n 
1 191 LEU n 
1 192 ALA n 
1 193 THR n 
1 194 ALA n 
1 195 LEU n 
1 196 ASN n 
1 197 LEU n 
1 198 MET n 
1 199 ASN n 
1 200 GLU n 
1 201 ARG n 
1 202 THR n 
1 203 LEU n 
1 204 PHE n 
1 205 ALA n 
1 206 SER n 
1 207 PHE n 
1 208 ALA n 
1 209 GLY n 
1 210 GLU n 
1 211 GLN n 
1 212 PRO n 
1 213 SER n 
1 214 VAL n 
1 215 PRO n 
1 216 GLU n 
1 217 ALA n 
1 218 ARG n 
1 219 VAL n 
1 220 LEU n 
1 221 ASP n 
1 222 THR n 
1 223 LEU n 
1 224 VAL n 
1 225 HIS n 
1 226 ILE n 
1 227 TRP n 
1 228 VAL n 
1 229 THR n 
1 230 SER n 
1 231 ILE n 
1 232 TYR n 
1 233 GLY n 
1 234 GLU n 
1 235 ASN n 
1 236 ARG n 
# 
_entity_src_gen.entity_id                          1 
_entity_src_gen.pdbx_src_id                        1 
_entity_src_gen.pdbx_alt_source_flag               sample 
_entity_src_gen.pdbx_seq_type                      ? 
_entity_src_gen.pdbx_beg_seq_num                   ? 
_entity_src_gen.pdbx_end_seq_num                   ? 
_entity_src_gen.gene_src_common_name               ? 
_entity_src_gen.gene_src_genus                     ? 
_entity_src_gen.pdbx_gene_src_gene                 'etaR, ethR, MT3970, Rv3855' 
_entity_src_gen.gene_src_species                   ? 
_entity_src_gen.gene_src_strain                    H37RV 
_entity_src_gen.gene_src_tissue                    ? 
_entity_src_gen.gene_src_tissue_fraction           ? 
_entity_src_gen.gene_src_details                   ? 
_entity_src_gen.pdbx_gene_src_fragment             ? 
_entity_src_gen.pdbx_gene_src_scientific_name      'Mycobacterium tuberculosis' 
_entity_src_gen.pdbx_gene_src_ncbi_taxonomy_id     1773 
_entity_src_gen.pdbx_gene_src_variant              ? 
_entity_src_gen.pdbx_gene_src_cell_line            ? 
_entity_src_gen.pdbx_gene_src_atcc                 ? 
_entity_src_gen.pdbx_gene_src_organ                ? 
_entity_src_gen.pdbx_gene_src_organelle            ? 
_entity_src_gen.pdbx_gene_src_cell                 ? 
_entity_src_gen.pdbx_gene_src_cellular_location    ? 
_entity_src_gen.host_org_common_name               ? 
_entity_src_gen.pdbx_host_org_scientific_name      'Escherichia coli' 
_entity_src_gen.pdbx_host_org_ncbi_taxonomy_id     562 
_entity_src_gen.host_org_genus                     ? 
_entity_src_gen.pdbx_host_org_gene                 ? 
_entity_src_gen.pdbx_host_org_organ                ? 
_entity_src_gen.host_org_species                   ? 
_entity_src_gen.pdbx_host_org_tissue               ? 
_entity_src_gen.pdbx_host_org_tissue_fraction      ? 
_entity_src_gen.pdbx_host_org_strain               ? 
_entity_src_gen.pdbx_host_org_variant              ? 
_entity_src_gen.pdbx_host_org_cell_line            ? 
_entity_src_gen.pdbx_host_org_atcc                 ? 
_entity_src_gen.pdbx_host_org_culture_collection   ? 
_entity_src_gen.pdbx_host_org_cell                 ? 
_entity_src_gen.pdbx_host_org_organelle            ? 
_entity_src_gen.pdbx_host_org_cellular_location    ? 
_entity_src_gen.pdbx_host_org_vector_type          ? 
_entity_src_gen.pdbx_host_org_vector               ? 
_entity_src_gen.host_org_details                   ? 
_entity_src_gen.expression_system_id               ? 
_entity_src_gen.plasmid_name                       ? 
_entity_src_gen.plasmid_details                    ? 
_entity_src_gen.pdbx_description                   ? 
# 
loop_
_chem_comp.id 
_chem_comp.type 
_chem_comp.mon_nstd_flag 
_chem_comp.name 
_chem_comp.pdbx_synonyms 
_chem_comp.formula 
_chem_comp.formula_weight 
0MN non-polymer         . 'N-[4-(1,3-benzothiazol-2-yl)phenyl]-2-(3-methoxyphenoxy)acetamide' ?                               
'C22 H18 N2 O3 S' 390.455 
ALA 'L-peptide linking' y ALANINE                                                             ?                               
'C3 H7 N O2'      89.093  
ARG 'L-peptide linking' y ARGININE                                                            ?                               
'C6 H15 N4 O2 1'  175.209 
ASN 'L-peptide linking' y ASPARAGINE                                                          ?                               
'C4 H8 N2 O3'     132.118 
ASP 'L-peptide linking' y 'ASPARTIC ACID'                                                     ?                               
'C4 H7 N O4'      133.103 
GLN 'L-peptide linking' y GLUTAMINE                                                           ?                               
'C5 H10 N2 O3'    146.144 
GLU 'L-peptide linking' y 'GLUTAMIC ACID'                                                     ?                               
'C5 H9 N O4'      147.129 
GLY 'peptide linking'   y GLYCINE                                                             ?                               
'C2 H5 N O2'      75.067  
GOL non-polymer         . GLYCEROL                                                            'GLYCERIN; PROPANE-1,2,3-TRIOL' 
'C3 H8 O3'        92.094  
HIS 'L-peptide linking' y HISTIDINE                                                           ?                               
'C6 H10 N3 O2 1'  156.162 
HOH non-polymer         . WATER                                                               ?                               
'H2 O'            18.015  
ILE 'L-peptide linking' y ISOLEUCINE                                                          ?                               
'C6 H13 N O2'     131.173 
LEU 'L-peptide linking' y LEUCINE                                                             ?                               
'C6 H13 N O2'     131.173 
LYS 'L-peptide linking' y LYSINE                                                              ?                               
'C6 H15 N2 O2 1'  147.195 
MET 'L-peptide linking' y METHIONINE                                                          ?                               
'C5 H11 N O2 S'   149.211 
NH4 non-polymer         . 'AMMONIUM ION'                                                      ?                               
'H4 N 1'          18.038  
PHE 'L-peptide linking' y PHENYLALANINE                                                       ?                               
'C9 H11 N O2'     165.189 
PRO 'L-peptide linking' y PROLINE                                                             ?                               
'C5 H9 N O2'      115.130 
SER 'L-peptide linking' y SERINE                                                              ?                               
'C3 H7 N O3'      105.093 
THR 'L-peptide linking' y THREONINE                                                           ?                               
'C4 H9 N O3'      119.119 
TRP 'L-peptide linking' y TRYPTOPHAN                                                          ?                               
'C11 H12 N2 O2'   204.225 
TYR 'L-peptide linking' y TYROSINE                                                            ?                               
'C9 H11 N O3'     181.189 
VAL 'L-peptide linking' y VALINE                                                              ?                               
'C5 H11 N O2'     117.146 
# 
loop_
_pdbx_poly_seq_scheme.asym_id 
_pdbx_poly_seq_scheme.entity_id 
_pdbx_poly_seq_scheme.seq_id 
_pdbx_poly_seq_scheme.mon_id 
_pdbx_poly_seq_scheme.ndb_seq_num 
_pdbx_poly_seq_scheme.pdb_seq_num 
_pdbx_poly_seq_scheme.auth_seq_num 
_pdbx_poly_seq_scheme.pdb_mon_id 
_pdbx_poly_seq_scheme.auth_mon_id 
_pdbx_poly_seq_scheme.pdb_strand_id 
_pdbx_poly_seq_scheme.pdb_ins_code 
_pdbx_poly_seq_scheme.hetero 
A 1 1   MET 1   -19 ?   ?   ?   A . n 
A 1 2   GLY 2   -18 ?   ?   ?   A . n 
A 1 3   SER 3   -17 ?   ?   ?   A . n 
A 1 4   SER 4   -16 ?   ?   ?   A . n 
A 1 5   HIS 5   -15 ?   ?   ?   A . n 
A 1 6   HIS 6   -14 ?   ?   ?   A . n 
A 1 7   HIS 7   -13 ?   ?   ?   A . n 
A 1 8   HIS 8   -12 ?   ?   ?   A . n 
A 1 9   HIS 9   -11 ?   ?   ?   A . n 
A 1 10  HIS 10  -10 ?   ?   ?   A . n 
A 1 11  SER 11  -9  ?   ?   ?   A . n 
A 1 12  SER 12  -8  ?   ?   ?   A . n 
A 1 13  GLY 13  -7  ?   ?   ?   A . n 
A 1 14  LEU 14  -6  ?   ?   ?   A . n 
A 1 15  VAL 15  -5  ?   ?   ?   A . n 
A 1 16  PRO 16  -4  ?   ?   ?   A . n 
A 1 17  ARG 17  -3  ?   ?   ?   A . n 
A 1 18  GLY 18  -2  ?   ?   ?   A . n 
A 1 19  SER 19  -1  ?   ?   ?   A . n 
A 1 20  HIS 20  0   ?   ?   ?   A . n 
A 1 21  MET 21  1   ?   ?   ?   A . n 
A 1 22  THR 22  2   ?   ?   ?   A . n 
A 1 23  THR 23  3   ?   ?   ?   A . n 
A 1 24  SER 24  4   ?   ?   ?   A . n 
A 1 25  ALA 25  5   ?   ?   ?   A . n 
A 1 26  ALA 26  6   ?   ?   ?   A . n 
A 1 27  SER 27  7   ?   ?   ?   A . n 
A 1 28  GLN 28  8   ?   ?   ?   A . n 
A 1 29  ALA 29  9   ?   ?   ?   A . n 
A 1 30  SER 30  10  ?   ?   ?   A . n 
A 1 31  LEU 31  11  ?   ?   ?   A . n 
A 1 32  PRO 32  12  ?   ?   ?   A . n 
A 1 33  ARG 33  13  ?   ?   ?   A . n 
A 1 34  GLY 34  14  ?   ?   ?   A . n 
A 1 35  ARG 35  15  ?   ?   ?   A . n 
A 1 36  ARG 36  16  ?   ?   ?   A . n 
A 1 37  THR 37  17  ?   ?   ?   A . n 
A 1 38  ALA 38  18  ?   ?   ?   A . n 
A 1 39  ARG 39  19  ?   ?   ?   A . n 
A 1 40  PRO 40  20  ?   ?   ?   A . n 
A 1 41  SER 41  21  ?   ?   ?   A . n 
A 1 42  GLY 42  22  ?   ?   ?   A . n 
A 1 43  ASP 43  23  ?   ?   ?   A . n 
A 1 44  ASP 44  24  24  ASP ASP A . n 
A 1 45  ARG 45  25  25  ARG ARG A . n 
A 1 46  GLU 46  26  26  GLU GLU A . n 
A 1 47  LEU 47  27  27  LEU LEU A . n 
A 1 48  ALA 48  28  28  ALA ALA A . n 
A 1 49  ILE 49  29  29  ILE ILE A . n 
A 1 50  LEU 50  30  30  LEU LEU A . n 
A 1 51  ALA 51  31  31  ALA ALA A . n 
A 1 52  THR 52  32  32  THR THR A . n 
A 1 53  ALA 53  33  33  ALA ALA A . n 
A 1 54  GLU 54  34  34  GLU GLU A . n 
A 1 55  ASN 55  35  35  ASN ASN A . n 
A 1 56  LEU 56  36  36  LEU LEU A . n 
A 1 57  LEU 57  37  37  LEU LEU A . n 
A 1 58  GLU 58  38  38  GLU GLU A . n 
A 1 59  ASP 59  39  39  ASP ASP A . n 
A 1 60  ARG 60  40  40  ARG ARG A . n 
A 1 61  PRO 61  41  41  PRO PRO A . n 
A 1 62  LEU 62  42  42  LEU LEU A . n 
A 1 63  ALA 63  43  43  ALA ALA A . n 
A 1 64  ASP 64  44  44  ASP ASP A . n 
A 1 65  ILE 65  45  45  ILE ILE A . n 
A 1 66  SER 66  46  46  SER SER A . n 
A 1 67  VAL 67  47  47  VAL VAL A . n 
A 1 68  ASP 68  48  48  ASP ASP A . n 
A 1 69  ASP 69  49  49  ASP ASP A . n 
A 1 70  LEU 70  50  50  LEU LEU A . n 
A 1 71  ALA 71  51  51  ALA ALA A . n 
A 1 72  LYS 72  52  52  LYS LYS A . n 
A 1 73  GLY 73  53  53  GLY GLY A . n 
A 1 74  ALA 74  54  54  ALA ALA A . n 
A 1 75  GLY 75  55  55  GLY GLY A . n 
A 1 76  ILE 76  56  56  ILE ILE A . n 
A 1 77  SER 77  57  57  SER SER A . n 
A 1 78  ARG 78  58  58  ARG ARG A . n 
A 1 79  PRO 79  59  59  PRO PRO A . n 
A 1 80  THR 80  60  60  THR THR A . n 
A 1 81  PHE 81  61  61  PHE PHE A . n 
A 1 82  TYR 82  62  62  TYR TYR A . n 
A 1 83  PHE 83  63  63  PHE PHE A . n 
A 1 84  TYR 84  64  64  TYR TYR A . n 
A 1 85  PHE 85  65  65  PHE PHE A . n 
A 1 86  PRO 86  66  66  PRO PRO A . n 
A 1 87  SER 87  67  67  SER SER A . n 
A 1 88  LYS 88  68  68  LYS LYS A . n 
A 1 89  GLU 89  69  69  GLU GLU A . n 
A 1 90  ALA 90  70  70  ALA ALA A . n 
A 1 91  VAL 91  71  71  VAL VAL A . n 
A 1 92  LEU 92  72  72  LEU LEU A . n 
A 1 93  LEU 93  73  73  LEU LEU A . n 
A 1 94  THR 94  74  74  THR THR A . n 
A 1 95  LEU 95  75  75  LEU LEU A . n 
A 1 96  LEU 96  76  76  LEU LEU A . n 
A 1 97  ASP 97  77  77  ASP ASP A . n 
A 1 98  ARG 98  78  78  ARG ARG A . n 
A 1 99  VAL 99  79  79  VAL VAL A . n 
A 1 100 VAL 100 80  80  VAL VAL A . n 
A 1 101 ASN 101 81  81  ASN ASN A . n 
A 1 102 GLN 102 82  82  GLN GLN A . n 
A 1 103 ALA 103 83  83  ALA ALA A . n 
A 1 104 ASP 104 84  84  ASP ASP A . n 
A 1 105 MET 105 85  85  MET MET A . n 
A 1 106 ALA 106 86  86  ALA ALA A . n 
A 1 107 LEU 107 87  87  LEU LEU A . n 
A 1 108 GLN 108 88  88  GLN GLN A . n 
A 1 109 THR 109 89  89  THR THR A . n 
A 1 110 LEU 110 90  90  LEU LEU A . n 
A 1 111 ALA 111 91  91  ALA ALA A . n 
A 1 112 GLU 112 92  92  GLU GLU A . n 
A 1 113 ASN 113 93  93  ASN ASN A . n 
A 1 114 PRO 114 94  ?   ?   ?   A . n 
A 1 115 ALA 115 95  ?   ?   ?   A . n 
A 1 116 ASP 116 96  ?   ?   ?   A . n 
A 1 117 THR 117 97  97  THR THR A . n 
A 1 118 ASP 118 98  98  ASP ASP A . n 
A 1 119 ARG 119 99  99  ARG ARG A . n 
A 1 120 GLU 120 100 100 GLU GLU A . n 
A 1 121 ASN 121 101 101 ASN ASN A . n 
A 1 122 MET 122 102 102 MET MET A . n 
A 1 123 TRP 123 103 103 TRP TRP A . n 
A 1 124 ARG 124 104 104 ARG ARG A . n 
A 1 125 THR 125 105 105 THR THR A . n 
A 1 126 GLY 126 106 106 GLY GLY A . n 
A 1 127 ILE 127 107 107 ILE ILE A . n 
A 1 128 ASN 128 108 108 ASN ASN A . n 
A 1 129 VAL 129 109 109 VAL VAL A . n 
A 1 130 PHE 130 110 110 PHE PHE A . n 
A 1 131 PHE 131 111 111 PHE PHE A . n 
A 1 132 GLU 132 112 112 GLU GLU A . n 
A 1 133 THR 133 113 113 THR THR A . n 
A 1 134 PHE 134 114 114 PHE PHE A . n 
A 1 135 GLY 135 115 115 GLY GLY A . n 
A 1 136 SER 136 116 116 SER SER A . n 
A 1 137 HIS 137 117 117 HIS HIS A . n 
A 1 138 LYS 138 118 118 LYS LYS A . n 
A 1 139 ALA 139 119 119 ALA ALA A . n 
A 1 140 VAL 140 120 120 VAL VAL A . n 
A 1 141 THR 141 121 121 THR THR A . n 
A 1 142 ARG 142 122 122 ARG ARG A . n 
A 1 143 ALA 143 123 123 ALA ALA A . n 
A 1 144 GLY 144 124 124 GLY GLY A . n 
A 1 145 GLN 145 125 125 GLN GLN A . n 
A 1 146 ALA 146 126 126 ALA ALA A . n 
A 1 147 ALA 147 127 127 ALA ALA A . n 
A 1 148 ARG 148 128 128 ARG ARG A . n 
A 1 149 ALA 149 129 129 ALA ALA A . n 
A 1 150 THR 150 130 130 THR THR A . n 
A 1 151 SER 151 131 131 SER SER A . n 
A 1 152 VAL 152 132 132 VAL VAL A . n 
A 1 153 GLU 153 133 133 GLU GLU A . n 
A 1 154 VAL 154 134 134 VAL VAL A . n 
A 1 155 ALA 155 135 135 ALA ALA A . n 
A 1 156 GLU 156 136 136 GLU GLU A . n 
A 1 157 LEU 157 137 137 LEU LEU A . n 
A 1 158 TRP 158 138 138 TRP TRP A . n 
A 1 159 SER 159 139 139 SER SER A . n 
A 1 160 THR 160 140 140 THR THR A . n 
A 1 161 PHE 161 141 141 PHE PHE A . n 
A 1 162 MET 162 142 142 MET MET A . n 
A 1 163 GLN 163 143 143 GLN GLN A . n 
A 1 164 LYS 164 144 144 LYS LYS A . n 
A 1 165 TRP 165 145 145 TRP TRP A . n 
A 1 166 ILE 166 146 146 ILE ILE A . n 
A 1 167 ALA 167 147 147 ALA ALA A . n 
A 1 168 TYR 168 148 148 TYR TYR A . n 
A 1 169 THR 169 149 149 THR THR A . n 
A 1 170 ALA 170 150 150 ALA ALA A . n 
A 1 171 ALA 171 151 151 ALA ALA A . n 
A 1 172 VAL 172 152 152 VAL VAL A . n 
A 1 173 ILE 173 153 153 ILE ILE A . n 
A 1 174 ASP 174 154 154 ASP ASP A . n 
A 1 175 ALA 175 155 155 ALA ALA A . n 
A 1 176 GLU 176 156 156 GLU GLU A . n 
A 1 177 ARG 177 157 157 ARG ARG A . n 
A 1 178 ASP 178 158 158 ASP ASP A . n 
A 1 179 ARG 179 159 159 ARG ARG A . n 
A 1 180 GLY 180 160 160 GLY GLY A . n 
A 1 181 ALA 181 161 161 ALA ALA A . n 
A 1 182 ALA 182 162 162 ALA ALA A . n 
A 1 183 PRO 183 163 163 PRO PRO A . n 
A 1 184 ARG 184 164 164 ARG ARG A . n 
A 1 185 THR 185 165 165 THR THR A . n 
A 1 186 LEU 186 166 166 LEU LEU A . n 
A 1 187 PRO 187 167 167 PRO PRO A . n 
A 1 188 ALA 188 168 168 ALA ALA A . n 
A 1 189 HIS 189 169 169 HIS HIS A . n 
A 1 190 GLU 190 170 170 GLU GLU A . n 
A 1 191 LEU 191 171 171 LEU LEU A . n 
A 1 192 ALA 192 172 172 ALA ALA A . n 
A 1 193 THR 193 173 173 THR THR A . n 
A 1 194 ALA 194 174 174 ALA ALA A . n 
A 1 195 LEU 195 175 175 LEU LEU A . n 
A 1 196 ASN 196 176 176 ASN ASN A . n 
A 1 197 LEU 197 177 177 LEU LEU A . n 
A 1 198 MET 198 178 178 MET MET A . n 
A 1 199 ASN 199 179 179 ASN ASN A . n 
A 1 200 GLU 200 180 180 GLU GLU A . n 
A 1 201 ARG 201 181 181 ARG ARG A . n 
A 1 202 THR 202 182 182 THR THR A . n 
A 1 203 LEU 203 183 183 LEU LEU A . n 
A 1 204 PHE 204 184 184 PHE PHE A . n 
A 1 205 ALA 205 185 185 ALA ALA A . n 
A 1 206 SER 206 186 186 SER SER A . n 
A 1 207 PHE 207 187 187 PHE PHE A . n 
A 1 208 ALA 208 188 188 ALA ALA A . n 
A 1 209 GLY 209 189 189 GLY GLY A . n 
A 1 210 GLU 210 190 190 GLU GLU A . n 
A 1 211 GLN 211 191 191 GLN GLN A . n 
A 1 212 PRO 212 192 192 PRO PRO A . n 
A 1 213 SER 213 193 193 SER SER A . n 
A 1 214 VAL 214 194 194 VAL VAL A . n 
A 1 215 PRO 215 195 195 PRO PRO A . n 
A 1 216 GLU 216 196 196 GLU GLU A . n 
A 1 217 ALA 217 197 197 ALA ALA A . n 
A 1 218 ARG 218 198 198 ARG ARG A . n 
A 1 219 VAL 219 199 199 VAL VAL A . n 
A 1 220 LEU 220 200 200 LEU LEU A . n 
A 1 221 ASP 221 201 201 ASP ASP A . n 
A 1 222 THR 222 202 202 THR THR A . n 
A 1 223 LEU 223 203 203 LEU LEU A . n 
A 1 224 VAL 224 204 204 VAL VAL A . n 
A 1 225 HIS 225 205 205 HIS HIS A . n 
A 1 226 ILE 226 206 206 ILE ILE A . n 
A 1 227 TRP 227 207 207 TRP TRP A . n 
A 1 228 VAL 228 208 208 VAL VAL A . n 
A 1 229 THR 229 209 209 THR THR A . n 
A 1 230 SER 230 210 210 SER SER A . n 
A 1 231 ILE 231 211 211 ILE ILE A . n 
A 1 232 TYR 232 212 212 TYR TYR A . n 
A 1 233 GLY 233 213 213 GLY GLY A . n 
A 1 234 GLU 234 214 214 GLU GLU A . n 
A 1 235 ASN 235 215 ?   ?   ?   A . n 
A 1 236 ARG 236 216 ?   ?   ?   A . n 
# 
loop_
_pdbx_nonpoly_scheme.asym_id 
_pdbx_nonpoly_scheme.entity_id 
_pdbx_nonpoly_scheme.mon_id 
_pdbx_nonpoly_scheme.ndb_seq_num 
_pdbx_nonpoly_scheme.pdb_seq_num 
_pdbx_nonpoly_scheme.auth_seq_num 
_pdbx_nonpoly_scheme.pdb_mon_id 
_pdbx_nonpoly_scheme.auth_mon_id 
_pdbx_nonpoly_scheme.pdb_strand_id 
_pdbx_nonpoly_scheme.pdb_ins_code 
B 2 0MN 1  301 1  0MN D4  A . 
C 3 NH4 1  302 1  NH4 NH4 A . 
D 4 GOL 1  303 1  GOL GOL A . 
E 4 GOL 1  304 2  GOL GOL A . 
F 4 GOL 1  305 3  GOL GOL A . 
G 5 HOH 1  401 1  HOH HOH A . 
G 5 HOH 2  402 2  HOH HOH A . 
G 5 HOH 3  403 3  HOH HOH A . 
G 5 HOH 4  404 4  HOH HOH A . 
G 5 HOH 5  405 5  HOH HOH A . 
G 5 HOH 6  406 6  HOH HOH A . 
G 5 HOH 7  407 7  HOH HOH A . 
G 5 HOH 8  408 8  HOH HOH A . 
G 5 HOH 9  409 9  HOH HOH A . 
G 5 HOH 10 410 10 HOH HOH A . 
G 5 HOH 11 411 11 HOH HOH A . 
G 5 HOH 12 412 12 HOH HOH A . 
G 5 HOH 13 413 13 HOH HOH A . 
G 5 HOH 14 414 14 HOH HOH A . 
G 5 HOH 15 415 15 HOH HOH A . 
G 5 HOH 16 416 16 HOH HOH A . 
G 5 HOH 17 417 18 HOH HOH A . 
G 5 HOH 18 418 19 HOH HOH A . 
G 5 HOH 19 419 20 HOH HOH A . 
G 5 HOH 20 420 21 HOH HOH A . 
G 5 HOH 21 421 22 HOH HOH A . 
G 5 HOH 22 422 23 HOH HOH A . 
G 5 HOH 23 423 24 HOH HOH A . 
G 5 HOH 24 424 25 HOH HOH A . 
G 5 HOH 25 425 26 HOH HOH A . 
G 5 HOH 26 426 27 HOH HOH A . 
G 5 HOH 27 427 28 HOH HOH A . 
G 5 HOH 28 428 29 HOH HOH A . 
G 5 HOH 29 429 30 HOH HOH A . 
G 5 HOH 30 430 31 HOH HOH A . 
G 5 HOH 31 431 32 HOH HOH A . 
G 5 HOH 32 432 33 HOH HOH A . 
G 5 HOH 33 433 34 HOH HOH A . 
G 5 HOH 34 434 35 HOH HOH A . 
G 5 HOH 35 435 37 HOH HOH A . 
G 5 HOH 36 436 38 HOH HOH A . 
G 5 HOH 37 437 39 HOH HOH A . 
G 5 HOH 38 438 40 HOH HOH A . 
G 5 HOH 39 439 41 HOH HOH A . 
G 5 HOH 40 440 42 HOH HOH A . 
G 5 HOH 41 441 43 HOH HOH A . 
G 5 HOH 42 442 44 HOH HOH A . 
G 5 HOH 43 443 45 HOH HOH A . 
G 5 HOH 44 444 46 HOH HOH A . 
G 5 HOH 45 445 47 HOH HOH A . 
G 5 HOH 46 446 49 HOH HOH A . 
G 5 HOH 47 447 50 HOH HOH A . 
G 5 HOH 48 448 51 HOH HOH A . 
# 
loop_
_software.name 
_software.classification 
_software.version 
_software.citation_id 
_software.pdbx_ordinal 
REFMAC refinement     5.6.0117 ? 1 
SCALA  'data scaling' .        ? 2 
# 
_cell.entry_id           4DW6 
_cell.length_a           121.410 
_cell.length_b           121.410 
_cell.length_c           33.803 
_cell.angle_alpha        90.00 
_cell.angle_beta         90.00 
_cell.angle_gamma        90.00 
_cell.Z_PDB              8 
_cell.pdbx_unique_axis   ? 
_cell.length_a_esd       ? 
_cell.length_b_esd       ? 
_cell.length_c_esd       ? 
_cell.angle_alpha_esd    ? 
_cell.angle_beta_esd     ? 
_cell.angle_gamma_esd    ? 
# 
_symmetry.entry_id                         4DW6 
_symmetry.space_group_name_H-M             'P 41 21 2' 
_symmetry.pdbx_full_space_group_name_H-M   ? 
_symmetry.cell_setting                     ? 
_symmetry.Int_Tables_number                92 
_symmetry.space_group_name_Hall            ? 
# 
_exptl.entry_id          4DW6 
_exptl.method            'X-RAY DIFFRACTION' 
_exptl.crystals_number   ? 
# 
_exptl_crystal.id                    1 
_exptl_crystal.density_meas          ? 
_exptl_crystal.density_Matthews      2.40 
_exptl_crystal.density_percent_sol   48.75 
_exptl_crystal.description           ? 
_exptl_crystal.F_000                 ? 
_exptl_crystal.preparation           ? 
# 
_exptl_crystal_grow.crystal_id      1 
_exptl_crystal_grow.method          'VAPOR DIFFUSION, HANGING DROP' 
_exptl_crystal_grow.temp            293 
_exptl_crystal_grow.temp_details    ? 
_exptl_crystal_grow.pH              6.7 
_exptl_crystal_grow.pdbx_details    
;THE CRYSTALLIZATION BUFFER: 1.4 - 1.65M AMMONIUM SULFATE, 15% GLYCEROL AND 0.1M MES PH 6.7, VAPOR DIFFUSION, HANGING DROP, temperature 293K
;
_exptl_crystal_grow.pdbx_pH_range   ? 
# 
_diffrn.id                     1 
_diffrn.ambient_temp           100 
_diffrn.ambient_temp_details   ? 
_diffrn.crystal_id             1 
# 
_diffrn_detector.diffrn_id              1 
_diffrn_detector.detector               PIXEL 
_diffrn_detector.type                   'PSI PILATUS 6M' 
_diffrn_detector.pdbx_collection_date   2011-12-07 
_diffrn_detector.details                ? 
# 
_diffrn_radiation.diffrn_id                        1 
_diffrn_radiation.wavelength_id                    1 
_diffrn_radiation.pdbx_monochromatic_or_laue_m_l   M 
_diffrn_radiation.monochromator                    ? 
_diffrn_radiation.pdbx_diffrn_protocol             'SINGLE WAVELENGTH' 
_diffrn_radiation.pdbx_scattering_type             x-ray 
# 
_diffrn_radiation_wavelength.id           1 
_diffrn_radiation_wavelength.wavelength   1.0000 
_diffrn_radiation_wavelength.wt           1.0 
# 
_diffrn_source.diffrn_id                   1 
_diffrn_source.source                      SYNCHROTRON 
_diffrn_source.type                        'SLS BEAMLINE X06DA' 
_diffrn_source.pdbx_synchrotron_site       SLS 
_diffrn_source.pdbx_synchrotron_beamline   X06DA 
_diffrn_source.pdbx_wavelength             ? 
_diffrn_source.pdbx_wavelength_list        1.0000 
# 
_reflns.entry_id                     4DW6 
_reflns.observed_criterion_sigma_I   ? 
_reflns.observed_criterion_sigma_F   ? 
_reflns.d_resolution_low             42.92 
_reflns.d_resolution_high            2.00 
_reflns.number_obs                   ? 
_reflns.number_all                   32769 
_reflns.percent_possible_obs         99.7 
_reflns.pdbx_Rmerge_I_obs            ? 
_reflns.pdbx_Rsym_value              ? 
_reflns.pdbx_netI_over_sigmaI        ? 
_reflns.B_iso_Wilson_estimate        ? 
_reflns.pdbx_redundancy              ? 
_reflns.R_free_details               ? 
_reflns.limit_h_max                  ? 
_reflns.limit_h_min                  ? 
_reflns.limit_k_max                  ? 
_reflns.limit_k_min                  ? 
_reflns.limit_l_max                  ? 
_reflns.limit_l_min                  ? 
_reflns.observed_criterion_F_max     ? 
_reflns.observed_criterion_F_min     ? 
_reflns.pdbx_chi_squared             ? 
_reflns.pdbx_scaling_rejects         ? 
_reflns.pdbx_ordinal                 1 
_reflns.pdbx_diffrn_id               1 
# 
_refine.entry_id                                 4DW6 
_refine.ls_number_reflns_obs                     16797 
_refine.ls_number_reflns_all                     17743 
_refine.pdbx_ls_sigma_I                          ? 
_refine.pdbx_ls_sigma_F                          ? 
_refine.pdbx_data_cutoff_high_absF               ? 
_refine.pdbx_data_cutoff_low_absF                ? 
_refine.pdbx_data_cutoff_high_rms_absF           ? 
_refine.ls_d_res_low                             38.39 
_refine.ls_d_res_high                            2.00 
_refine.ls_percent_reflns_obs                    99.88 
_refine.ls_R_factor_obs                          0.18585 
_refine.ls_R_factor_all                          ? 
_refine.ls_R_factor_R_work                       0.18409 
_refine.ls_R_factor_R_free                       0.21906 
_refine.ls_R_factor_R_free_error                 ? 
_refine.ls_R_factor_R_free_error_details         ? 
_refine.ls_percent_reflns_R_free                 5.1 
_refine.ls_number_reflns_R_free                  901 
_refine.ls_number_parameters                     ? 
_refine.ls_number_restraints                     ? 
_refine.occupancy_min                            ? 
_refine.occupancy_max                            ? 
_refine.correlation_coeff_Fo_to_Fc               0.953 
_refine.correlation_coeff_Fo_to_Fc_free          0.938 
_refine.B_iso_mean                               31.015 
_refine.aniso_B[1][1]                            0.00 
_refine.aniso_B[2][2]                            0.00 
_refine.aniso_B[3][3]                            0.00 
_refine.aniso_B[1][2]                            0.00 
_refine.aniso_B[1][3]                            0.00 
_refine.aniso_B[2][3]                            0.00 
_refine.solvent_model_details                    MASK 
_refine.solvent_model_param_ksol                 ? 
_refine.solvent_model_param_bsol                 ? 
_refine.pdbx_solvent_vdw_probe_radii             1.20 
_refine.pdbx_solvent_ion_probe_radii             0.80 
_refine.pdbx_solvent_shrinkage_radii             0.80 
_refine.pdbx_ls_cross_valid_method               THROUGHOUT 
_refine.details                                  'HYDROGENS HAVE BEEN USED IF PRESENT IN THE INPUT' 
_refine.pdbx_starting_model                      ? 
_refine.pdbx_method_to_determine_struct          'MOLECULAR REPLACEMENT' 
_refine.pdbx_isotropic_thermal_model             ? 
_refine.pdbx_stereochemistry_target_values       'MAXIMUM LIKELIHOOD' 
_refine.pdbx_stereochem_target_val_spec_case     ? 
_refine.pdbx_R_Free_selection_details            RANDOM 
_refine.pdbx_overall_ESU_R                       0.144 
_refine.pdbx_overall_ESU_R_Free                  0.136 
_refine.overall_SU_ML                            0.087 
_refine.pdbx_overall_phase_error                 ? 
_refine.overall_SU_B                             3.006 
_refine.overall_SU_R_Cruickshank_DPI             ? 
_refine.ls_redundancy_reflns_obs                 ? 
_refine.B_iso_min                                ? 
_refine.B_iso_max                                ? 
_refine.overall_SU_R_free                        ? 
_refine.ls_wR_factor_R_free                      ? 
_refine.ls_wR_factor_R_work                      ? 
_refine.overall_FOM_free_R_set                   ? 
_refine.overall_FOM_work_R_set                   ? 
_refine.pdbx_diffrn_id                           1 
_refine.pdbx_refine_id                           'X-RAY DIFFRACTION' 
_refine.pdbx_TLS_residual_ADP_flag               ? 
_refine.pdbx_overall_SU_R_free_Cruickshank_DPI   ? 
_refine.pdbx_overall_SU_R_Blow_DPI               ? 
_refine.pdbx_overall_SU_R_free_Blow_DPI          ? 
# 
_refine_hist.pdbx_refine_id                   'X-RAY DIFFRACTION' 
_refine_hist.cycle_id                         LAST 
_refine_hist.pdbx_number_atoms_protein        1470 
_refine_hist.pdbx_number_atoms_nucleic_acid   0 
_refine_hist.pdbx_number_atoms_ligand         47 
_refine_hist.number_atoms_solvent             48 
_refine_hist.number_atoms_total               1565 
_refine_hist.d_res_high                       2.00 
_refine_hist.d_res_low                        38.39 
# 
loop_
_refine_ls_restr.type 
_refine_ls_restr.dev_ideal 
_refine_ls_restr.dev_ideal_target 
_refine_ls_restr.weight 
_refine_ls_restr.number 
_refine_ls_restr.pdbx_restraint_function 
_refine_ls_restr.pdbx_refine_id 
r_bond_refined_d             0.023  0.020  ? 1545 ? 'X-RAY DIFFRACTION' 
r_bond_other_d               ?      ?      ? ?    ? 'X-RAY DIFFRACTION' 
r_angle_refined_deg          2.136  1.974  ? 2098 ? 'X-RAY DIFFRACTION' 
r_angle_other_deg            ?      ?      ? ?    ? 'X-RAY DIFFRACTION' 
r_dihedral_angle_1_deg       6.154  5.000  ? 186  ? 'X-RAY DIFFRACTION' 
r_dihedral_angle_2_deg       35.805 23.521 ? 71   ? 'X-RAY DIFFRACTION' 
r_dihedral_angle_3_deg       16.118 15.000 ? 239  ? 'X-RAY DIFFRACTION' 
r_dihedral_angle_4_deg       21.884 15.000 ? 13   ? 'X-RAY DIFFRACTION' 
r_chiral_restr               0.165  0.200  ? 240  ? 'X-RAY DIFFRACTION' 
r_gen_planes_refined         0.013  0.021  ? 1170 ? 'X-RAY DIFFRACTION' 
r_gen_planes_other           ?      ?      ? ?    ? 'X-RAY DIFFRACTION' 
r_nbd_refined                ?      ?      ? ?    ? 'X-RAY DIFFRACTION' 
r_nbd_other                  ?      ?      ? ?    ? 'X-RAY DIFFRACTION' 
r_nbtor_refined              ?      ?      ? ?    ? 'X-RAY DIFFRACTION' 
r_nbtor_other                ?      ?      ? ?    ? 'X-RAY DIFFRACTION' 
r_xyhbond_nbd_refined        ?      ?      ? ?    ? 'X-RAY DIFFRACTION' 
r_xyhbond_nbd_other          ?      ?      ? ?    ? 'X-RAY DIFFRACTION' 
r_metal_ion_refined          ?      ?      ? ?    ? 'X-RAY DIFFRACTION' 
r_metal_ion_other            ?      ?      ? ?    ? 'X-RAY DIFFRACTION' 
r_symmetry_vdw_refined       ?      ?      ? ?    ? 'X-RAY DIFFRACTION' 
r_symmetry_vdw_other         ?      ?      ? ?    ? 'X-RAY DIFFRACTION' 
r_symmetry_hbond_refined     ?      ?      ? ?    ? 'X-RAY DIFFRACTION' 
r_symmetry_hbond_other       ?      ?      ? ?    ? 'X-RAY DIFFRACTION' 
r_symmetry_metal_ion_refined ?      ?      ? ?    ? 'X-RAY DIFFRACTION' 
r_symmetry_metal_ion_other   ?      ?      ? ?    ? 'X-RAY DIFFRACTION' 
r_mcbond_it                  ?      ?      ? ?    ? 'X-RAY DIFFRACTION' 
r_mcbond_other               ?      ?      ? ?    ? 'X-RAY DIFFRACTION' 
r_mcangle_it                 ?      ?      ? ?    ? 'X-RAY DIFFRACTION' 
r_scbond_it                  ?      ?      ? ?    ? 'X-RAY DIFFRACTION' 
r_scangle_it                 ?      ?      ? ?    ? 'X-RAY DIFFRACTION' 
r_rigid_bond_restr           ?      ?      ? ?    ? 'X-RAY DIFFRACTION' 
r_sphericity_free            ?      ?      ? ?    ? 'X-RAY DIFFRACTION' 
r_sphericity_bonded          ?      ?      ? ?    ? 'X-RAY DIFFRACTION' 
# 
_refine_ls_shell.pdbx_total_number_of_bins_used   20 
_refine_ls_shell.d_res_high                       1.999 
_refine_ls_shell.d_res_low                        2.050 
_refine_ls_shell.number_reflns_R_work             1041 
_refine_ls_shell.R_factor_R_work                  0.201 
_refine_ls_shell.percent_reflns_obs               98.74 
_refine_ls_shell.R_factor_R_free                  0.249 
_refine_ls_shell.R_factor_R_free_error            ? 
_refine_ls_shell.percent_reflns_R_free            ? 
_refine_ls_shell.number_reflns_R_free             60 
_refine_ls_shell.number_reflns_all                ? 
_refine_ls_shell.R_factor_all                     ? 
_refine_ls_shell.number_reflns_obs                ? 
_refine_ls_shell.redundancy_reflns_obs            ? 
_refine_ls_shell.pdbx_refine_id                   'X-RAY DIFFRACTION' 
# 
_struct.entry_id                  4DW6 
_struct.title                     
;Novel N-phenyl-phenoxyacetamide derivatives as potential EthR inhibitors and ethionamide boosters. Discovery and optimization using High-Throughput Synthesis.
;
_struct.pdbx_model_details        ? 
_struct.pdbx_CASP_flag            ? 
_struct.pdbx_model_type_details   ? 
# 
_struct_keywords.entry_id        4DW6 
_struct_keywords.pdbx_keywords   TRANSCRIPTION/INHIBITOR 
_struct_keywords.text            
;TETR-FAMILY, TRANSCRITPTIONAL REGULATORY REPRESSOR, INHIBITOR, DNA BINDING PROTEIN, TRANSCRIPTION REPRESSOR-INHIBITOR COMPLEX, TRANSCRIPTION-INHIBITOR complex
;
# 
loop_
_struct_asym.id 
_struct_asym.pdbx_blank_PDB_chainid_flag 
_struct_asym.pdbx_modified 
_struct_asym.entity_id 
_struct_asym.details 
A N N 1 ? 
B N N 2 ? 
C N N 3 ? 
D N N 4 ? 
E N N 4 ? 
F N N 4 ? 
G N N 5 ? 
# 
_struct_ref.id                         1 
_struct_ref.db_name                    UNP 
_struct_ref.db_code                    ETHR_MYCTU 
_struct_ref.pdbx_db_accession          P96222 
_struct_ref.entity_id                  1 
_struct_ref.pdbx_seq_one_letter_code   
;MTTSAASQASLPRGRRTARPSGDDRELAILATAENLLEDRPLADISVDDLAKGAGISRPTFYFYFPSKEAVLLTLLDRVV
NQADMALQTLAENPADTDRENMWRTGINVFFETFGSHKAVTRAGQAARATSVEVAELWSTFMQKWIAYTAAVIDAERDRG
AAPRTLPAHELATALNLMNERTLFASFAGEQPSVPEARVLDTLVHIWVTSIYGENR
;
_struct_ref.pdbx_align_begin           1 
_struct_ref.pdbx_db_isoform            ? 
# 
_struct_ref_seq.align_id                      1 
_struct_ref_seq.ref_id                        1 
_struct_ref_seq.pdbx_PDB_id_code              4DW6 
_struct_ref_seq.pdbx_strand_id                A 
_struct_ref_seq.seq_align_beg                 21 
_struct_ref_seq.pdbx_seq_align_beg_ins_code   ? 
_struct_ref_seq.seq_align_end                 236 
_struct_ref_seq.pdbx_seq_align_end_ins_code   ? 
_struct_ref_seq.pdbx_db_accession             P96222 
_struct_ref_seq.db_align_beg                  1 
_struct_ref_seq.pdbx_db_align_beg_ins_code    ? 
_struct_ref_seq.db_align_end                  216 
_struct_ref_seq.pdbx_db_align_end_ins_code    ? 
_struct_ref_seq.pdbx_auth_seq_align_beg       1 
_struct_ref_seq.pdbx_auth_seq_align_end       216 
# 
loop_
_struct_ref_seq_dif.align_id 
_struct_ref_seq_dif.pdbx_pdb_id_code 
_struct_ref_seq_dif.mon_id 
_struct_ref_seq_dif.pdbx_pdb_strand_id 
_struct_ref_seq_dif.seq_num 
_struct_ref_seq_dif.pdbx_pdb_ins_code 
_struct_ref_seq_dif.pdbx_seq_db_name 
_struct_ref_seq_dif.pdbx_seq_db_accession_code 
_struct_ref_seq_dif.db_mon_id 
_struct_ref_seq_dif.pdbx_seq_db_seq_num 
_struct_ref_seq_dif.details 
_struct_ref_seq_dif.pdbx_auth_seq_num 
_struct_ref_seq_dif.pdbx_ordinal 
1 4DW6 MET A 1  ? UNP P96222 ? ? 'expression tag' -19 1  
1 4DW6 GLY A 2  ? UNP P96222 ? ? 'expression tag' -18 2  
1 4DW6 SER A 3  ? UNP P96222 ? ? 'expression tag' -17 3  
1 4DW6 SER A 4  ? UNP P96222 ? ? 'expression tag' -16 4  
1 4DW6 HIS A 5  ? UNP P96222 ? ? 'expression tag' -15 5  
1 4DW6 HIS A 6  ? UNP P96222 ? ? 'expression tag' -14 6  
1 4DW6 HIS A 7  ? UNP P96222 ? ? 'expression tag' -13 7  
1 4DW6 HIS A 8  ? UNP P96222 ? ? 'expression tag' -12 8  
1 4DW6 HIS A 9  ? UNP P96222 ? ? 'expression tag' -11 9  
1 4DW6 HIS A 10 ? UNP P96222 ? ? 'expression tag' -10 10 
1 4DW6 SER A 11 ? UNP P96222 ? ? 'expression tag' -9  11 
1 4DW6 SER A 12 ? UNP P96222 ? ? 'expression tag' -8  12 
1 4DW6 GLY A 13 ? UNP P96222 ? ? 'expression tag' -7  13 
1 4DW6 LEU A 14 ? UNP P96222 ? ? 'expression tag' -6  14 
1 4DW6 VAL A 15 ? UNP P96222 ? ? 'expression tag' -5  15 
1 4DW6 PRO A 16 ? UNP P96222 ? ? 'expression tag' -4  16 
1 4DW6 ARG A 17 ? UNP P96222 ? ? 'expression tag' -3  17 
1 4DW6 GLY A 18 ? UNP P96222 ? ? 'expression tag' -2  18 
1 4DW6 SER A 19 ? UNP P96222 ? ? 'expression tag' -1  19 
1 4DW6 HIS A 20 ? UNP P96222 ? ? 'expression tag' 0   20 
# 
_pdbx_struct_assembly.id                   1 
_pdbx_struct_assembly.details              author_and_software_defined_assembly 
_pdbx_struct_assembly.method_details       PISA 
_pdbx_struct_assembly.oligomeric_details   dimeric 
_pdbx_struct_assembly.oligomeric_count     2 
# 
loop_
_pdbx_struct_assembly_prop.biol_id 
_pdbx_struct_assembly_prop.type 
_pdbx_struct_assembly_prop.value 
_pdbx_struct_assembly_prop.details 
1 'ABSA (A^2)' 3950  ? 
1 MORE         -22   ? 
1 'SSA (A^2)'  16890 ? 
# 
_pdbx_struct_assembly_gen.assembly_id       1 
_pdbx_struct_assembly_gen.oper_expression   1,2 
_pdbx_struct_assembly_gen.asym_id_list      A,B,C,D,E,F,G 
# 
loop_
_pdbx_struct_oper_list.id 
_pdbx_struct_oper_list.type 
_pdbx_struct_oper_list.name 
_pdbx_struct_oper_list.symmetry_operation 
_pdbx_struct_oper_list.matrix[1][1] 
_pdbx_struct_oper_list.matrix[1][2] 
_pdbx_struct_oper_list.matrix[1][3] 
_pdbx_struct_oper_list.vector[1] 
_pdbx_struct_oper_list.matrix[2][1] 
_pdbx_struct_oper_list.matrix[2][2] 
_pdbx_struct_oper_list.matrix[2][3] 
_pdbx_struct_oper_list.vector[2] 
_pdbx_struct_oper_list.matrix[3][1] 
_pdbx_struct_oper_list.matrix[3][2] 
_pdbx_struct_oper_list.matrix[3][3] 
_pdbx_struct_oper_list.vector[3] 
1 'identity operation'         1_555 x,y,z        1.0000000000  0.0000000000  0.0000000000  0.0000000000  0.0000000000  1.0000000000  0.0000000000 0.0000000000   0.0000000000  0.0000000000 1.0000000000 0.0000000000 
2 'crystal symmetry operation' 8_554 -y,-x,-z-1/2 -0.8565239471 -0.0831420596 -0.5093663965 17.8639103849 -0.0831420596 -0.9518205168 0.2951696151 -15.1329061648 -0.5093663965 0.2951696151 0.8083444639 7.5019168193 
# 
_struct_biol.id        1 
_struct_biol.details   ? 
# 
loop_
_struct_conf.conf_type_id 
_struct_conf.id 
_struct_conf.pdbx_PDB_helix_id 
_struct_conf.beg_label_comp_id 
_struct_conf.beg_label_asym_id 
_struct_conf.beg_label_seq_id 
_struct_conf.pdbx_beg_PDB_ins_code 
_struct_conf.end_label_comp_id 
_struct_conf.end_label_asym_id 
_struct_conf.end_label_seq_id 
_struct_conf.pdbx_end_PDB_ins_code 
_struct_conf.beg_auth_comp_id 
_struct_conf.beg_auth_asym_id 
_struct_conf.beg_auth_seq_id 
_struct_conf.end_auth_comp_id 
_struct_conf.end_auth_asym_id 
_struct_conf.end_auth_seq_id 
_struct_conf.pdbx_PDB_helix_class 
_struct_conf.details 
_struct_conf.pdbx_PDB_helix_length 
HELX_P HELX_P1  1  ASP A 44  ? ARG A 60  ? ASP A 24  ARG A 40  1 ? 17 
HELX_P HELX_P2  2  PRO A 61  ? ILE A 65  ? PRO A 41  ILE A 45  5 ? 5  
HELX_P HELX_P3  3  SER A 66  ? GLY A 75  ? SER A 46  GLY A 55  1 ? 10 
HELX_P HELX_P4  4  SER A 77  ? PHE A 85  ? SER A 57  PHE A 65  1 ? 9  
HELX_P HELX_P5  5  SER A 87  ? GLU A 112 ? SER A 67  GLU A 92  1 ? 26 
HELX_P HELX_P6  6  ASP A 118 ? SER A 136 ? ASP A 98  SER A 116 1 ? 19 
HELX_P HELX_P7  7  HIS A 137 ? SER A 151 ? HIS A 117 SER A 131 1 ? 15 
HELX_P HELX_P8  8  SER A 151 ? ARG A 179 ? SER A 131 ARG A 159 1 ? 29 
HELX_P HELX_P9  9  PRO A 187 ? GLY A 209 ? PRO A 167 GLY A 189 1 ? 23 
HELX_P HELX_P10 10 PRO A 215 ? GLY A 233 ? PRO A 195 GLY A 213 1 ? 19 
# 
_struct_conf_type.id          HELX_P 
_struct_conf_type.criteria    ? 
_struct_conf_type.reference   ? 
# 
_struct_mon_prot_cis.pdbx_id                1 
_struct_mon_prot_cis.label_comp_id          GLN 
_struct_mon_prot_cis.label_seq_id           211 
_struct_mon_prot_cis.label_asym_id          A 
_struct_mon_prot_cis.label_alt_id           . 
_struct_mon_prot_cis.pdbx_PDB_ins_code      ? 
_struct_mon_prot_cis.auth_comp_id           GLN 
_struct_mon_prot_cis.auth_seq_id            191 
_struct_mon_prot_cis.auth_asym_id           A 
_struct_mon_prot_cis.pdbx_label_comp_id_2   PRO 
_struct_mon_prot_cis.pdbx_label_seq_id_2    212 
_struct_mon_prot_cis.pdbx_label_asym_id_2   A 
_struct_mon_prot_cis.pdbx_PDB_ins_code_2    ? 
_struct_mon_prot_cis.pdbx_auth_comp_id_2    PRO 
_struct_mon_prot_cis.pdbx_auth_seq_id_2     192 
_struct_mon_prot_cis.pdbx_auth_asym_id_2    A 
_struct_mon_prot_cis.pdbx_PDB_model_num     1 
_struct_mon_prot_cis.pdbx_omega_angle       5.29 
# 
loop_
_struct_site.id 
_struct_site.pdbx_evidence_code 
_struct_site.pdbx_auth_asym_id 
_struct_site.pdbx_auth_comp_id 
_struct_site.pdbx_auth_seq_id 
_struct_site.pdbx_auth_ins_code 
_struct_site.pdbx_num_residues 
_struct_site.details 
AC1 Software A 0MN 301 ? 16 'BINDING SITE FOR RESIDUE 0MN A 301' 
AC2 Software A NH4 302 ? 1  'BINDING SITE FOR RESIDUE NH4 A 302' 
AC3 Software A GOL 303 ? 9  'BINDING SITE FOR RESIDUE GOL A 303' 
AC4 Software A GOL 304 ? 4  'BINDING SITE FOR RESIDUE GOL A 304' 
AC5 Software A GOL 305 ? 4  'BINDING SITE FOR RESIDUE GOL A 305' 
# 
loop_
_struct_site_gen.id 
_struct_site_gen.site_id 
_struct_site_gen.pdbx_num_res 
_struct_site_gen.label_comp_id 
_struct_site_gen.label_asym_id 
_struct_site_gen.label_seq_id 
_struct_site_gen.pdbx_auth_ins_code 
_struct_site_gen.auth_comp_id 
_struct_site_gen.auth_asym_id 
_struct_site_gen.auth_seq_id 
_struct_site_gen.label_atom_id 
_struct_site_gen.label_alt_id 
_struct_site_gen.symmetry 
_struct_site_gen.details 
1  AC1 16 LEU A 107 ? LEU A 87  . ? 1_555 ? 
2  AC1 16 MET A 122 ? MET A 102 . ? 1_555 ? 
3  AC1 16 GLY A 126 ? GLY A 106 . ? 1_555 ? 
4  AC1 16 ILE A 127 ? ILE A 107 . ? 1_555 ? 
5  AC1 16 PHE A 130 ? PHE A 110 . ? 1_555 ? 
6  AC1 16 TRP A 158 ? TRP A 138 . ? 1_555 ? 
7  AC1 16 MET A 162 ? MET A 142 . ? 1_555 ? 
8  AC1 16 TYR A 168 ? TYR A 148 . ? 1_555 ? 
9  AC1 16 THR A 169 ? THR A 149 . ? 1_555 ? 
10 AC1 16 VAL A 172 ? VAL A 152 . ? 1_555 ? 
11 AC1 16 ASN A 196 ? ASN A 176 . ? 1_555 ? 
12 AC1 16 ASN A 199 ? ASN A 179 . ? 1_555 ? 
13 AC1 16 GLU A 200 ? GLU A 180 . ? 1_555 ? 
14 AC1 16 LEU A 203 ? LEU A 183 . ? 1_555 ? 
15 AC1 16 PHE A 204 ? PHE A 184 . ? 1_555 ? 
16 AC1 16 TRP A 227 ? TRP A 207 . ? 1_555 ? 
17 AC2 1  GLY A 135 ? GLY A 115 . ? 1_555 ? 
18 AC3 9  ASP A 174 ? ASP A 154 . ? 1_555 ? 
19 AC3 9  ARG A 177 ? ARG A 157 . ? 1_555 ? 
20 AC3 9  THR A 185 ? THR A 165 . ? 1_555 ? 
21 AC3 9  LEU A 186 ? LEU A 166 . ? 1_555 ? 
22 AC3 9  PRO A 187 ? PRO A 167 . ? 8_555 ? 
23 AC3 9  PRO A 187 ? PRO A 167 . ? 1_555 ? 
24 AC3 9  ALA A 188 ? ALA A 168 . ? 1_555 ? 
25 AC3 9  HOH G .   ? HOH A 431 . ? 1_555 ? 
26 AC3 9  HOH G .   ? HOH A 447 . ? 1_555 ? 
27 AC4 4  SER A 66  ? SER A 46  . ? 1_555 ? 
28 AC4 4  VAL A 67  ? VAL A 47  . ? 1_555 ? 
29 AC4 4  ASP A 68  ? ASP A 48  . ? 1_555 ? 
30 AC4 4  ARG A 78  ? ARG A 58  . ? 1_555 ? 
31 AC5 4  TYR A 82  ? TYR A 62  . ? 1_555 ? 
32 AC5 4  PRO A 86  ? PRO A 66  . ? 1_555 ? 
33 AC5 4  ASN A 113 ? ASN A 93  . ? 3_545 ? 
34 AC5 4  THR A 117 ? THR A 97  . ? 3_545 ? 
# 
_pdbx_validate_rmsd_bond.id                        1 
_pdbx_validate_rmsd_bond.PDB_model_num             1 
_pdbx_validate_rmsd_bond.auth_atom_id_1            CE2 
_pdbx_validate_rmsd_bond.auth_asym_id_1            A 
_pdbx_validate_rmsd_bond.auth_comp_id_1            TRP 
_pdbx_validate_rmsd_bond.auth_seq_id_1             103 
_pdbx_validate_rmsd_bond.PDB_ins_code_1            ? 
_pdbx_validate_rmsd_bond.label_alt_id_1            ? 
_pdbx_validate_rmsd_bond.auth_atom_id_2            CD2 
_pdbx_validate_rmsd_bond.auth_asym_id_2            A 
_pdbx_validate_rmsd_bond.auth_comp_id_2            TRP 
_pdbx_validate_rmsd_bond.auth_seq_id_2             103 
_pdbx_validate_rmsd_bond.PDB_ins_code_2            ? 
_pdbx_validate_rmsd_bond.label_alt_id_2            ? 
_pdbx_validate_rmsd_bond.bond_value                1.487 
_pdbx_validate_rmsd_bond.bond_target_value         1.409 
_pdbx_validate_rmsd_bond.bond_deviation            0.078 
_pdbx_validate_rmsd_bond.bond_standard_deviation   0.012 
_pdbx_validate_rmsd_bond.linker_flag               N 
# 
loop_
_pdbx_validate_rmsd_angle.id 
_pdbx_validate_rmsd_angle.PDB_model_num 
_pdbx_validate_rmsd_angle.auth_atom_id_1 
_pdbx_validate_rmsd_angle.auth_asym_id_1 
_pdbx_validate_rmsd_angle.auth_comp_id_1 
_pdbx_validate_rmsd_angle.auth_seq_id_1 
_pdbx_validate_rmsd_angle.PDB_ins_code_1 
_pdbx_validate_rmsd_angle.label_alt_id_1 
_pdbx_validate_rmsd_angle.auth_atom_id_2 
_pdbx_validate_rmsd_angle.auth_asym_id_2 
_pdbx_validate_rmsd_angle.auth_comp_id_2 
_pdbx_validate_rmsd_angle.auth_seq_id_2 
_pdbx_validate_rmsd_angle.PDB_ins_code_2 
_pdbx_validate_rmsd_angle.label_alt_id_2 
_pdbx_validate_rmsd_angle.auth_atom_id_3 
_pdbx_validate_rmsd_angle.auth_asym_id_3 
_pdbx_validate_rmsd_angle.auth_comp_id_3 
_pdbx_validate_rmsd_angle.auth_seq_id_3 
_pdbx_validate_rmsd_angle.PDB_ins_code_3 
_pdbx_validate_rmsd_angle.label_alt_id_3 
_pdbx_validate_rmsd_angle.angle_value 
_pdbx_validate_rmsd_angle.angle_target_value 
_pdbx_validate_rmsd_angle.angle_deviation 
_pdbx_validate_rmsd_angle.angle_standard_deviation 
_pdbx_validate_rmsd_angle.linker_flag 
1 1 CB A ASP 48  ? ? CG A ASP 48  ? ? OD2 A ASP 48  ? ? 124.47 118.30 6.17 0.90 N 
2 1 NE A ARG 198 ? ? CZ A ARG 198 ? ? NH2 A ARG 198 ? ? 123.70 120.30 3.40 0.50 N 
# 
loop_
_pdbx_validate_torsion.id 
_pdbx_validate_torsion.PDB_model_num 
_pdbx_validate_torsion.auth_comp_id 
_pdbx_validate_torsion.auth_asym_id 
_pdbx_validate_torsion.auth_seq_id 
_pdbx_validate_torsion.PDB_ins_code 
_pdbx_validate_torsion.label_alt_id 
_pdbx_validate_torsion.phi 
_pdbx_validate_torsion.psi 
1 1 GLU A 92  ? ? -79.07  38.88   
2 1 THR A 165 ? ? -108.45 -109.13 
# 
_pdbx_validate_peptide_omega.id               1 
_pdbx_validate_peptide_omega.PDB_model_num    1 
_pdbx_validate_peptide_omega.auth_comp_id_1   ASP 
_pdbx_validate_peptide_omega.auth_asym_id_1   A 
_pdbx_validate_peptide_omega.auth_seq_id_1    24 
_pdbx_validate_peptide_omega.PDB_ins_code_1   ? 
_pdbx_validate_peptide_omega.label_alt_id_1   ? 
_pdbx_validate_peptide_omega.auth_comp_id_2   ARG 
_pdbx_validate_peptide_omega.auth_asym_id_2   A 
_pdbx_validate_peptide_omega.auth_seq_id_2    25 
_pdbx_validate_peptide_omega.PDB_ins_code_2   ? 
_pdbx_validate_peptide_omega.label_alt_id_2   ? 
_pdbx_validate_peptide_omega.omega            143.30 
# 
loop_
_pdbx_unobs_or_zero_occ_residues.id 
_pdbx_unobs_or_zero_occ_residues.PDB_model_num 
_pdbx_unobs_or_zero_occ_residues.polymer_flag 
_pdbx_unobs_or_zero_occ_residues.occupancy_flag 
_pdbx_unobs_or_zero_occ_residues.auth_asym_id 
_pdbx_unobs_or_zero_occ_residues.auth_comp_id 
_pdbx_unobs_or_zero_occ_residues.auth_seq_id 
_pdbx_unobs_or_zero_occ_residues.PDB_ins_code 
_pdbx_unobs_or_zero_occ_residues.label_asym_id 
_pdbx_unobs_or_zero_occ_residues.label_comp_id 
_pdbx_unobs_or_zero_occ_residues.label_seq_id 
1  1 Y 1 A MET -19 ? A MET 1   
2  1 Y 1 A GLY -18 ? A GLY 2   
3  1 Y 1 A SER -17 ? A SER 3   
4  1 Y 1 A SER -16 ? A SER 4   
5  1 Y 1 A HIS -15 ? A HIS 5   
6  1 Y 1 A HIS -14 ? A HIS 6   
7  1 Y 1 A HIS -13 ? A HIS 7   
8  1 Y 1 A HIS -12 ? A HIS 8   
9  1 Y 1 A HIS -11 ? A HIS 9   
10 1 Y 1 A HIS -10 ? A HIS 10  
11 1 Y 1 A SER -9  ? A SER 11  
12 1 Y 1 A SER -8  ? A SER 12  
13 1 Y 1 A GLY -7  ? A GLY 13  
14 1 Y 1 A LEU -6  ? A LEU 14  
15 1 Y 1 A VAL -5  ? A VAL 15  
16 1 Y 1 A PRO -4  ? A PRO 16  
17 1 Y 1 A ARG -3  ? A ARG 17  
18 1 Y 1 A GLY -2  ? A GLY 18  
19 1 Y 1 A SER -1  ? A SER 19  
20 1 Y 1 A HIS 0   ? A HIS 20  
21 1 Y 1 A MET 1   ? A MET 21  
22 1 Y 1 A THR 2   ? A THR 22  
23 1 Y 1 A THR 3   ? A THR 23  
24 1 Y 1 A SER 4   ? A SER 24  
25 1 Y 1 A ALA 5   ? A ALA 25  
26 1 Y 1 A ALA 6   ? A ALA 26  
27 1 Y 1 A SER 7   ? A SER 27  
28 1 Y 1 A GLN 8   ? A GLN 28  
29 1 Y 1 A ALA 9   ? A ALA 29  
30 1 Y 1 A SER 10  ? A SER 30  
31 1 Y 1 A LEU 11  ? A LEU 31  
32 1 Y 1 A PRO 12  ? A PRO 32  
33 1 Y 1 A ARG 13  ? A ARG 33  
34 1 Y 1 A GLY 14  ? A GLY 34  
35 1 Y 1 A ARG 15  ? A ARG 35  
36 1 Y 1 A ARG 16  ? A ARG 36  
37 1 Y 1 A THR 17  ? A THR 37  
38 1 Y 1 A ALA 18  ? A ALA 38  
39 1 Y 1 A ARG 19  ? A ARG 39  
40 1 Y 1 A PRO 20  ? A PRO 40  
41 1 Y 1 A SER 21  ? A SER 41  
42 1 Y 1 A GLY 22  ? A GLY 42  
43 1 Y 1 A ASP 23  ? A ASP 43  
44 1 Y 1 A PRO 94  ? A PRO 114 
45 1 Y 1 A ALA 95  ? A ALA 115 
46 1 Y 1 A ASP 96  ? A ASP 116 
47 1 Y 1 A ASN 215 ? A ASN 235 
48 1 Y 1 A ARG 216 ? A ARG 236 
# 
loop_
_chem_comp_atom.comp_id 
_chem_comp_atom.atom_id 
_chem_comp_atom.type_symbol 
_chem_comp_atom.pdbx_aromatic_flag 
_chem_comp_atom.pdbx_stereo_config 
_chem_comp_atom.pdbx_ordinal 
0MN O3   O N N 1   
0MN C8   C N N 2   
0MN C7   C N N 3   
0MN O2   O N N 4   
0MN C6   C Y N 5   
0MN C5   C Y N 6   
0MN C4   C Y N 7   
0MN C3   C Y N 8   
0MN C22  C Y N 9   
0MN C2   C Y N 10  
0MN O1   O N N 11  
0MN C1   C N N 12  
0MN N1   N N N 13  
0MN C9   C Y N 14  
0MN C14  C Y N 15  
0MN C13  C Y N 16  
0MN C12  C Y N 17  
0MN C11  C Y N 18  
0MN C10  C Y N 19  
0MN C15  C Y N 20  
0MN S    S Y N 21  
0MN C21  C Y N 22  
0MN C16  C Y N 23  
0MN N2   N Y N 24  
0MN C20  C Y N 25  
0MN C19  C Y N 26  
0MN C18  C Y N 27  
0MN C17  C Y N 28  
0MN H1   H N N 29  
0MN H2   H N N 30  
0MN H3   H N N 31  
0MN H4   H N N 32  
0MN H5   H N N 33  
0MN H6   H N N 34  
0MN H7   H N N 35  
0MN H8   H N N 36  
0MN H9   H N N 37  
0MN H10  H N N 38  
0MN H11  H N N 39  
0MN H12  H N N 40  
0MN H13  H N N 41  
0MN H14  H N N 42  
0MN H15  H N N 43  
0MN H16  H N N 44  
0MN H17  H N N 45  
0MN H18  H N N 46  
ALA N    N N N 47  
ALA CA   C N S 48  
ALA C    C N N 49  
ALA O    O N N 50  
ALA CB   C N N 51  
ALA OXT  O N N 52  
ALA H    H N N 53  
ALA H2   H N N 54  
ALA HA   H N N 55  
ALA HB1  H N N 56  
ALA HB2  H N N 57  
ALA HB3  H N N 58  
ALA HXT  H N N 59  
ARG N    N N N 60  
ARG CA   C N S 61  
ARG C    C N N 62  
ARG O    O N N 63  
ARG CB   C N N 64  
ARG CG   C N N 65  
ARG CD   C N N 66  
ARG NE   N N N 67  
ARG CZ   C N N 68  
ARG NH1  N N N 69  
ARG NH2  N N N 70  
ARG OXT  O N N 71  
ARG H    H N N 72  
ARG H2   H N N 73  
ARG HA   H N N 74  
ARG HB2  H N N 75  
ARG HB3  H N N 76  
ARG HG2  H N N 77  
ARG HG3  H N N 78  
ARG HD2  H N N 79  
ARG HD3  H N N 80  
ARG HE   H N N 81  
ARG HH11 H N N 82  
ARG HH12 H N N 83  
ARG HH21 H N N 84  
ARG HH22 H N N 85  
ARG HXT  H N N 86  
ASN N    N N N 87  
ASN CA   C N S 88  
ASN C    C N N 89  
ASN O    O N N 90  
ASN CB   C N N 91  
ASN CG   C N N 92  
ASN OD1  O N N 93  
ASN ND2  N N N 94  
ASN OXT  O N N 95  
ASN H    H N N 96  
ASN H2   H N N 97  
ASN HA   H N N 98  
ASN HB2  H N N 99  
ASN HB3  H N N 100 
ASN HD21 H N N 101 
ASN HD22 H N N 102 
ASN HXT  H N N 103 
ASP N    N N N 104 
ASP CA   C N S 105 
ASP C    C N N 106 
ASP O    O N N 107 
ASP CB   C N N 108 
ASP CG   C N N 109 
ASP OD1  O N N 110 
ASP OD2  O N N 111 
ASP OXT  O N N 112 
ASP H    H N N 113 
ASP H2   H N N 114 
ASP HA   H N N 115 
ASP HB2  H N N 116 
ASP HB3  H N N 117 
ASP HD2  H N N 118 
ASP HXT  H N N 119 
GLN N    N N N 120 
GLN CA   C N S 121 
GLN C    C N N 122 
GLN O    O N N 123 
GLN CB   C N N 124 
GLN CG   C N N 125 
GLN CD   C N N 126 
GLN OE1  O N N 127 
GLN NE2  N N N 128 
GLN OXT  O N N 129 
GLN H    H N N 130 
GLN H2   H N N 131 
GLN HA   H N N 132 
GLN HB2  H N N 133 
GLN HB3  H N N 134 
GLN HG2  H N N 135 
GLN HG3  H N N 136 
GLN HE21 H N N 137 
GLN HE22 H N N 138 
GLN HXT  H N N 139 
GLU N    N N N 140 
GLU CA   C N S 141 
GLU C    C N N 142 
GLU O    O N N 143 
GLU CB   C N N 144 
GLU CG   C N N 145 
GLU CD   C N N 146 
GLU OE1  O N N 147 
GLU OE2  O N N 148 
GLU OXT  O N N 149 
GLU H    H N N 150 
GLU H2   H N N 151 
GLU HA   H N N 152 
GLU HB2  H N N 153 
GLU HB3  H N N 154 
GLU HG2  H N N 155 
GLU HG3  H N N 156 
GLU HE2  H N N 157 
GLU HXT  H N N 158 
GLY N    N N N 159 
GLY CA   C N N 160 
GLY C    C N N 161 
GLY O    O N N 162 
GLY OXT  O N N 163 
GLY H    H N N 164 
GLY H2   H N N 165 
GLY HA2  H N N 166 
GLY HA3  H N N 167 
GLY HXT  H N N 168 
GOL C1   C N N 169 
GOL O1   O N N 170 
GOL C2   C N N 171 
GOL O2   O N N 172 
GOL C3   C N N 173 
GOL O3   O N N 174 
GOL H11  H N N 175 
GOL H12  H N N 176 
GOL HO1  H N N 177 
GOL H2   H N N 178 
GOL HO2  H N N 179 
GOL H31  H N N 180 
GOL H32  H N N 181 
GOL HO3  H N N 182 
HIS N    N N N 183 
HIS CA   C N S 184 
HIS C    C N N 185 
HIS O    O N N 186 
HIS CB   C N N 187 
HIS CG   C Y N 188 
HIS ND1  N Y N 189 
HIS CD2  C Y N 190 
HIS CE1  C Y N 191 
HIS NE2  N Y N 192 
HIS OXT  O N N 193 
HIS H    H N N 194 
HIS H2   H N N 195 
HIS HA   H N N 196 
HIS HB2  H N N 197 
HIS HB3  H N N 198 
HIS HD1  H N N 199 
HIS HD2  H N N 200 
HIS HE1  H N N 201 
HIS HE2  H N N 202 
HIS HXT  H N N 203 
HOH O    O N N 204 
HOH H1   H N N 205 
HOH H2   H N N 206 
ILE N    N N N 207 
ILE CA   C N S 208 
ILE C    C N N 209 
ILE O    O N N 210 
ILE CB   C N S 211 
ILE CG1  C N N 212 
ILE CG2  C N N 213 
ILE CD1  C N N 214 
ILE OXT  O N N 215 
ILE H    H N N 216 
ILE H2   H N N 217 
ILE HA   H N N 218 
ILE HB   H N N 219 
ILE HG12 H N N 220 
ILE HG13 H N N 221 
ILE HG21 H N N 222 
ILE HG22 H N N 223 
ILE HG23 H N N 224 
ILE HD11 H N N 225 
ILE HD12 H N N 226 
ILE HD13 H N N 227 
ILE HXT  H N N 228 
LEU N    N N N 229 
LEU CA   C N S 230 
LEU C    C N N 231 
LEU O    O N N 232 
LEU CB   C N N 233 
LEU CG   C N N 234 
LEU CD1  C N N 235 
LEU CD2  C N N 236 
LEU OXT  O N N 237 
LEU H    H N N 238 
LEU H2   H N N 239 
LEU HA   H N N 240 
LEU HB2  H N N 241 
LEU HB3  H N N 242 
LEU HG   H N N 243 
LEU HD11 H N N 244 
LEU HD12 H N N 245 
LEU HD13 H N N 246 
LEU HD21 H N N 247 
LEU HD22 H N N 248 
LEU HD23 H N N 249 
LEU HXT  H N N 250 
LYS N    N N N 251 
LYS CA   C N S 252 
LYS C    C N N 253 
LYS O    O N N 254 
LYS CB   C N N 255 
LYS CG   C N N 256 
LYS CD   C N N 257 
LYS CE   C N N 258 
LYS NZ   N N N 259 
LYS OXT  O N N 260 
LYS H    H N N 261 
LYS H2   H N N 262 
LYS HA   H N N 263 
LYS HB2  H N N 264 
LYS HB3  H N N 265 
LYS HG2  H N N 266 
LYS HG3  H N N 267 
LYS HD2  H N N 268 
LYS HD3  H N N 269 
LYS HE2  H N N 270 
LYS HE3  H N N 271 
LYS HZ1  H N N 272 
LYS HZ2  H N N 273 
LYS HZ3  H N N 274 
LYS HXT  H N N 275 
MET N    N N N 276 
MET CA   C N S 277 
MET C    C N N 278 
MET O    O N N 279 
MET CB   C N N 280 
MET CG   C N N 281 
MET SD   S N N 282 
MET CE   C N N 283 
MET OXT  O N N 284 
MET H    H N N 285 
MET H2   H N N 286 
MET HA   H N N 287 
MET HB2  H N N 288 
MET HB3  H N N 289 
MET HG2  H N N 290 
MET HG3  H N N 291 
MET HE1  H N N 292 
MET HE2  H N N 293 
MET HE3  H N N 294 
MET HXT  H N N 295 
NH4 N    N N N 296 
NH4 HN1  H N N 297 
NH4 HN2  H N N 298 
NH4 HN3  H N N 299 
NH4 HN4  H N N 300 
PHE N    N N N 301 
PHE CA   C N S 302 
PHE C    C N N 303 
PHE O    O N N 304 
PHE CB   C N N 305 
PHE CG   C Y N 306 
PHE CD1  C Y N 307 
PHE CD2  C Y N 308 
PHE CE1  C Y N 309 
PHE CE2  C Y N 310 
PHE CZ   C Y N 311 
PHE OXT  O N N 312 
PHE H    H N N 313 
PHE H2   H N N 314 
PHE HA   H N N 315 
PHE HB2  H N N 316 
PHE HB3  H N N 317 
PHE HD1  H N N 318 
PHE HD2  H N N 319 
PHE HE1  H N N 320 
PHE HE2  H N N 321 
PHE HZ   H N N 322 
PHE HXT  H N N 323 
PRO N    N N N 324 
PRO CA   C N S 325 
PRO C    C N N 326 
PRO O    O N N 327 
PRO CB   C N N 328 
PRO CG   C N N 329 
PRO CD   C N N 330 
PRO OXT  O N N 331 
PRO H    H N N 332 
PRO HA   H N N 333 
PRO HB2  H N N 334 
PRO HB3  H N N 335 
PRO HG2  H N N 336 
PRO HG3  H N N 337 
PRO HD2  H N N 338 
PRO HD3  H N N 339 
PRO HXT  H N N 340 
SER N    N N N 341 
SER CA   C N S 342 
SER C    C N N 343 
SER O    O N N 344 
SER CB   C N N 345 
SER OG   O N N 346 
SER OXT  O N N 347 
SER H    H N N 348 
SER H2   H N N 349 
SER HA   H N N 350 
SER HB2  H N N 351 
SER HB3  H N N 352 
SER HG   H N N 353 
SER HXT  H N N 354 
THR N    N N N 355 
THR CA   C N S 356 
THR C    C N N 357 
THR O    O N N 358 
THR CB   C N R 359 
THR OG1  O N N 360 
THR CG2  C N N 361 
THR OXT  O N N 362 
THR H    H N N 363 
THR H2   H N N 364 
THR HA   H N N 365 
THR HB   H N N 366 
THR HG1  H N N 367 
THR HG21 H N N 368 
THR HG22 H N N 369 
THR HG23 H N N 370 
THR HXT  H N N 371 
TRP N    N N N 372 
TRP CA   C N S 373 
TRP C    C N N 374 
TRP O    O N N 375 
TRP CB   C N N 376 
TRP CG   C Y N 377 
TRP CD1  C Y N 378 
TRP CD2  C Y N 379 
TRP NE1  N Y N 380 
TRP CE2  C Y N 381 
TRP CE3  C Y N 382 
TRP CZ2  C Y N 383 
TRP CZ3  C Y N 384 
TRP CH2  C Y N 385 
TRP OXT  O N N 386 
TRP H    H N N 387 
TRP H2   H N N 388 
TRP HA   H N N 389 
TRP HB2  H N N 390 
TRP HB3  H N N 391 
TRP HD1  H N N 392 
TRP HE1  H N N 393 
TRP HE3  H N N 394 
TRP HZ2  H N N 395 
TRP HZ3  H N N 396 
TRP HH2  H N N 397 
TRP HXT  H N N 398 
TYR N    N N N 399 
TYR CA   C N S 400 
TYR C    C N N 401 
TYR O    O N N 402 
TYR CB   C N N 403 
TYR CG   C Y N 404 
TYR CD1  C Y N 405 
TYR CD2  C Y N 406 
TYR CE1  C Y N 407 
TYR CE2  C Y N 408 
TYR CZ   C Y N 409 
TYR OH   O N N 410 
TYR OXT  O N N 411 
TYR H    H N N 412 
TYR H2   H N N 413 
TYR HA   H N N 414 
TYR HB2  H N N 415 
TYR HB3  H N N 416 
TYR HD1  H N N 417 
TYR HD2  H N N 418 
TYR HE1  H N N 419 
TYR HE2  H N N 420 
TYR HH   H N N 421 
TYR HXT  H N N 422 
VAL N    N N N 423 
VAL CA   C N S 424 
VAL C    C N N 425 
VAL O    O N N 426 
VAL CB   C N N 427 
VAL CG1  C N N 428 
VAL CG2  C N N 429 
VAL OXT  O N N 430 
VAL H    H N N 431 
VAL H2   H N N 432 
VAL HA   H N N 433 
VAL HB   H N N 434 
VAL HG11 H N N 435 
VAL HG12 H N N 436 
VAL HG13 H N N 437 
VAL HG21 H N N 438 
VAL HG22 H N N 439 
VAL HG23 H N N 440 
VAL HXT  H N N 441 
# 
loop_
_chem_comp_bond.comp_id 
_chem_comp_bond.atom_id_1 
_chem_comp_bond.atom_id_2 
_chem_comp_bond.value_order 
_chem_comp_bond.pdbx_aromatic_flag 
_chem_comp_bond.pdbx_stereo_config 
_chem_comp_bond.pdbx_ordinal 
0MN C1  O1   sing N N 1   
0MN O1  C2   sing N N 2   
0MN C2  C22  doub Y N 3   
0MN C2  C3   sing Y N 4   
0MN C22 C6   sing Y N 5   
0MN C3  C4   doub Y N 6   
0MN C6  O2   sing N N 7   
0MN C6  C5   doub Y N 8   
0MN O3  C8   doub N N 9   
0MN O2  C7   sing N N 10  
0MN C4  C5   sing Y N 11  
0MN C8  C7   sing N N 12  
0MN C8  N1   sing N N 13  
0MN C14 C13  doub Y N 14  
0MN C14 C9   sing Y N 15  
0MN C13 C12  sing Y N 16  
0MN N1  C9   sing N N 17  
0MN C17 C16  doub Y N 18  
0MN C17 C18  sing Y N 19  
0MN N2  C16  sing Y N 20  
0MN N2  C15  doub Y N 21  
0MN C9  C10  doub Y N 22  
0MN C16 C21  sing Y N 23  
0MN C12 C15  sing N N 24  
0MN C12 C11  doub Y N 25  
0MN C18 C19  doub Y N 26  
0MN C15 S    sing Y N 27  
0MN C10 C11  sing Y N 28  
0MN C21 S    sing Y N 29  
0MN C21 C20  doub Y N 30  
0MN C19 C20  sing Y N 31  
0MN C7  H1   sing N N 32  
0MN C7  H2   sing N N 33  
0MN C5  H3   sing N N 34  
0MN C4  H4   sing N N 35  
0MN C3  H5   sing N N 36  
0MN C22 H6   sing N N 37  
0MN C1  H7   sing N N 38  
0MN C1  H8   sing N N 39  
0MN C1  H9   sing N N 40  
0MN N1  H10  sing N N 41  
0MN C14 H11  sing N N 42  
0MN C13 H12  sing N N 43  
0MN C11 H13  sing N N 44  
0MN C10 H14  sing N N 45  
0MN C20 H15  sing N N 46  
0MN C19 H16  sing N N 47  
0MN C18 H17  sing N N 48  
0MN C17 H18  sing N N 49  
ALA N   CA   sing N N 50  
ALA N   H    sing N N 51  
ALA N   H2   sing N N 52  
ALA CA  C    sing N N 53  
ALA CA  CB   sing N N 54  
ALA CA  HA   sing N N 55  
ALA C   O    doub N N 56  
ALA C   OXT  sing N N 57  
ALA CB  HB1  sing N N 58  
ALA CB  HB2  sing N N 59  
ALA CB  HB3  sing N N 60  
ALA OXT HXT  sing N N 61  
ARG N   CA   sing N N 62  
ARG N   H    sing N N 63  
ARG N   H2   sing N N 64  
ARG CA  C    sing N N 65  
ARG CA  CB   sing N N 66  
ARG CA  HA   sing N N 67  
ARG C   O    doub N N 68  
ARG C   OXT  sing N N 69  
ARG CB  CG   sing N N 70  
ARG CB  HB2  sing N N 71  
ARG CB  HB3  sing N N 72  
ARG CG  CD   sing N N 73  
ARG CG  HG2  sing N N 74  
ARG CG  HG3  sing N N 75  
ARG CD  NE   sing N N 76  
ARG CD  HD2  sing N N 77  
ARG CD  HD3  sing N N 78  
ARG NE  CZ   sing N N 79  
ARG NE  HE   sing N N 80  
ARG CZ  NH1  sing N N 81  
ARG CZ  NH2  doub N N 82  
ARG NH1 HH11 sing N N 83  
ARG NH1 HH12 sing N N 84  
ARG NH2 HH21 sing N N 85  
ARG NH2 HH22 sing N N 86  
ARG OXT HXT  sing N N 87  
ASN N   CA   sing N N 88  
ASN N   H    sing N N 89  
ASN N   H2   sing N N 90  
ASN CA  C    sing N N 91  
ASN CA  CB   sing N N 92  
ASN CA  HA   sing N N 93  
ASN C   O    doub N N 94  
ASN C   OXT  sing N N 95  
ASN CB  CG   sing N N 96  
ASN CB  HB2  sing N N 97  
ASN CB  HB3  sing N N 98  
ASN CG  OD1  doub N N 99  
ASN CG  ND2  sing N N 100 
ASN ND2 HD21 sing N N 101 
ASN ND2 HD22 sing N N 102 
ASN OXT HXT  sing N N 103 
ASP N   CA   sing N N 104 
ASP N   H    sing N N 105 
ASP N   H2   sing N N 106 
ASP CA  C    sing N N 107 
ASP CA  CB   sing N N 108 
ASP CA  HA   sing N N 109 
ASP C   O    doub N N 110 
ASP C   OXT  sing N N 111 
ASP CB  CG   sing N N 112 
ASP CB  HB2  sing N N 113 
ASP CB  HB3  sing N N 114 
ASP CG  OD1  doub N N 115 
ASP CG  OD2  sing N N 116 
ASP OD2 HD2  sing N N 117 
ASP OXT HXT  sing N N 118 
GLN N   CA   sing N N 119 
GLN N   H    sing N N 120 
GLN N   H2   sing N N 121 
GLN CA  C    sing N N 122 
GLN CA  CB   sing N N 123 
GLN CA  HA   sing N N 124 
GLN C   O    doub N N 125 
GLN C   OXT  sing N N 126 
GLN CB  CG   sing N N 127 
GLN CB  HB2  sing N N 128 
GLN CB  HB3  sing N N 129 
GLN CG  CD   sing N N 130 
GLN CG  HG2  sing N N 131 
GLN CG  HG3  sing N N 132 
GLN CD  OE1  doub N N 133 
GLN CD  NE2  sing N N 134 
GLN NE2 HE21 sing N N 135 
GLN NE2 HE22 sing N N 136 
GLN OXT HXT  sing N N 137 
GLU N   CA   sing N N 138 
GLU N   H    sing N N 139 
GLU N   H2   sing N N 140 
GLU CA  C    sing N N 141 
GLU CA  CB   sing N N 142 
GLU CA  HA   sing N N 143 
GLU C   O    doub N N 144 
GLU C   OXT  sing N N 145 
GLU CB  CG   sing N N 146 
GLU CB  HB2  sing N N 147 
GLU CB  HB3  sing N N 148 
GLU CG  CD   sing N N 149 
GLU CG  HG2  sing N N 150 
GLU CG  HG3  sing N N 151 
GLU CD  OE1  doub N N 152 
GLU CD  OE2  sing N N 153 
GLU OE2 HE2  sing N N 154 
GLU OXT HXT  sing N N 155 
GLY N   CA   sing N N 156 
GLY N   H    sing N N 157 
GLY N   H2   sing N N 158 
GLY CA  C    sing N N 159 
GLY CA  HA2  sing N N 160 
GLY CA  HA3  sing N N 161 
GLY C   O    doub N N 162 
GLY C   OXT  sing N N 163 
GLY OXT HXT  sing N N 164 
GOL C1  O1   sing N N 165 
GOL C1  C2   sing N N 166 
GOL C1  H11  sing N N 167 
GOL C1  H12  sing N N 168 
GOL O1  HO1  sing N N 169 
GOL C2  O2   sing N N 170 
GOL C2  C3   sing N N 171 
GOL C2  H2   sing N N 172 
GOL O2  HO2  sing N N 173 
GOL C3  O3   sing N N 174 
GOL C3  H31  sing N N 175 
GOL C3  H32  sing N N 176 
GOL O3  HO3  sing N N 177 
HIS N   CA   sing N N 178 
HIS N   H    sing N N 179 
HIS N   H2   sing N N 180 
HIS CA  C    sing N N 181 
HIS CA  CB   sing N N 182 
HIS CA  HA   sing N N 183 
HIS C   O    doub N N 184 
HIS C   OXT  sing N N 185 
HIS CB  CG   sing N N 186 
HIS CB  HB2  sing N N 187 
HIS CB  HB3  sing N N 188 
HIS CG  ND1  sing Y N 189 
HIS CG  CD2  doub Y N 190 
HIS ND1 CE1  doub Y N 191 
HIS ND1 HD1  sing N N 192 
HIS CD2 NE2  sing Y N 193 
HIS CD2 HD2  sing N N 194 
HIS CE1 NE2  sing Y N 195 
HIS CE1 HE1  sing N N 196 
HIS NE2 HE2  sing N N 197 
HIS OXT HXT  sing N N 198 
HOH O   H1   sing N N 199 
HOH O   H2   sing N N 200 
ILE N   CA   sing N N 201 
ILE N   H    sing N N 202 
ILE N   H2   sing N N 203 
ILE CA  C    sing N N 204 
ILE CA  CB   sing N N 205 
ILE CA  HA   sing N N 206 
ILE C   O    doub N N 207 
ILE C   OXT  sing N N 208 
ILE CB  CG1  sing N N 209 
ILE CB  CG2  sing N N 210 
ILE CB  HB   sing N N 211 
ILE CG1 CD1  sing N N 212 
ILE CG1 HG12 sing N N 213 
ILE CG1 HG13 sing N N 214 
ILE CG2 HG21 sing N N 215 
ILE CG2 HG22 sing N N 216 
ILE CG2 HG23 sing N N 217 
ILE CD1 HD11 sing N N 218 
ILE CD1 HD12 sing N N 219 
ILE CD1 HD13 sing N N 220 
ILE OXT HXT  sing N N 221 
LEU N   CA   sing N N 222 
LEU N   H    sing N N 223 
LEU N   H2   sing N N 224 
LEU CA  C    sing N N 225 
LEU CA  CB   sing N N 226 
LEU CA  HA   sing N N 227 
LEU C   O    doub N N 228 
LEU C   OXT  sing N N 229 
LEU CB  CG   sing N N 230 
LEU CB  HB2  sing N N 231 
LEU CB  HB3  sing N N 232 
LEU CG  CD1  sing N N 233 
LEU CG  CD2  sing N N 234 
LEU CG  HG   sing N N 235 
LEU CD1 HD11 sing N N 236 
LEU CD1 HD12 sing N N 237 
LEU CD1 HD13 sing N N 238 
LEU CD2 HD21 sing N N 239 
LEU CD2 HD22 sing N N 240 
LEU CD2 HD23 sing N N 241 
LEU OXT HXT  sing N N 242 
LYS N   CA   sing N N 243 
LYS N   H    sing N N 244 
LYS N   H2   sing N N 245 
LYS CA  C    sing N N 246 
LYS CA  CB   sing N N 247 
LYS CA  HA   sing N N 248 
LYS C   O    doub N N 249 
LYS C   OXT  sing N N 250 
LYS CB  CG   sing N N 251 
LYS CB  HB2  sing N N 252 
LYS CB  HB3  sing N N 253 
LYS CG  CD   sing N N 254 
LYS CG  HG2  sing N N 255 
LYS CG  HG3  sing N N 256 
LYS CD  CE   sing N N 257 
LYS CD  HD2  sing N N 258 
LYS CD  HD3  sing N N 259 
LYS CE  NZ   sing N N 260 
LYS CE  HE2  sing N N 261 
LYS CE  HE3  sing N N 262 
LYS NZ  HZ1  sing N N 263 
LYS NZ  HZ2  sing N N 264 
LYS NZ  HZ3  sing N N 265 
LYS OXT HXT  sing N N 266 
MET N   CA   sing N N 267 
MET N   H    sing N N 268 
MET N   H2   sing N N 269 
MET CA  C    sing N N 270 
MET CA  CB   sing N N 271 
MET CA  HA   sing N N 272 
MET C   O    doub N N 273 
MET C   OXT  sing N N 274 
MET CB  CG   sing N N 275 
MET CB  HB2  sing N N 276 
MET CB  HB3  sing N N 277 
MET CG  SD   sing N N 278 
MET CG  HG2  sing N N 279 
MET CG  HG3  sing N N 280 
MET SD  CE   sing N N 281 
MET CE  HE1  sing N N 282 
MET CE  HE2  sing N N 283 
MET CE  HE3  sing N N 284 
MET OXT HXT  sing N N 285 
NH4 N   HN1  sing N N 286 
NH4 N   HN2  sing N N 287 
NH4 N   HN3  sing N N 288 
NH4 N   HN4  sing N N 289 
PHE N   CA   sing N N 290 
PHE N   H    sing N N 291 
PHE N   H2   sing N N 292 
PHE CA  C    sing N N 293 
PHE CA  CB   sing N N 294 
PHE CA  HA   sing N N 295 
PHE C   O    doub N N 296 
PHE C   OXT  sing N N 297 
PHE CB  CG   sing N N 298 
PHE CB  HB2  sing N N 299 
PHE CB  HB3  sing N N 300 
PHE CG  CD1  doub Y N 301 
PHE CG  CD2  sing Y N 302 
PHE CD1 CE1  sing Y N 303 
PHE CD1 HD1  sing N N 304 
PHE CD2 CE2  doub Y N 305 
PHE CD2 HD2  sing N N 306 
PHE CE1 CZ   doub Y N 307 
PHE CE1 HE1  sing N N 308 
PHE CE2 CZ   sing Y N 309 
PHE CE2 HE2  sing N N 310 
PHE CZ  HZ   sing N N 311 
PHE OXT HXT  sing N N 312 
PRO N   CA   sing N N 313 
PRO N   CD   sing N N 314 
PRO N   H    sing N N 315 
PRO CA  C    sing N N 316 
PRO CA  CB   sing N N 317 
PRO CA  HA   sing N N 318 
PRO C   O    doub N N 319 
PRO C   OXT  sing N N 320 
PRO CB  CG   sing N N 321 
PRO CB  HB2  sing N N 322 
PRO CB  HB3  sing N N 323 
PRO CG  CD   sing N N 324 
PRO CG  HG2  sing N N 325 
PRO CG  HG3  sing N N 326 
PRO CD  HD2  sing N N 327 
PRO CD  HD3  sing N N 328 
PRO OXT HXT  sing N N 329 
SER N   CA   sing N N 330 
SER N   H    sing N N 331 
SER N   H2   sing N N 332 
SER CA  C    sing N N 333 
SER CA  CB   sing N N 334 
SER CA  HA   sing N N 335 
SER C   O    doub N N 336 
SER C   OXT  sing N N 337 
SER CB  OG   sing N N 338 
SER CB  HB2  sing N N 339 
SER CB  HB3  sing N N 340 
SER OG  HG   sing N N 341 
SER OXT HXT  sing N N 342 
THR N   CA   sing N N 343 
THR N   H    sing N N 344 
THR N   H2   sing N N 345 
THR CA  C    sing N N 346 
THR CA  CB   sing N N 347 
THR CA  HA   sing N N 348 
THR C   O    doub N N 349 
THR C   OXT  sing N N 350 
THR CB  OG1  sing N N 351 
THR CB  CG2  sing N N 352 
THR CB  HB   sing N N 353 
THR OG1 HG1  sing N N 354 
THR CG2 HG21 sing N N 355 
THR CG2 HG22 sing N N 356 
THR CG2 HG23 sing N N 357 
THR OXT HXT  sing N N 358 
TRP N   CA   sing N N 359 
TRP N   H    sing N N 360 
TRP N   H2   sing N N 361 
TRP CA  C    sing N N 362 
TRP CA  CB   sing N N 363 
TRP CA  HA   sing N N 364 
TRP C   O    doub N N 365 
TRP C   OXT  sing N N 366 
TRP CB  CG   sing N N 367 
TRP CB  HB2  sing N N 368 
TRP CB  HB3  sing N N 369 
TRP CG  CD1  doub Y N 370 
TRP CG  CD2  sing Y N 371 
TRP CD1 NE1  sing Y N 372 
TRP CD1 HD1  sing N N 373 
TRP CD2 CE2  doub Y N 374 
TRP CD2 CE3  sing Y N 375 
TRP NE1 CE2  sing Y N 376 
TRP NE1 HE1  sing N N 377 
TRP CE2 CZ2  sing Y N 378 
TRP CE3 CZ3  doub Y N 379 
TRP CE3 HE3  sing N N 380 
TRP CZ2 CH2  doub Y N 381 
TRP CZ2 HZ2  sing N N 382 
TRP CZ3 CH2  sing Y N 383 
TRP CZ3 HZ3  sing N N 384 
TRP CH2 HH2  sing N N 385 
TRP OXT HXT  sing N N 386 
TYR N   CA   sing N N 387 
TYR N   H    sing N N 388 
TYR N   H2   sing N N 389 
TYR CA  C    sing N N 390 
TYR CA  CB   sing N N 391 
TYR CA  HA   sing N N 392 
TYR C   O    doub N N 393 
TYR C   OXT  sing N N 394 
TYR CB  CG   sing N N 395 
TYR CB  HB2  sing N N 396 
TYR CB  HB3  sing N N 397 
TYR CG  CD1  doub Y N 398 
TYR CG  CD2  sing Y N 399 
TYR CD1 CE1  sing Y N 400 
TYR CD1 HD1  sing N N 401 
TYR CD2 CE2  doub Y N 402 
TYR CD2 HD2  sing N N 403 
TYR CE1 CZ   doub Y N 404 
TYR CE1 HE1  sing N N 405 
TYR CE2 CZ   sing Y N 406 
TYR CE2 HE2  sing N N 407 
TYR CZ  OH   sing N N 408 
TYR OH  HH   sing N N 409 
TYR OXT HXT  sing N N 410 
VAL N   CA   sing N N 411 
VAL N   H    sing N N 412 
VAL N   H2   sing N N 413 
VAL CA  C    sing N N 414 
VAL CA  CB   sing N N 415 
VAL CA  HA   sing N N 416 
VAL C   O    doub N N 417 
VAL C   OXT  sing N N 418 
VAL CB  CG1  sing N N 419 
VAL CB  CG2  sing N N 420 
VAL CB  HB   sing N N 421 
VAL CG1 HG11 sing N N 422 
VAL CG1 HG12 sing N N 423 
VAL CG1 HG13 sing N N 424 
VAL CG2 HG21 sing N N 425 
VAL CG2 HG22 sing N N 426 
VAL CG2 HG23 sing N N 427 
VAL OXT HXT  sing N N 428 
# 
_atom_sites.entry_id                    4DW6 
_atom_sites.fract_transf_matrix[1][1]   -0.00568933 
_atom_sites.fract_transf_matrix[1][2]   0.00461156 
_atom_sites.fract_transf_matrix[1][3]   0.00377004 
_atom_sites.fract_transf_matrix[2][1]   -0.00256930 
_atom_sites.fract_transf_matrix[2][2]   0.00280356 
_atom_sites.fract_transf_matrix[2][3]   -0.00730664 
_atom_sites.fract_transf_matrix[3][1]   -0.01930013 
_atom_sites.fract_transf_matrix[3][2]   -0.02234861 
_atom_sites.fract_transf_matrix[3][3]   -0.00178849 
_atom_sites.fract_transf_vector[1]      0.288169 
_atom_sites.fract_transf_vector[2]      -0.145032 
_atom_sites.fract_transf_vector[3]      -0.240002 
# 
loop_
_atom_type.symbol 
C 
N 
O 
S 
# 
loop_
_atom_site.group_PDB 
_atom_site.id 
_atom_site.type_symbol 
_atom_site.label_atom_id 
_atom_site.label_alt_id 
_atom_site.label_comp_id 
_atom_site.label_asym_id 
_atom_site.label_entity_id 
_atom_site.label_seq_id 
_atom_site.pdbx_PDB_ins_code 
_atom_site.Cartn_x 
_atom_site.Cartn_y 
_atom_site.Cartn_z 
_atom_site.occupancy 
_atom_site.B_iso_or_equiv 
_atom_site.pdbx_formal_charge 
_atom_site.auth_seq_id 
_atom_site.auth_comp_id 
_atom_site.auth_asym_id 
_atom_site.auth_atom_id 
_atom_site.pdbx_PDB_model_num 
ATOM   1    N N   . ASP A 1 44  ? -17.671 13.914  9.563   1.00 53.52 ? 24  ASP A N   1 
ATOM   2    C CA  . ASP A 1 44  ? -16.644 15.016  9.558   1.00 58.10 ? 24  ASP A CA  1 
ATOM   3    C C   . ASP A 1 44  ? -16.092 15.609  10.930  1.00 52.05 ? 24  ASP A C   1 
ATOM   4    O O   . ASP A 1 44  ? -15.014 16.225  10.957  1.00 46.02 ? 24  ASP A O   1 
ATOM   5    C CB  . ASP A 1 44  ? -16.984 16.088  8.499   1.00 67.27 ? 24  ASP A CB  1 
ATOM   6    C CG  . ASP A 1 44  ? -17.832 17.227  9.044   1.00 76.24 ? 24  ASP A CG  1 
ATOM   7    O OD1 . ASP A 1 44  ? -17.782 17.498  10.269  1.00 74.27 ? 24  ASP A OD1 1 
ATOM   8    O OD2 . ASP A 1 44  ? -18.534 17.873  8.227   1.00 78.45 ? 24  ASP A OD2 1 
ATOM   9    N N   . ARG A 1 45  ? -16.773 15.417  12.064  1.00 40.09 ? 25  ARG A N   1 
ATOM   10   C CA  . ARG A 1 45  ? -15.976 15.200  13.272  1.00 41.64 ? 25  ARG A CA  1 
ATOM   11   C C   . ARG A 1 45  ? -15.084 13.936  13.032  1.00 39.60 ? 25  ARG A C   1 
ATOM   12   O O   . ARG A 1 45  ? -13.911 13.851  13.480  1.00 35.26 ? 25  ARG A O   1 
ATOM   13   C CB  . ARG A 1 45  ? -16.870 14.959  14.481  1.00 40.17 ? 25  ARG A CB  1 
ATOM   14   C CG  . ARG A 1 45  ? -17.190 16.223  15.242  1.00 48.62 ? 25  ARG A CG  1 
ATOM   15   C CD  . ARG A 1 45  ? -18.627 16.135  15.681  1.00 56.87 ? 25  ARG A CD  1 
ATOM   16   N NE  . ARG A 1 45  ? -18.844 16.877  16.900  1.00 62.16 ? 25  ARG A NE  1 
ATOM   17   C CZ  . ARG A 1 45  ? -19.704 16.505  17.834  1.00 68.49 ? 25  ARG A CZ  1 
ATOM   18   N NH1 . ARG A 1 45  ? -20.402 15.378  17.674  1.00 63.56 ? 25  ARG A NH1 1 
ATOM   19   N NH2 . ARG A 1 45  ? -19.841 17.240  18.934  1.00 70.51 ? 25  ARG A NH2 1 
ATOM   20   N N   . GLU A 1 46  ? -15.666 12.956  12.341  1.00 38.53 ? 26  GLU A N   1 
ATOM   21   C CA  . GLU A 1 46  ? -14.906 11.759  11.935  1.00 39.60 ? 26  GLU A CA  1 
ATOM   22   C C   . GLU A 1 46  ? -13.695 12.079  11.058  1.00 37.19 ? 26  GLU A C   1 
ATOM   23   O O   . GLU A 1 46  ? -12.591 11.591  11.303  1.00 35.98 ? 26  GLU A O   1 
ATOM   24   C CB  . GLU A 1 46  ? -15.783 10.786  11.200  1.00 40.26 ? 26  GLU A CB  1 
ATOM   25   C CG  . GLU A 1 46  ? -15.253 9.392   11.414  1.00 46.96 ? 26  GLU A CG  1 
ATOM   26   C CD  . GLU A 1 46  ? -16.032 8.365   10.664  1.00 59.37 ? 26  GLU A CD  1 
ATOM   27   O OE1 . GLU A 1 46  ? -17.196 8.124   11.074  1.00 55.87 ? 26  GLU A OE1 1 
ATOM   28   O OE2 . GLU A 1 46  ? -15.453 7.816   9.683   1.00 60.87 ? 26  GLU A OE2 1 
ATOM   29   N N   . LEU A 1 47  ? -13.909 12.918  10.042  1.00 37.78 ? 27  LEU A N   1 
ATOM   30   C CA  . LEU A 1 47  ? -12.839 13.321  9.168   1.00 35.58 ? 27  LEU A CA  1 
ATOM   31   C C   . LEU A 1 47  ? -11.756 14.113  9.912   1.00 34.03 ? 27  LEU A C   1 
ATOM   32   O O   . LEU A 1 47  ? -10.529 13.965  9.627   1.00 30.53 ? 27  LEU A O   1 
ATOM   33   C CB  . LEU A 1 47  ? -13.430 14.049  7.956   1.00 40.14 ? 27  LEU A CB  1 
ATOM   34   C CG  . LEU A 1 47  ? -13.650 13.254  6.642   1.00 45.43 ? 27  LEU A CG  1 
ATOM   35   C CD1 . LEU A 1 47  ? -14.274 11.853  6.733   1.00 49.75 ? 27  LEU A CD1 1 
ATOM   36   C CD2 . LEU A 1 47  ? -14.457 14.111  5.680   1.00 46.03 ? 27  LEU A CD2 1 
ATOM   37   N N   . ALA A 1 48  ? -12.178 14.933  10.895  1.00 31.74 ? 28  ALA A N   1 
ATOM   38   C CA  . ALA A 1 48  ? -11.247 15.681  11.733  1.00 30.05 ? 28  ALA A CA  1 
ATOM   39   C C   . ALA A 1 48  ? -10.377 14.746  12.537  1.00 29.55 ? 28  ALA A C   1 
ATOM   40   O O   . ALA A 1 48  ? -9.180  15.009  12.713  1.00 30.96 ? 28  ALA A O   1 
ATOM   41   C CB  . ALA A 1 48  ? -11.988 16.658  12.665  1.00 35.90 ? 28  ALA A CB  1 
ATOM   42   N N   . ILE A 1 49  ? -10.963 13.657  13.036  1.00 24.31 ? 29  ILE A N   1 
ATOM   43   C CA  . ILE A 1 49  ? -10.232 12.742  13.854  1.00 24.94 ? 29  ILE A CA  1 
ATOM   44   C C   . ILE A 1 49  ? -9.196  12.017  12.921  1.00 23.21 ? 29  ILE A C   1 
ATOM   45   O O   . ILE A 1 49  ? -8.074  11.883  13.295  1.00 25.73 ? 29  ILE A O   1 
ATOM   46   C CB  . ILE A 1 49  ? -11.188 11.704  14.440  1.00 22.30 ? 29  ILE A CB  1 
ATOM   47   C CG1 . ILE A 1 49  ? -12.069 12.354  15.551  1.00 25.59 ? 29  ILE A CG1 1 
ATOM   48   C CG2 . ILE A 1 49  ? -10.401 10.478  14.935  1.00 21.57 ? 29  ILE A CG2 1 
ATOM   49   C CD1 . ILE A 1 49  ? -13.130 11.414  16.167  1.00 23.08 ? 29  ILE A CD1 1 
ATOM   50   N N   . LEU A 1 50  ? -9.655  11.536  11.751  1.00 26.13 ? 30  LEU A N   1 
ATOM   51   C CA  . LEU A 1 50  ? -8.796  10.875  10.736  1.00 29.35 ? 30  LEU A CA  1 
ATOM   52   C C   . LEU A 1 50  ? -7.596  11.791  10.353  1.00 27.74 ? 30  LEU A C   1 
ATOM   53   O O   . LEU A 1 50  ? -6.471  11.358  10.437  1.00 28.12 ? 30  LEU A O   1 
ATOM   54   C CB  . LEU A 1 50  ? -9.625  10.470  9.478   1.00 27.18 ? 30  LEU A CB  1 
ATOM   55   C CG  . LEU A 1 50  ? -10.594 9.314   9.839   1.00 25.55 ? 30  LEU A CG  1 
ATOM   56   C CD1 . LEU A 1 50  ? -11.641 9.079   8.734   1.00 29.12 ? 30  LEU A CD1 1 
ATOM   57   C CD2 . LEU A 1 50  ? -9.799  8.036   10.146  1.00 26.39 ? 30  LEU A CD2 1 
ATOM   58   N N   . ALA A 1 51  ? -7.857  13.057  10.014  1.00 26.64 ? 31  ALA A N   1 
ATOM   59   C CA  . ALA A 1 51  ? -6.789  14.011  9.608   1.00 26.17 ? 31  ALA A CA  1 
ATOM   60   C C   . ALA A 1 51  ? -5.804  14.241  10.706  1.00 30.44 ? 31  ALA A C   1 
ATOM   61   O O   . ALA A 1 51  ? -4.596  14.275  10.484  1.00 25.23 ? 31  ALA A O   1 
ATOM   62   C CB  . ALA A 1 51  ? -7.387  15.335  9.134   1.00 28.26 ? 31  ALA A CB  1 
ATOM   63   N N   . THR A 1 52  ? -6.302  14.339  11.937  1.00 30.99 ? 32  THR A N   1 
ATOM   64   C CA  . THR A 1 52  ? -5.438  14.566  13.074  1.00 31.21 ? 32  THR A CA  1 
ATOM   65   C C   . THR A 1 52  ? -4.574  13.368  13.327  1.00 31.86 ? 32  THR A C   1 
ATOM   66   O O   . THR A 1 52  ? -3.360  13.539  13.617  1.00 33.74 ? 32  THR A O   1 
ATOM   67   C CB  . THR A 1 52  ? -6.232  14.802  14.382  1.00 32.38 ? 32  THR A CB  1 
ATOM   68   O OG1 . THR A 1 52  ? -7.118  15.886  14.188  1.00 33.70 ? 32  THR A OG1 1 
ATOM   69   C CG2 . THR A 1 52  ? -5.295  15.090  15.541  1.00 32.62 ? 32  THR A CG2 1 
ATOM   70   N N   . ALA A 1 53  ? -5.167  12.169  13.274  1.00 26.54 ? 33  ALA A N   1 
ATOM   71   C CA  . ALA A 1 53  ? -4.350  10.977  13.458  1.00 25.62 ? 33  ALA A CA  1 
ATOM   72   C C   . ALA A 1 53  ? -3.238  10.895  12.322  1.00 28.84 ? 33  ALA A C   1 
ATOM   73   O O   . ALA A 1 53  ? -2.074  10.638  12.609  1.00 30.73 ? 33  ALA A O   1 
ATOM   74   C CB  . ALA A 1 53  ? -5.220  9.716   13.427  1.00 25.17 ? 33  ALA A CB  1 
ATOM   75   N N   . GLU A 1 54  ? -3.610  11.082  11.071  1.00 30.41 ? 34  GLU A N   1 
ATOM   76   C CA  . GLU A 1 54  ? -2.570  11.090  10.014  1.00 33.41 ? 34  GLU A CA  1 
ATOM   77   C C   . GLU A 1 54  ? -1.482  12.169  10.309  1.00 34.25 ? 34  GLU A C   1 
ATOM   78   O O   . GLU A 1 54  ? -0.297  11.885  10.223  1.00 30.61 ? 34  GLU A O   1 
ATOM   79   C CB  . GLU A 1 54  ? -3.205  11.239  8.615   1.00 31.11 ? 34  GLU A CB  1 
ATOM   80   C CG  . GLU A 1 54  ? -2.163  11.295  7.468   1.00 31.99 ? 34  GLU A CG  1 
ATOM   81   C CD  . GLU A 1 54  ? -2.736  10.845  6.148   1.00 35.77 ? 34  GLU A CD  1 
ATOM   82   O OE1 . GLU A 1 54  ? -3.949  11.050  5.882   1.00 33.57 ? 34  GLU A OE1 1 
ATOM   83   O OE2 . GLU A 1 54  ? -1.971  10.249  5.367   1.00 32.24 ? 34  GLU A OE2 1 
ATOM   84   N N   . ASN A 1 55  ? -1.870  13.383  10.711  1.00 34.25 ? 35  ASN A N   1 
ATOM   85   C CA  . ASN A 1 55  ? -0.830  14.364  11.090  1.00 39.93 ? 35  ASN A CA  1 
ATOM   86   C C   . ASN A 1 55  ? 0.037   13.940  12.247  1.00 40.66 ? 35  ASN A C   1 
ATOM   87   O O   . ASN A 1 55  ? 1.273   14.094  12.212  1.00 43.96 ? 35  ASN A O   1 
ATOM   88   C CB  . ASN A 1 55  ? -1.372  15.765  11.294  1.00 42.64 ? 35  ASN A CB  1 
ATOM   89   C CG  . ASN A 1 55  ? -1.953  16.329  10.029  1.00 53.29 ? 35  ASN A CG  1 
ATOM   90   O OD1 . ASN A 1 55  ? -2.759  17.255  10.058  1.00 71.07 ? 35  ASN A OD1 1 
ATOM   91   N ND2 . ASN A 1 55  ? -1.562  15.775  8.898   1.00 64.03 ? 35  ASN A ND2 1 
ATOM   92   N N   . LEU A 1 56  ? -0.554  13.351  13.266  1.00 36.56 ? 36  LEU A N   1 
ATOM   93   C CA  . LEU A 1 56  ? 0.288   13.000  14.402  1.00 40.98 ? 36  LEU A CA  1 
ATOM   94   C C   . LEU A 1 56  ? 1.231   11.845  14.066  1.00 42.43 ? 36  LEU A C   1 
ATOM   95   O O   . LEU A 1 56  ? 2.368   11.823  14.536  1.00 41.30 ? 36  LEU A O   1 
ATOM   96   C CB  . LEU A 1 56  ? -0.531  12.714  15.672  1.00 43.36 ? 36  LEU A CB  1 
ATOM   97   C CG  . LEU A 1 56  ? -1.362  13.864  16.280  1.00 41.82 ? 36  LEU A CG  1 
ATOM   98   C CD1 . LEU A 1 56  ? -1.977  13.288  17.545  1.00 44.76 ? 36  LEU A CD1 1 
ATOM   99   C CD2 . LEU A 1 56  ? -0.496  15.073  16.605  1.00 45.60 ? 36  LEU A CD2 1 
ATOM   100  N N   . LEU A 1 57  ? 0.755   10.883  13.267  1.00 40.20 ? 37  LEU A N   1 
ATOM   101  C CA  . LEU A 1 57  ? 1.592   9.758   12.815  1.00 38.53 ? 37  LEU A CA  1 
ATOM   102  C C   . LEU A 1 57  ? 2.853   10.211  12.023  1.00 38.02 ? 37  LEU A C   1 
ATOM   103  O O   . LEU A 1 57  ? 3.822   9.464   11.980  1.00 35.46 ? 37  LEU A O   1 
ATOM   104  C CB  . LEU A 1 57  ? 0.785   8.731   12.002  1.00 34.36 ? 37  LEU A CB  1 
ATOM   105  C CG  . LEU A 1 57  ? -0.160  7.848   12.879  1.00 35.09 ? 37  LEU A CG  1 
ATOM   106  C CD1 . LEU A 1 57  ? -1.231  7.187   12.049  1.00 27.85 ? 37  LEU A CD1 1 
ATOM   107  C CD2 . LEU A 1 57  ? 0.586   6.791   13.721  1.00 32.73 ? 37  LEU A CD2 1 
ATOM   108  N N   . GLU A 1 58  ? 2.818   11.378  11.372  1.00 41.34 ? 38  GLU A N   1 
ATOM   109  C CA  . GLU A 1 58  ? 4.051   11.976  10.842  1.00 47.70 ? 38  GLU A CA  1 
ATOM   110  C C   . GLU A 1 58  ? 5.132   12.157  11.910  1.00 51.23 ? 38  GLU A C   1 
ATOM   111  O O   . GLU A 1 58  ? 6.292   11.946  11.615  1.00 51.75 ? 38  GLU A O   1 
ATOM   112  C CB  . GLU A 1 58  ? 3.798   13.322  10.184  1.00 51.61 ? 38  GLU A CB  1 
ATOM   113  C CG  . GLU A 1 58  ? 3.799   13.305  8.673   1.00 64.88 ? 38  GLU A CG  1 
ATOM   114  C CD  . GLU A 1 58  ? 2.407   13.220  8.113   1.00 71.29 ? 38  GLU A CD  1 
ATOM   115  O OE1 . GLU A 1 58  ? 1.780   12.140  8.216   1.00 75.63 ? 38  GLU A OE1 1 
ATOM   116  O OE2 . GLU A 1 58  ? 1.949   14.241  7.567   1.00 67.67 ? 38  GLU A OE2 1 
ATOM   117  N N   . ASP A 1 59  ? 4.751   12.549  13.138  1.00 62.67 ? 39  ASP A N   1 
ATOM   118  C CA  . ASP A 1 59  ? 5.696   12.821  14.257  1.00 55.95 ? 39  ASP A CA  1 
ATOM   119  C C   . ASP A 1 59  ? 6.129   11.608  15.029  1.00 56.81 ? 39  ASP A C   1 
ATOM   120  O O   . ASP A 1 59  ? 7.266   11.547  15.462  1.00 53.12 ? 39  ASP A O   1 
ATOM   121  C CB  . ASP A 1 59  ? 5.084   13.747  15.310  1.00 69.57 ? 39  ASP A CB  1 
ATOM   122  C CG  . ASP A 1 59  ? 4.766   15.106  14.774  1.00 85.29 ? 39  ASP A CG  1 
ATOM   123  O OD1 . ASP A 1 59  ? 5.333   15.497  13.718  1.00 88.16 ? 39  ASP A OD1 1 
ATOM   124  O OD2 . ASP A 1 59  ? 3.936   15.780  15.424  1.00 94.53 ? 39  ASP A OD2 1 
ATOM   125  N N   . ARG A 1 60  ? 5.213   10.666  15.249  1.00 50.59 ? 40  ARG A N   1 
ATOM   126  C CA  . ARG A 1 60  ? 5.463   9.581   16.165  1.00 43.50 ? 40  ARG A CA  1 
ATOM   127  C C   . ARG A 1 60  ? 4.557   8.423   15.921  1.00 43.38 ? 40  ARG A C   1 
ATOM   128  O O   . ARG A 1 60  ? 3.504   8.576   15.283  1.00 42.60 ? 40  ARG A O   1 
ATOM   129  C CB  . ARG A 1 60  ? 5.259   10.048  17.615  1.00 51.42 ? 40  ARG A CB  1 
ATOM   130  C CG  . ARG A 1 60  ? 4.018   10.873  17.872  1.00 49.41 ? 40  ARG A CG  1 
ATOM   131  C CD  . ARG A 1 60  ? 4.056   11.289  19.341  1.00 58.81 ? 40  ARG A CD  1 
ATOM   132  N NE  . ARG A 1 60  ? 2.855   12.014  19.754  1.00 62.80 ? 40  ARG A NE  1 
ATOM   133  C CZ  . ARG A 1 60  ? 2.524   13.218  19.293  1.00 62.00 ? 40  ARG A CZ  1 
ATOM   134  N NH1 . ARG A 1 60  ? 3.299   13.835  18.399  1.00 72.85 ? 40  ARG A NH1 1 
ATOM   135  N NH2 . ARG A 1 60  ? 1.420   13.803  19.715  1.00 58.73 ? 40  ARG A NH2 1 
ATOM   136  N N   . PRO A 1 61  ? 4.944   7.256   16.454  1.00 41.10 ? 41  PRO A N   1 
ATOM   137  C CA  . PRO A 1 61  ? 4.159   6.018   16.352  1.00 46.56 ? 41  PRO A CA  1 
ATOM   138  C C   . PRO A 1 61  ? 2.771   6.106   17.061  1.00 47.77 ? 41  PRO A C   1 
ATOM   139  O O   . PRO A 1 61  ? 2.546   6.977   17.921  1.00 47.47 ? 41  PRO A O   1 
ATOM   140  C CB  . PRO A 1 61  ? 5.049   4.969   17.057  1.00 44.43 ? 41  PRO A CB  1 
ATOM   141  C CG  . PRO A 1 61  ? 5.962   5.771   17.936  1.00 44.67 ? 41  PRO A CG  1 
ATOM   142  C CD  . PRO A 1 61  ? 6.203   7.063   17.207  1.00 43.71 ? 41  PRO A CD  1 
ATOM   143  N N   . LEU A 1 62  ? 1.897   5.179   16.689  1.00 46.74 ? 42  LEU A N   1 
ATOM   144  C CA  . LEU A 1 62  ? 0.565   5.090   17.224  1.00 49.56 ? 42  LEU A CA  1 
ATOM   145  C C   . LEU A 1 62  ? 0.607   4.971   18.762  1.00 55.71 ? 42  LEU A C   1 
ATOM   146  O O   . LEU A 1 62  ? -0.118  5.691   19.457  1.00 51.49 ? 42  LEU A O   1 
ATOM   147  C CB  . LEU A 1 62  ? -0.151  3.892   16.625  1.00 45.82 ? 42  LEU A CB  1 
ATOM   148  C CG  . LEU A 1 62  ? -1.658  3.974   16.891  1.00 42.27 ? 42  LEU A CG  1 
ATOM   149  C CD1 . LEU A 1 62  ? -2.331  5.182   16.210  1.00 45.30 ? 42  LEU A CD1 1 
ATOM   150  C CD2 . LEU A 1 62  ? -2.226  2.641   16.470  1.00 43.73 ? 42  LEU A CD2 1 
ATOM   151  N N   . ALA A 1 63  ? 1.467   4.086   19.278  1.00 54.81 ? 43  ALA A N   1 
ATOM   152  C CA  . ALA A 1 63  ? 1.601   3.905   20.725  1.00 57.50 ? 43  ALA A CA  1 
ATOM   153  C C   . ALA A 1 63  ? 2.149   5.135   21.509  1.00 57.36 ? 43  ALA A C   1 
ATOM   154  O O   . ALA A 1 63  ? 2.096   5.144   22.731  1.00 73.54 ? 43  ALA A O   1 
ATOM   155  C CB  . ALA A 1 63  ? 2.364   2.629   21.039  1.00 55.72 ? 43  ALA A CB  1 
ATOM   156  N N   . ASP A 1 64  ? 2.623   6.174   20.822  1.00 52.64 ? 44  ASP A N   1 
ATOM   157  C CA  . ASP A 1 64  ? 2.900   7.476   21.450  1.00 49.08 ? 44  ASP A CA  1 
ATOM   158  C C   . ASP A 1 64  ? 1.827   8.478   21.164  1.00 48.40 ? 44  ASP A C   1 
ATOM   159  O O   . ASP A 1 64  ? 2.040   9.667   21.394  1.00 50.03 ? 44  ASP A O   1 
ATOM   160  C CB  . ASP A 1 64  ? 4.154   8.106   20.888  1.00 55.61 ? 44  ASP A CB  1 
ATOM   161  C CG  . ASP A 1 64  ? 5.406   7.557   21.502  1.00 65.13 ? 44  ASP A CG  1 
ATOM   162  O OD1 . ASP A 1 64  ? 5.490   6.323   21.695  1.00 64.25 ? 44  ASP A OD1 1 
ATOM   163  O OD2 . ASP A 1 64  ? 6.313   8.372   21.773  1.00 69.94 ? 44  ASP A OD2 1 
ATOM   164  N N   . ILE A 1 65  ? 0.711   8.027   20.584  1.00 47.81 ? 45  ILE A N   1 
ATOM   165  C CA  . ILE A 1 65  ? -0.458  8.894   20.380  1.00 46.13 ? 45  ILE A CA  1 
ATOM   166  C C   . ILE A 1 65  ? -1.573  8.361   21.305  1.00 44.32 ? 45  ILE A C   1 
ATOM   167  O O   . ILE A 1 65  ? -1.867  7.135   21.374  1.00 46.97 ? 45  ILE A O   1 
ATOM   168  C CB  . ILE A 1 65  ? -0.895  9.006   18.880  1.00 45.81 ? 45  ILE A CB  1 
ATOM   169  C CG1 . ILE A 1 65  ? 0.227   9.603   18.006  1.00 42.31 ? 45  ILE A CG1 1 
ATOM   170  C CG2 . ILE A 1 65  ? -2.055  9.972   18.735  1.00 44.19 ? 45  ILE A CG2 1 
ATOM   171  C CD1 . ILE A 1 65  ? 0.049   9.375   16.501  1.00 36.80 ? 45  ILE A CD1 1 
ATOM   172  N N   . SER A 1 66  ? -2.148  9.280   22.071  1.00 50.30 ? 46  SER A N   1 
ATOM   173  C CA  . SER A 1 66  ? -3.209  8.939   23.023  1.00 51.04 ? 46  SER A CA  1 
ATOM   174  C C   . SER A 1 66  ? -4.583  9.246   22.399  1.00 53.75 ? 46  SER A C   1 
ATOM   175  O O   . SER A 1 66  ? -4.662  10.095  21.526  1.00 47.36 ? 46  SER A O   1 
ATOM   176  C CB  . SER A 1 66  ? -3.015  9.727   24.327  1.00 48.24 ? 46  SER A CB  1 
ATOM   177  O OG  . SER A 1 66  ? -2.913  11.137  24.119  1.00 47.27 ? 46  SER A OG  1 
ATOM   178  N N   . VAL A 1 67  ? -5.656  8.571   22.836  1.00 54.19 ? 47  VAL A N   1 
ATOM   179  C CA  . VAL A 1 67  ? -7.009  9.042   22.467  1.00 50.32 ? 47  VAL A CA  1 
ATOM   180  C C   . VAL A 1 67  ? -7.197  10.539  22.746  1.00 48.30 ? 47  VAL A C   1 
ATOM   181  O O   . VAL A 1 67  ? -7.759  11.274  21.923  1.00 46.54 ? 47  VAL A O   1 
ATOM   182  C CB  . VAL A 1 67  ? -8.123  8.211   23.105  1.00 50.37 ? 47  VAL A CB  1 
ATOM   183  C CG1 . VAL A 1 67  ? -9.473  8.870   22.866  1.00 49.31 ? 47  VAL A CG1 1 
ATOM   184  C CG2 . VAL A 1 67  ? -8.142  6.809   22.509  1.00 48.82 ? 47  VAL A CG2 1 
ATOM   185  N N   . ASP A 1 68  ? -6.685  10.998  23.887  1.00 57.10 ? 48  ASP A N   1 
ATOM   186  C CA  . ASP A 1 68  ? -6.845  12.411  24.285  1.00 57.56 ? 48  ASP A CA  1 
ATOM   187  C C   . ASP A 1 68  ? -6.156  13.343  23.274  1.00 48.35 ? 48  ASP A C   1 
ATOM   188  O O   . ASP A 1 68  ? -6.698  14.404  22.894  1.00 40.45 ? 48  ASP A O   1 
ATOM   189  C CB  . ASP A 1 68  ? -6.453  12.674  25.779  1.00 58.97 ? 48  ASP A CB  1 
ATOM   190  C CG  . ASP A 1 68  ? -7.421  11.957  26.835  1.00 63.85 ? 48  ASP A CG  1 
ATOM   191  O OD1 . ASP A 1 68  ? -6.872  11.457  27.834  1.00 65.77 ? 48  ASP A OD1 1 
ATOM   192  O OD2 . ASP A 1 68  ? -8.694  11.890  26.722  1.00 56.24 ? 48  ASP A OD2 1 
ATOM   193  N N   . ASP A 1 69  ? -4.971  12.910  22.811  1.00 53.32 ? 49  ASP A N   1 
ATOM   194  C CA  . ASP A 1 69  ? -4.292  13.516  21.643  1.00 50.18 ? 49  ASP A CA  1 
ATOM   195  C C   . ASP A 1 69  ? -5.205  13.668  20.421  1.00 40.81 ? 49  ASP A C   1 
ATOM   196  O O   . ASP A 1 69  ? -5.342  14.758  19.832  1.00 44.07 ? 49  ASP A O   1 
ATOM   197  C CB  . ASP A 1 69  ? -3.132  12.616  21.175  1.00 57.34 ? 49  ASP A CB  1 
ATOM   198  C CG  . ASP A 1 69  ? -1.915  12.701  22.047  1.00 62.49 ? 49  ASP A CG  1 
ATOM   199  O OD1 . ASP A 1 69  ? -1.620  13.791  22.581  1.00 62.80 ? 49  ASP A OD1 1 
ATOM   200  O OD2 . ASP A 1 69  ? -1.238  11.653  22.156  1.00 60.29 ? 49  ASP A OD2 1 
ATOM   201  N N   . LEU A 1 70  ? -5.780  12.550  19.991  1.00 38.43 ? 50  LEU A N   1 
ATOM   202  C CA  . LEU A 1 70  ? -6.657  12.579  18.798  1.00 31.90 ? 50  LEU A CA  1 
ATOM   203  C C   . LEU A 1 70  ? -7.854  13.492  18.988  1.00 35.74 ? 50  LEU A C   1 
ATOM   204  O O   . LEU A 1 70  ? -8.202  14.318  18.122  1.00 31.21 ? 50  LEU A O   1 
ATOM   205  C CB  . LEU A 1 70  ? -7.085  11.171  18.508  1.00 34.88 ? 50  LEU A CB  1 
ATOM   206  C CG  . LEU A 1 70  ? -5.857  10.333  18.126  1.00 35.50 ? 50  LEU A CG  1 
ATOM   207  C CD1 . LEU A 1 70  ? -6.299  8.895   17.939  1.00 37.28 ? 50  LEU A CD1 1 
ATOM   208  C CD2 . LEU A 1 70  ? -5.205  10.941  16.879  1.00 35.60 ? 50  LEU A CD2 1 
ATOM   209  N N   . ALA A 1 71  ? -8.481  13.350  20.173  1.00 40.98 ? 51  ALA A N   1 
ATOM   210  C CA  . ALA A 1 71  ? -9.634  14.156  20.565  1.00 35.16 ? 51  ALA A CA  1 
ATOM   211  C C   . ALA A 1 71  ? -9.217  15.606  20.550  1.00 32.25 ? 51  ALA A C   1 
ATOM   212  O O   . ALA A 1 71  ? -9.882  16.455  19.961  1.00 31.86 ? 51  ALA A O   1 
ATOM   213  C CB  . ALA A 1 71  ? -10.111 13.718  21.956  1.00 33.02 ? 51  ALA A CB  1 
ATOM   214  N N   . LYS A 1 72  ? -8.101  15.912  21.199  1.00 40.65 ? 52  LYS A N   1 
ATOM   215  C CA  . LYS A 1 72  ? -7.686  17.330  21.270  1.00 43.89 ? 52  LYS A CA  1 
ATOM   216  C C   . LYS A 1 72  ? -7.533  17.883  19.843  1.00 46.35 ? 52  LYS A C   1 
ATOM   217  O O   . LYS A 1 72  ? -8.198  18.872  19.448  1.00 38.04 ? 52  LYS A O   1 
ATOM   218  C CB  . LYS A 1 72  ? -6.404  17.458  22.129  1.00 54.90 ? 52  LYS A CB  1 
ATOM   219  C CG  . LYS A 1 72  ? -5.791  18.861  22.343  1.00 62.44 ? 52  LYS A CG  1 
ATOM   220  C CD  . LYS A 1 72  ? -6.702  19.869  23.059  1.00 77.78 ? 52  LYS A CD  1 
ATOM   221  C CE  . LYS A 1 72  ? -6.904  19.586  24.561  1.00 84.96 ? 52  LYS A CE  1 
ATOM   222  N NZ  . LYS A 1 72  ? -6.112  20.404  25.537  1.00 86.39 ? 52  LYS A NZ  1 
ATOM   223  N N   . GLY A 1 73  ? -6.734  17.181  19.019  1.00 43.58 ? 53  GLY A N   1 
ATOM   224  C CA  . GLY A 1 73  ? -6.511  17.688  17.671  1.00 42.60 ? 53  GLY A CA  1 
ATOM   225  C C   . GLY A 1 73  ? -7.788  17.884  16.903  1.00 38.04 ? 53  GLY A C   1 
ATOM   226  O O   . GLY A 1 73  ? -7.898  18.789  16.084  1.00 42.04 ? 53  GLY A O   1 
ATOM   227  N N   . ALA A 1 74  ? -8.778  17.025  17.128  1.00 39.19 ? 54  ALA A N   1 
ATOM   228  C CA  . ALA A 1 74  ? -10.021 17.057  16.312  1.00 35.60 ? 54  ALA A CA  1 
ATOM   229  C C   . ALA A 1 74  ? -11.036 18.061  16.846  1.00 32.54 ? 54  ALA A C   1 
ATOM   230  O O   . ALA A 1 74  ? -12.096 18.295  16.253  1.00 33.98 ? 54  ALA A O   1 
ATOM   231  C CB  . ALA A 1 74  ? -10.623 15.642  16.235  1.00 34.64 ? 54  ALA A CB  1 
ATOM   232  N N   . GLY A 1 75  ? -10.718 18.651  17.992  1.00 40.29 ? 55  GLY A N   1 
ATOM   233  C CA  . GLY A 1 75  ? -11.577 19.697  18.588  1.00 37.40 ? 55  GLY A CA  1 
ATOM   234  C C   . GLY A 1 75  ? -12.788 19.112  19.329  1.00 36.22 ? 55  GLY A C   1 
ATOM   235  O O   . GLY A 1 75  ? -13.866 19.690  19.286  1.00 33.26 ? 55  GLY A O   1 
ATOM   236  N N   . ILE A 1 76  ? -12.625 17.953  19.961  1.00 33.61 ? 56  ILE A N   1 
ATOM   237  C CA  . ILE A 1 76  ? -13.797 17.263  20.546  1.00 32.52 ? 56  ILE A CA  1 
ATOM   238  C C   . ILE A 1 76  ? -13.373 16.717  21.868  1.00 31.15 ? 56  ILE A C   1 
ATOM   239  O O   . ILE A 1 76  ? -12.181 16.677  22.174  1.00 28.73 ? 56  ILE A O   1 
ATOM   240  C CB  . ILE A 1 76  ? -14.384 16.101  19.666  1.00 26.62 ? 56  ILE A CB  1 
ATOM   241  C CG1 . ILE A 1 76  ? -13.323 14.994  19.452  1.00 29.05 ? 56  ILE A CG1 1 
ATOM   242  C CG2 . ILE A 1 76  ? -15.117 16.607  18.404  1.00 27.95 ? 56  ILE A CG2 1 
ATOM   243  C CD1 . ILE A 1 76  ? -13.801 13.779  18.660  1.00 30.19 ? 56  ILE A CD1 1 
ATOM   244  N N   . SER A 1 77  ? -14.341 16.252  22.681  1.00 30.37 ? 57  SER A N   1 
ATOM   245  C CA  . SER A 1 77  ? -13.946 15.622  23.939  1.00 25.87 ? 57  SER A CA  1 
ATOM   246  C C   . SER A 1 77  ? -13.543 14.177  23.725  1.00 27.71 ? 57  SER A C   1 
ATOM   247  O O   . SER A 1 77  ? -13.836 13.561  22.686  1.00 31.20 ? 57  SER A O   1 
ATOM   248  C CB  . SER A 1 77  ? -15.118 15.735  24.960  1.00 26.38 ? 57  SER A CB  1 
ATOM   249  O OG  . SER A 1 77  ? -16.193 14.904  24.496  1.00 23.07 ? 57  SER A OG  1 
ATOM   250  N N   . ARG A 1 78  ? -12.887 13.593  24.710  1.00 27.05 ? 58  ARG A N   1 
ATOM   251  C CA  . ARG A 1 78  ? -12.709 12.135  24.726  1.00 29.14 ? 58  ARG A CA  1 
ATOM   252  C C   . ARG A 1 78  ? -13.942 11.244  24.611  1.00 29.81 ? 58  ARG A C   1 
ATOM   253  O O   . ARG A 1 78  ? -13.982 10.363  23.675  1.00 25.02 ? 58  ARG A O   1 
ATOM   254  C CB  . ARG A 1 78  ? -11.751 11.758  25.887  1.00 37.14 ? 58  ARG A CB  1 
ATOM   255  C CG  . ARG A 1 78  ? -11.694 10.309  26.353  1.00 46.07 ? 58  ARG A CG  1 
ATOM   256  C CD  . ARG A 1 78  ? -10.851 10.199  27.642  1.00 52.16 ? 58  ARG A CD  1 
ATOM   257  N NE  . ARG A 1 78  ? -10.444 8.840   27.967  1.00 55.39 ? 58  ARG A NE  1 
ATOM   258  C CZ  . ARG A 1 78  ? -9.327  8.248   27.507  1.00 64.15 ? 58  ARG A CZ  1 
ATOM   259  N NH1 . ARG A 1 78  ? -8.512  8.887   26.689  1.00 67.89 ? 58  ARG A NH1 1 
ATOM   260  N NH2 . ARG A 1 78  ? -9.020  7.000   27.848  1.00 65.48 ? 58  ARG A NH2 1 
ATOM   261  N N   . PRO A 1 79  ? -15.025 11.445  25.480  1.00 23.03 ? 59  PRO A N   1 
ATOM   262  C CA  . PRO A 1 79  ? -16.133 10.547  25.205  1.00 24.86 ? 59  PRO A CA  1 
ATOM   263  C C   . PRO A 1 79  ? -16.726 10.803  23.834  1.00 22.19 ? 59  PRO A C   1 
ATOM   264  O O   . PRO A 1 79  ? -17.310 9.913   23.247  1.00 23.20 ? 59  PRO A O   1 
ATOM   265  C CB  . PRO A 1 79  ? -17.212 10.902  26.332  1.00 25.20 ? 59  PRO A CB  1 
ATOM   266  C CG  . PRO A 1 79  ? -16.807 12.231  26.783  1.00 24.30 ? 59  PRO A CG  1 
ATOM   267  C CD  . PRO A 1 79  ? -15.253 12.215  26.709  1.00 28.03 ? 59  PRO A CD  1 
ATOM   268  N N   . THR A 1 80  ? -16.666 12.037  23.355  1.00 23.61 ? 60  THR A N   1 
ATOM   269  C CA  . THR A 1 80  ? -17.139 12.249  21.955  1.00 23.18 ? 60  THR A CA  1 
ATOM   270  C C   . THR A 1 80  ? -16.310 11.442  20.892  1.00 24.36 ? 60  THR A C   1 
ATOM   271  O O   . THR A 1 80  ? -16.868 10.857  19.930  1.00 26.23 ? 60  THR A O   1 
ATOM   272  C CB  . THR A 1 80  ? -17.165 13.713  21.588  1.00 23.43 ? 60  THR A CB  1 
ATOM   273  O OG1 . THR A 1 80  ? -18.233 14.354  22.292  1.00 22.43 ? 60  THR A OG1 1 
ATOM   274  C CG2 . THR A 1 80  ? -17.504 13.818  20.105  1.00 23.92 ? 60  THR A CG2 1 
ATOM   275  N N   . PHE A 1 81  ? -15.004 11.383  21.096  1.00 23.99 ? 61  PHE A N   1 
ATOM   276  C CA  . PHE A 1 81  ? -14.144 10.517  20.293  1.00 26.90 ? 61  PHE A CA  1 
ATOM   277  C C   . PHE A 1 81  ? -14.674 9.085   20.272  1.00 32.43 ? 61  PHE A C   1 
ATOM   278  O O   . PHE A 1 81  ? -14.801 8.472   19.181  1.00 27.59 ? 61  PHE A O   1 
ATOM   279  C CB  . PHE A 1 81  ? -12.710 10.511  20.861  1.00 27.19 ? 61  PHE A CB  1 
ATOM   280  C CG  . PHE A 1 81  ? -11.808 9.482   20.203  1.00 31.37 ? 61  PHE A CG  1 
ATOM   281  C CD1 . PHE A 1 81  ? -10.948 9.877   19.152  1.00 34.76 ? 61  PHE A CD1 1 
ATOM   282  C CD2 . PHE A 1 81  ? -11.816 8.141   20.594  1.00 32.49 ? 61  PHE A CD2 1 
ATOM   283  C CE1 . PHE A 1 81  ? -10.112 8.937   18.560  1.00 36.34 ? 61  PHE A CE1 1 
ATOM   284  C CE2 . PHE A 1 81  ? -10.993 7.188   19.996  1.00 35.38 ? 61  PHE A CE2 1 
ATOM   285  C CZ  . PHE A 1 81  ? -10.137 7.600   18.962  1.00 32.28 ? 61  PHE A CZ  1 
ATOM   286  N N   . TYR A 1 82  ? -14.963 8.539   21.474  1.00 30.48 ? 62  TYR A N   1 
ATOM   287  C CA  . TYR A 1 82  ? -15.447 7.161   21.567  1.00 27.49 ? 62  TYR A CA  1 
ATOM   288  C C   . TYR A 1 82  ? -16.748 6.932   20.936  1.00 27.46 ? 62  TYR A C   1 
ATOM   289  O O   . TYR A 1 82  ? -17.116 5.807   20.628  1.00 28.63 ? 62  TYR A O   1 
ATOM   290  C CB  . TYR A 1 82  ? -15.437 6.653   23.007  1.00 31.05 ? 62  TYR A CB  1 
ATOM   291  C CG  . TYR A 1 82  ? -14.054 6.459   23.561  1.00 36.23 ? 62  TYR A CG  1 
ATOM   292  C CD1 . TYR A 1 82  ? -13.280 5.348   23.188  1.00 36.55 ? 62  TYR A CD1 1 
ATOM   293  C CD2 . TYR A 1 82  ? -13.505 7.376   24.455  1.00 37.85 ? 62  TYR A CD2 1 
ATOM   294  C CE1 . TYR A 1 82  ? -12.006 5.158   23.710  1.00 35.25 ? 62  TYR A CE1 1 
ATOM   295  C CE2 . TYR A 1 82  ? -12.220 7.182   24.951  1.00 45.01 ? 62  TYR A CE2 1 
ATOM   296  C CZ  . TYR A 1 82  ? -11.495 6.053   24.563  1.00 41.88 ? 62  TYR A CZ  1 
ATOM   297  O OH  . TYR A 1 82  ? -10.233 5.845   25.053  1.00 46.01 ? 62  TYR A OH  1 
ATOM   298  N N   . PHE A 1 83  ? -17.475 7.996   20.641  1.00 29.42 ? 63  PHE A N   1 
ATOM   299  C CA  . PHE A 1 83  ? -18.626 7.766   19.835  1.00 27.15 ? 63  PHE A CA  1 
ATOM   300  C C   . PHE A 1 83  ? -18.328 7.339   18.365  1.00 37.07 ? 63  PHE A C   1 
ATOM   301  O O   . PHE A 1 83  ? -19.103 6.563   17.775  1.00 35.44 ? 63  PHE A O   1 
ATOM   302  C CB  . PHE A 1 83  ? -19.462 9.017   19.809  1.00 27.42 ? 63  PHE A CB  1 
ATOM   303  C CG  . PHE A 1 83  ? -20.748 8.857   19.085  1.00 30.55 ? 63  PHE A CG  1 
ATOM   304  C CD1 . PHE A 1 83  ? -21.811 8.138   19.679  1.00 34.47 ? 63  PHE A CD1 1 
ATOM   305  C CD2 . PHE A 1 83  ? -20.911 9.380   17.809  1.00 32.62 ? 63  PHE A CD2 1 
ATOM   306  C CE1 . PHE A 1 83  ? -23.019 7.974   19.019  1.00 31.50 ? 63  PHE A CE1 1 
ATOM   307  C CE2 . PHE A 1 83  ? -22.105 9.209   17.142  1.00 36.52 ? 63  PHE A CE2 1 
ATOM   308  C CZ  . PHE A 1 83  ? -23.160 8.521   17.748  1.00 36.09 ? 63  PHE A CZ  1 
ATOM   309  N N   . TYR A 1 84  ? -17.295 7.934   17.746  1.00 33.08 ? 64  TYR A N   1 
ATOM   310  C CA  . TYR A 1 84  ? -16.886 7.656   16.313  1.00 29.71 ? 64  TYR A CA  1 
ATOM   311  C C   . TYR A 1 84  ? -15.971 6.433   16.197  1.00 30.60 ? 64  TYR A C   1 
ATOM   312  O O   . TYR A 1 84  ? -16.061 5.686   15.225  1.00 36.26 ? 64  TYR A O   1 
ATOM   313  C CB  . TYR A 1 84  ? -16.169 8.907   15.781  1.00 28.12 ? 64  TYR A CB  1 
ATOM   314  C CG  . TYR A 1 84  ? -17.129 10.045  15.679  1.00 29.30 ? 64  TYR A CG  1 
ATOM   315  C CD1 . TYR A 1 84  ? -18.059 10.067  14.658  1.00 35.35 ? 64  TYR A CD1 1 
ATOM   316  C CD2 . TYR A 1 84  ? -17.185 11.055  16.644  1.00 31.32 ? 64  TYR A CD2 1 
ATOM   317  C CE1 . TYR A 1 84  ? -18.993 11.084  14.542  1.00 36.26 ? 64  TYR A CE1 1 
ATOM   318  C CE2 . TYR A 1 84  ? -18.136 12.088  16.538  1.00 34.02 ? 64  TYR A CE2 1 
ATOM   319  C CZ  . TYR A 1 84  ? -19.019 12.085  15.472  1.00 36.57 ? 64  TYR A CZ  1 
ATOM   320  O OH  . TYR A 1 84  ? -19.947 13.065  15.319  1.00 42.32 ? 64  TYR A OH  1 
ATOM   321  N N   . PHE A 1 85  ? -15.086 6.235   17.173  1.00 29.58 ? 65  PHE A N   1 
ATOM   322  C CA  . PHE A 1 85  ? -14.155 5.128   17.134  1.00 33.16 ? 65  PHE A CA  1 
ATOM   323  C C   . PHE A 1 85  ? -14.039 4.432   18.447  1.00 37.89 ? 65  PHE A C   1 
ATOM   324  O O   . PHE A 1 85  ? -13.857 5.079   19.488  1.00 35.46 ? 65  PHE A O   1 
ATOM   325  C CB  . PHE A 1 85  ? -12.716 5.600   16.725  1.00 30.86 ? 65  PHE A CB  1 
ATOM   326  C CG  . PHE A 1 85  ? -12.666 6.138   15.327  1.00 32.80 ? 65  PHE A CG  1 
ATOM   327  C CD1 . PHE A 1 85  ? -12.494 5.257   14.218  1.00 32.53 ? 65  PHE A CD1 1 
ATOM   328  C CD2 . PHE A 1 85  ? -12.855 7.498   15.075  1.00 31.94 ? 65  PHE A CD2 1 
ATOM   329  C CE1 . PHE A 1 85  ? -12.484 5.751   12.917  1.00 32.44 ? 65  PHE A CE1 1 
ATOM   330  C CE2 . PHE A 1 85  ? -12.831 7.999   13.760  1.00 31.16 ? 65  PHE A CE2 1 
ATOM   331  C CZ  . PHE A 1 85  ? -12.657 7.116   12.692  1.00 34.11 ? 65  PHE A CZ  1 
ATOM   332  N N   . PRO A 1 86  ? -14.029 3.083   18.378  1.00 40.43 ? 66  PRO A N   1 
ATOM   333  C CA  . PRO A 1 86  ? -13.820 2.244   19.554  1.00 41.01 ? 66  PRO A CA  1 
ATOM   334  C C   . PRO A 1 86  ? -12.485 2.397   20.195  1.00 43.95 ? 66  PRO A C   1 
ATOM   335  O O   . PRO A 1 86  ? -12.414 2.135   21.377  1.00 37.22 ? 66  PRO A O   1 
ATOM   336  C CB  . PRO A 1 86  ? -14.027 0.803   19.039  1.00 44.01 ? 66  PRO A CB  1 
ATOM   337  C CG  . PRO A 1 86  ? -14.081 0.908   17.531  1.00 44.80 ? 66  PRO A CG  1 
ATOM   338  C CD  . PRO A 1 86  ? -14.529 2.315   17.215  1.00 39.36 ? 66  PRO A CD  1 
ATOM   339  N N   . SER A 1 87  ? -11.439 2.829   19.453  1.00 42.36 ? 67  SER A N   1 
ATOM   340  C CA  . SER A 1 87  ? -10.045 2.946   19.968  1.00 41.37 ? 67  SER A CA  1 
ATOM   341  C C   . SER A 1 87  ? -9.100  3.652   18.965  1.00 41.40 ? 67  SER A C   1 
ATOM   342  O O   . SER A 1 87  ? -9.446  3.789   17.784  1.00 32.83 ? 67  SER A O   1 
ATOM   343  C CB  . SER A 1 87  ? -9.438  1.555   20.197  1.00 46.64 ? 67  SER A CB  1 
ATOM   344  O OG  . SER A 1 87  ? -9.494  0.813   19.001  1.00 46.24 ? 67  SER A OG  1 
ATOM   345  N N   . LYS A 1 88  ? -7.910  4.046   19.400  1.00 40.13 ? 68  LYS A N   1 
ATOM   346  C CA  . LYS A 1 88  ? -6.930  4.660   18.459  1.00 38.71 ? 68  LYS A CA  1 
ATOM   347  C C   . LYS A 1 88  ? -6.545  3.696   17.294  1.00 44.27 ? 68  LYS A C   1 
ATOM   348  O O   . LYS A 1 88  ? -6.323  4.137   16.137  1.00 38.05 ? 68  LYS A O   1 
ATOM   349  C CB  . LYS A 1 88  ? -5.718  5.218   19.195  1.00 40.47 ? 68  LYS A CB  1 
ATOM   350  C CG  . LYS A 1 88  ? -4.713  4.151   19.623  1.00 45.42 ? 68  LYS A CG  1 
ATOM   351  C CD  . LYS A 1 88  ? -3.815  4.700   20.715  1.00 48.28 ? 68  LYS A CD  1 
ATOM   352  C CE  . LYS A 1 88  ? -2.770  3.688   21.163  1.00 51.18 ? 68  LYS A CE  1 
ATOM   353  N NZ  . LYS A 1 88  ? -1.783  4.384   22.033  1.00 51.31 ? 68  LYS A NZ  1 
ATOM   354  N N   . GLU A 1 89  ? -6.556  2.386   17.588  1.00 41.21 ? 69  GLU A N   1 
ATOM   355  C CA  . GLU A 1 89  ? -6.268  1.308   16.627  1.00 40.22 ? 69  GLU A CA  1 
ATOM   356  C C   . GLU A 1 89  ? -7.356  1.262   15.594  1.00 42.66 ? 69  GLU A C   1 
ATOM   357  O O   . GLU A 1 89  ? -7.105  0.989   14.405  1.00 35.93 ? 69  GLU A O   1 
ATOM   358  C CB  . GLU A 1 89  ? -6.118  -0.059  17.326  1.00 42.40 ? 69  GLU A CB  1 
ATOM   359  C CG  . GLU A 1 89  ? -4.854  -0.174  18.218  1.00 49.55 ? 69  GLU A CG  1 
ATOM   360  C CD  . GLU A 1 89  ? -4.962  0.497   19.604  1.00 55.09 ? 69  GLU A CD  1 
ATOM   361  O OE1 . GLU A 1 89  ? -6.069  0.499   20.212  1.00 52.66 ? 69  GLU A OE1 1 
ATOM   362  O OE2 . GLU A 1 89  ? -3.926  1.031   20.087  1.00 54.24 ? 69  GLU A OE2 1 
ATOM   363  N N   . ALA A 1 90  ? -8.595  1.544   15.995  1.00 33.79 ? 70  ALA A N   1 
ATOM   364  C CA  . ALA A 1 90  ? -9.652  1.547   14.980  1.00 29.52 ? 70  ALA A CA  1 
ATOM   365  C C   . ALA A 1 90  ? -9.445  2.729   13.999  1.00 28.23 ? 70  ALA A C   1 
ATOM   366  O O   . ALA A 1 90  ? -9.800  2.648   12.839  1.00 29.67 ? 70  ALA A O   1 
ATOM   367  C CB  . ALA A 1 90  ? -11.011 1.627   15.643  1.00 34.10 ? 70  ALA A CB  1 
ATOM   368  N N   . VAL A 1 91  ? -8.911  3.833   14.495  1.00 27.55 ? 71  VAL A N   1 
ATOM   369  C CA  . VAL A 1 91  ? -8.691  5.040   13.659  1.00 29.45 ? 71  VAL A CA  1 
ATOM   370  C C   . VAL A 1 91  ? -7.618  4.664   12.587  1.00 28.19 ? 71  VAL A C   1 
ATOM   371  O O   . VAL A 1 91  ? -7.806  4.962   11.426  1.00 28.67 ? 71  VAL A O   1 
ATOM   372  C CB  . VAL A 1 91  ? -8.200  6.245   14.492  1.00 26.06 ? 71  VAL A CB  1 
ATOM   373  C CG1 . VAL A 1 91  ? -7.921  7.497   13.622  1.00 26.10 ? 71  VAL A CG1 1 
ATOM   374  C CG2 . VAL A 1 91  ? -9.262  6.626   15.573  1.00 27.11 ? 71  VAL A CG2 1 
ATOM   375  N N   . LEU A 1 92  ? -6.519  4.057   13.023  1.00 27.64 ? 72  LEU A N   1 
ATOM   376  C CA  . LEU A 1 92  ? -5.433  3.612   12.066  1.00 32.39 ? 72  LEU A CA  1 
ATOM   377  C C   . LEU A 1 92  ? -5.970  2.644   11.007  1.00 32.26 ? 72  LEU A C   1 
ATOM   378  O O   . LEU A 1 92  ? -5.715  2.792   9.816   1.00 28.59 ? 72  LEU A O   1 
ATOM   379  C CB  . LEU A 1 92  ? -4.273  2.953   12.824  1.00 30.59 ? 72  LEU A CB  1 
ATOM   380  C CG  . LEU A 1 92  ? -3.198  2.297   11.916  1.00 33.26 ? 72  LEU A CG  1 
ATOM   381  C CD1 . LEU A 1 92  ? -2.589  3.370   10.993  1.00 29.19 ? 72  LEU A CD1 1 
ATOM   382  C CD2 . LEU A 1 92  ? -2.114  1.632   12.759  1.00 31.77 ? 72  LEU A CD2 1 
ATOM   383  N N   . LEU A 1 93  ? -6.770  1.661   11.449  1.00 27.17 ? 73  LEU A N   1 
ATOM   384  C CA  . LEU A 1 93  ? -7.451  0.778   10.530  1.00 28.12 ? 73  LEU A CA  1 
ATOM   385  C C   . LEU A 1 93  ? -8.262  1.469   9.481   1.00 31.27 ? 73  LEU A C   1 
ATOM   386  O O   . LEU A 1 93  ? -8.313  1.038   8.288   1.00 29.56 ? 73  LEU A O   1 
ATOM   387  C CB  . LEU A 1 93  ? -8.285  -0.278  11.292  1.00 30.29 ? 73  LEU A CB  1 
ATOM   388  C CG  . LEU A 1 93  ? -9.119  -1.323  10.512  1.00 35.25 ? 73  LEU A CG  1 
ATOM   389  C CD1 . LEU A 1 93  ? -8.220  -2.280  9.719   1.00 34.85 ? 73  LEU A CD1 1 
ATOM   390  C CD2 . LEU A 1 93  ? -9.936  -2.111  11.551  1.00 38.34 ? 73  LEU A CD2 1 
ATOM   391  N N   . THR A 1 94  ? -8.919  2.562   9.879   1.00 29.38 ? 74  THR A N   1 
ATOM   392  C CA  . THR A 1 94  ? -9.759  3.248   8.931   1.00 25.16 ? 74  THR A CA  1 
ATOM   393  C C   . THR A 1 94  ? -8.892  4.010   7.945   1.00 22.43 ? 74  THR A C   1 
ATOM   394  O O   . THR A 1 94  ? -9.201  4.025   6.742   1.00 25.35 ? 74  THR A O   1 
ATOM   395  C CB  . THR A 1 94  ? -10.707 4.259   9.639   1.00 29.63 ? 74  THR A CB  1 
ATOM   396  O OG1 . THR A 1 94  ? -11.707 3.523   10.314  1.00 31.86 ? 74  THR A OG1 1 
ATOM   397  C CG2 . THR A 1 94  ? -11.433 5.113   8.655   1.00 24.51 ? 74  THR A CG2 1 
ATOM   398  N N   . LEU A 1 95  ? -7.845  4.640   8.468   1.00 23.29 ? 75  LEU A N   1 
ATOM   399  C CA  . LEU A 1 95  ? -6.884  5.414   7.616   1.00 26.81 ? 75  LEU A CA  1 
ATOM   400  C C   . LEU A 1 95  ? -6.250  4.455   6.605   1.00 24.65 ? 75  LEU A C   1 
ATOM   401  O O   . LEU A 1 95  ? -6.215  4.736   5.369   1.00 25.53 ? 75  LEU A O   1 
ATOM   402  C CB  . LEU A 1 95  ? -5.793  6.034   8.469   1.00 24.53 ? 75  LEU A CB  1 
ATOM   403  C CG  . LEU A 1 95  ? -6.133  7.299   9.278   1.00 26.37 ? 75  LEU A CG  1 
ATOM   404  C CD1 . LEU A 1 95  ? -4.970  7.533   10.240  1.00 30.60 ? 75  LEU A CD1 1 
ATOM   405  C CD2 . LEU A 1 95  ? -6.401  8.510   8.389   1.00 30.03 ? 75  LEU A CD2 1 
ATOM   406  N N   . LEU A 1 96  ? -5.829  3.297   7.115   1.00 24.39 ? 76  LEU A N   1 
ATOM   407  C CA  . LEU A 1 96  ? -5.215  2.291   6.228   1.00 24.86 ? 76  LEU A CA  1 
ATOM   408  C C   . LEU A 1 96  ? -6.226  1.813   5.193   1.00 25.18 ? 76  LEU A C   1 
ATOM   409  O O   . LEU A 1 96  ? -5.947  1.772   4.005   1.00 23.55 ? 76  LEU A O   1 
ATOM   410  C CB  . LEU A 1 96  ? -4.628  1.147   7.041   1.00 24.61 ? 76  LEU A CB  1 
ATOM   411  C CG  . LEU A 1 96  ? -3.972  0.045   6.175   1.00 30.67 ? 76  LEU A CG  1 
ATOM   412  C CD1 . LEU A 1 96  ? -2.783  0.649   5.421   1.00 25.83 ? 76  LEU A CD1 1 
ATOM   413  C CD2 . LEU A 1 96  ? -3.521  -1.089  7.080   1.00 27.43 ? 76  LEU A CD2 1 
ATOM   414  N N   . ASP A 1 97  ? -7.437  1.472   5.625   1.00 25.82 ? 77  ASP A N   1 
ATOM   415  C CA  . ASP A 1 97  ? -8.494  1.123   4.695   1.00 24.33 ? 77  ASP A CA  1 
ATOM   416  C C   . ASP A 1 97  ? -8.700  2.137   3.587   1.00 27.81 ? 77  ASP A C   1 
ATOM   417  O O   . ASP A 1 97  ? -8.889  1.744   2.436   1.00 26.16 ? 77  ASP A O   1 
ATOM   418  C CB  . ASP A 1 97  ? -9.820  0.924   5.445   1.00 30.21 ? 77  ASP A CB  1 
ATOM   419  C CG  . ASP A 1 97  ? -10.898 0.495   4.540   1.00 34.90 ? 77  ASP A CG  1 
ATOM   420  O OD1 . ASP A 1 97  ? -11.071 -0.703  4.363   1.00 38.33 ? 77  ASP A OD1 1 
ATOM   421  O OD2 . ASP A 1 97  ? -11.548 1.364   3.930   1.00 42.99 ? 77  ASP A OD2 1 
ATOM   422  N N   . ARG A 1 98  ? -8.688  3.453   3.894   1.00 24.15 ? 78  ARG A N   1 
ATOM   423  C CA  . ARG A 1 98  ? -8.907  4.428   2.829   1.00 25.94 ? 78  ARG A CA  1 
ATOM   424  C C   . ARG A 1 98  ? -7.690  4.461   1.864   1.00 22.26 ? 78  ARG A C   1 
ATOM   425  O O   . ARG A 1 98  ? -7.842  4.609   0.659   1.00 22.58 ? 78  ARG A O   1 
ATOM   426  C CB  . ARG A 1 98  ? -9.110  5.812   3.438   1.00 31.09 ? 78  ARG A CB  1 
ATOM   427  C CG  . ARG A 1 98  ? -10.201 5.847   4.514   1.00 37.68 ? 78  ARG A CG  1 
ATOM   428  C CD  . ARG A 1 98  ? -9.991  7.084   5.375   1.00 40.59 ? 78  ARG A CD  1 
ATOM   429  N NE  . ARG A 1 98  ? -10.087 8.274   4.537   1.00 50.69 ? 78  ARG A NE  1 
ATOM   430  C CZ  . ARG A 1 98  ? -11.210 8.953   4.322   1.00 56.43 ? 78  ARG A CZ  1 
ATOM   431  N NH1 . ARG A 1 98  ? -12.349 8.590   4.924   1.00 55.79 ? 78  ARG A NH1 1 
ATOM   432  N NH2 . ARG A 1 98  ? -11.188 10.004  3.513   1.00 56.42 ? 78  ARG A NH2 1 
ATOM   433  N N   . VAL A 1 99  ? -6.494  4.359   2.425   1.00 22.67 ? 79  VAL A N   1 
ATOM   434  C CA  . VAL A 1 99  ? -5.248  4.397   1.597   1.00 24.36 ? 79  VAL A CA  1 
ATOM   435  C C   . VAL A 1 99  ? -5.228  3.157   0.632   1.00 26.70 ? 79  VAL A C   1 
ATOM   436  O O   . VAL A 1 99  ? -5.041  3.323   -0.594  1.00 25.26 ? 79  VAL A O   1 
ATOM   437  C CB  . VAL A 1 99  ? -3.987  4.447   2.495   1.00 26.17 ? 79  VAL A CB  1 
ATOM   438  C CG1 . VAL A 1 99  ? -2.713  4.251   1.661   1.00 23.11 ? 79  VAL A CG1 1 
ATOM   439  C CG2 . VAL A 1 99  ? -3.928  5.805   3.236   1.00 23.09 ? 79  VAL A CG2 1 
ATOM   440  N N   . VAL A 1 100 ? -5.502  1.944   1.153   1.00 21.25 ? 80  VAL A N   1 
ATOM   441  C CA  . VAL A 1 100 ? -5.404  0.741   0.286   1.00 21.61 ? 80  VAL A CA  1 
ATOM   442  C C   . VAL A 1 100 ? -6.501  0.784   -0.729  1.00 24.22 ? 80  VAL A C   1 
ATOM   443  O O   . VAL A 1 100 ? -6.309  0.447   -1.887  1.00 20.73 ? 80  VAL A O   1 
ATOM   444  C CB  . VAL A 1 100 ? -5.302  -0.642  0.994   1.00 25.18 ? 80  VAL A CB  1 
ATOM   445  C CG1 . VAL A 1 100 ? -4.155  -0.696  2.013   1.00 23.34 ? 80  VAL A CG1 1 
ATOM   446  C CG2 . VAL A 1 100 ? -6.596  -1.044  1.667   1.00 27.65 ? 80  VAL A CG2 1 
ATOM   447  N N   . ASN A 1 101 ? -7.696  1.228   -0.330  1.00 23.96 ? 81  ASN A N   1 
ATOM   448  C CA  . ASN A 1 101 ? -8.759  1.394   -1.349  1.00 23.78 ? 81  ASN A CA  1 
ATOM   449  C C   . ASN A 1 101 ? -8.462  2.465   -2.372  1.00 22.78 ? 81  ASN A C   1 
ATOM   450  O O   . ASN A 1 101 ? -8.839  2.336   -3.538  1.00 23.78 ? 81  ASN A O   1 
ATOM   451  C CB  . ASN A 1 101 ? -10.099 1.687   -0.659  1.00 26.77 ? 81  ASN A CB  1 
ATOM   452  C CG  . ASN A 1 101 ? -10.810 0.404   -0.308  1.00 29.46 ? 81  ASN A CG  1 
ATOM   453  O OD1 . ASN A 1 101 ? -11.320 -0.301  -1.212  1.00 30.20 ? 81  ASN A OD1 1 
ATOM   454  N ND2 . ASN A 1 101 ? -10.700 0.010   0.932   1.00 30.29 ? 81  ASN A ND2 1 
ATOM   455  N N   . GLN A 1 102 ? -7.774  3.523   -1.974  1.00 22.38 ? 82  GLN A N   1 
ATOM   456  C CA  . GLN A 1 102 ? -7.342  4.476   -3.020  1.00 22.52 ? 82  GLN A CA  1 
ATOM   457  C C   . GLN A 1 102 ? -6.397  3.904   -4.069  1.00 22.80 ? 82  GLN A C   1 
ATOM   458  O O   . GLN A 1 102 ? -6.570  4.153   -5.279  1.00 23.09 ? 82  GLN A O   1 
ATOM   459  C CB  . GLN A 1 102 ? -6.669  5.666   -2.339  1.00 26.76 ? 82  GLN A CB  1 
ATOM   460  C CG  . GLN A 1 102 ? -6.333  6.824   -3.266  1.00 30.98 ? 82  GLN A CG  1 
ATOM   461  C CD  . GLN A 1 102 ? -5.691  7.938   -2.460  1.00 40.71 ? 82  GLN A CD  1 
ATOM   462  O OE1 . GLN A 1 102 ? -6.077  8.182   -1.304  1.00 45.29 ? 82  GLN A OE1 1 
ATOM   463  N NE2 . GLN A 1 102 ? -4.683  8.575   -3.028  1.00 43.78 ? 82  GLN A NE2 1 
ATOM   464  N N   . ALA A 1 103 ? -5.360  3.125   -3.630  1.00 20.94 ? 83  ALA A N   1 
ATOM   465  C CA  . ALA A 1 103 ? -4.457  2.434   -4.621  1.00 21.11 ? 83  ALA A CA  1 
ATOM   466  C C   . ALA A 1 103 ? -5.341  1.499   -5.489  1.00 18.16 ? 83  ALA A C   1 
ATOM   467  O O   . ALA A 1 103 ? -5.189  1.401   -6.723  1.00 22.29 ? 83  ALA A O   1 
ATOM   468  C CB  . ALA A 1 103 ? -3.437  1.559   -3.824  1.00 17.45 ? 83  ALA A CB  1 
ATOM   469  N N   . ASP A 1 104 ? -6.202  0.733   -4.807  1.00 18.83 ? 84  ASP A N   1 
ATOM   470  C CA  . ASP A 1 104 ? -7.003  -0.237  -5.528  1.00 19.54 ? 84  ASP A CA  1 
ATOM   471  C C   . ASP A 1 104 ? -7.918  0.410   -6.615  1.00 20.68 ? 84  ASP A C   1 
ATOM   472  O O   . ASP A 1 104 ? -7.987  -0.064  -7.771  1.00 20.65 ? 84  ASP A O   1 
ATOM   473  C CB  . ASP A 1 104 ? -7.831  -1.066  -4.557  1.00 21.00 ? 84  ASP A CB  1 
ATOM   474  C CG  . ASP A 1 104 ? -8.376  -2.320  -5.222  1.00 24.94 ? 84  ASP A CG  1 
ATOM   475  O OD1 . ASP A 1 104 ? -7.555  -3.129  -5.716  1.00 23.24 ? 84  ASP A OD1 1 
ATOM   476  O OD2 . ASP A 1 104 ? -9.618  -2.460  -5.331  1.00 24.54 ? 84  ASP A OD2 1 
ATOM   477  N N   . MET A 1 105 ? -8.608  1.501   -6.257  1.00 23.59 ? 85  MET A N   1 
ATOM   478  C CA  . MET A 1 105 ? -9.457  2.173   -7.253  1.00 27.24 ? 85  MET A CA  1 
ATOM   479  C C   . MET A 1 105 ? -8.572  2.731   -8.359  1.00 24.48 ? 85  MET A C   1 
ATOM   480  O O   . MET A 1 105 ? -8.926  2.659   -9.538  1.00 26.10 ? 85  MET A O   1 
ATOM   481  C CB  . MET A 1 105 ? -10.251 3.305   -6.616  1.00 31.46 ? 85  MET A CB  1 
ATOM   482  C CG  . MET A 1 105 ? -11.093 2.837   -5.425  1.00 37.45 ? 85  MET A CG  1 
ATOM   483  S SD  . MET A 1 105 ? -12.097 4.133   -4.629  1.00 59.85 ? 85  MET A SD  1 
ATOM   484  C CE  . MET A 1 105 ? -11.111 4.835   -3.248  1.00 44.47 ? 85  MET A CE  1 
ATOM   485  N N   . ALA A 1 106 ? -7.412  3.298   -7.997  1.00 22.17 ? 86  ALA A N   1 
ATOM   486  C CA  . ALA A 1 106 ? -6.524  3.808   -9.061  1.00 22.34 ? 86  ALA A CA  1 
ATOM   487  C C   . ALA A 1 106 ? -6.067  2.706   -9.987  1.00 22.02 ? 86  ALA A C   1 
ATOM   488  O O   . ALA A 1 106 ? -5.993  2.890   -11.223 1.00 25.79 ? 86  ALA A O   1 
ATOM   489  C CB  . ALA A 1 106 ? -5.337  4.577   -8.504  1.00 23.59 ? 86  ALA A CB  1 
ATOM   490  N N   . LEU A 1 107 ? -5.734  1.531   -9.442  1.00 21.51 ? 87  LEU A N   1 
ATOM   491  C CA  . LEU A 1 107 ? -5.279  0.438   -10.336 1.00 23.80 ? 87  LEU A CA  1 
ATOM   492  C C   . LEU A 1 107 ? -6.479  -0.037  -11.244 1.00 27.18 ? 87  LEU A C   1 
ATOM   493  O O   . LEU A 1 107 ? -6.312  -0.284  -12.440 1.00 27.97 ? 87  LEU A O   1 
ATOM   494  C CB  . LEU A 1 107 ? -4.720  -0.760  -9.531  1.00 23.01 ? 87  LEU A CB  1 
ATOM   495  C CG  . LEU A 1 107 ? -4.305  -1.959  -10.401 1.00 24.83 ? 87  LEU A CG  1 
ATOM   496  C CD1 . LEU A 1 107 ? -3.074  -1.594  -11.216 1.00 24.68 ? 87  LEU A CD1 1 
ATOM   497  C CD2 . LEU A 1 107 ? -3.880  -2.963  -9.336  1.00 24.16 ? 87  LEU A CD2 1 
ATOM   498  N N   . GLN A 1 108 ? -7.667  -0.110  -10.664 1.00 27.38 ? 88  GLN A N   1 
ATOM   499  C CA  . GLN A 1 108 ? -8.895  -0.433  -11.482 1.00 30.54 ? 88  GLN A CA  1 
ATOM   500  C C   . GLN A 1 108 ? -9.040  0.509   -12.642 1.00 30.01 ? 88  GLN A C   1 
ATOM   501  O O   . GLN A 1 108 ? -9.214  0.051   -13.755 1.00 34.67 ? 88  GLN A O   1 
ATOM   502  C CB  . GLN A 1 108 ? -10.165 -0.439  -10.616 1.00 34.46 ? 88  GLN A CB  1 
ATOM   503  C CG  . GLN A 1 108 ? -10.469 -1.861  -10.235 1.00 47.18 ? 88  GLN A CG  1 
ATOM   504  C CD  . GLN A 1 108 ? -11.702 -1.991  -9.396  1.00 57.77 ? 88  GLN A CD  1 
ATOM   505  O OE1 . GLN A 1 108 ? -11.683 -2.680  -8.372  1.00 61.37 ? 88  GLN A OE1 1 
ATOM   506  N NE2 . GLN A 1 108 ? -12.787 -1.326  -9.813  1.00 53.20 ? 88  GLN A NE2 1 
ATOM   507  N N   . THR A 1 109 ? -8.879  1.819   -12.400 1.00 30.86 ? 89  THR A N   1 
ATOM   508  C CA  . THR A 1 109 ? -8.939  2.834   -13.441 1.00 32.86 ? 89  THR A CA  1 
ATOM   509  C C   . THR A 1 109 ? -7.989  2.578   -14.606 1.00 39.15 ? 89  THR A C   1 
ATOM   510  O O   . THR A 1 109 ? -8.339  2.668   -15.781 1.00 33.81 ? 89  THR A O   1 
ATOM   511  C CB  . THR A 1 109 ? -8.561  4.201   -12.856 1.00 38.17 ? 89  THR A CB  1 
ATOM   512  O OG1 . THR A 1 109 ? -9.563  4.587   -11.918 1.00 39.11 ? 89  THR A OG1 1 
ATOM   513  C CG2 . THR A 1 109 ? -8.502  5.241   -13.936 1.00 43.08 ? 89  THR A CG2 1 
ATOM   514  N N   . LEU A 1 110 ? -6.743  2.275   -14.264 1.00 40.36 ? 90  LEU A N   1 
ATOM   515  C CA  . LEU A 1 110 ? -5.709  1.970   -15.227 1.00 36.18 ? 90  LEU A CA  1 
ATOM   516  C C   . LEU A 1 110 ? -6.073  0.753   -16.073 1.00 39.85 ? 90  LEU A C   1 
ATOM   517  O O   . LEU A 1 110 ? -5.918  0.755   -17.322 1.00 38.17 ? 90  LEU A O   1 
ATOM   518  C CB  . LEU A 1 110 ? -4.415  1.721   -14.412 1.00 35.00 ? 90  LEU A CB  1 
ATOM   519  C CG  . LEU A 1 110 ? -3.114  1.957   -15.122 1.00 43.18 ? 90  LEU A CG  1 
ATOM   520  C CD1 . LEU A 1 110 ? -3.156  3.304   -15.842 1.00 34.55 ? 90  LEU A CD1 1 
ATOM   521  C CD2 . LEU A 1 110 ? -1.978  1.891   -14.091 1.00 35.15 ? 90  LEU A CD2 1 
ATOM   522  N N   . ALA A 1 111 ? -6.581  -0.273  -15.373 1.00 41.14 ? 91  ALA A N   1 
ATOM   523  C CA  . ALA A 1 111 ? -6.927  -1.578  -15.927 1.00 47.06 ? 91  ALA A CA  1 
ATOM   524  C C   . ALA A 1 111 ? -7.983  -1.478  -17.033 1.00 55.70 ? 91  ALA A C   1 
ATOM   525  O O   . ALA A 1 111 ? -7.889  -2.197  -18.031 1.00 55.52 ? 91  ALA A O   1 
ATOM   526  C CB  . ALA A 1 111 ? -7.425  -2.506  -14.816 1.00 44.22 ? 91  ALA A CB  1 
ATOM   527  N N   . GLU A 1 112 ? -8.978  -0.604  -16.842 1.00 52.01 ? 92  GLU A N   1 
ATOM   528  C CA  . GLU A 1 112 ? -10.096 -0.427  -17.787 1.00 56.19 ? 92  GLU A CA  1 
ATOM   529  C C   . GLU A 1 112 ? -9.764  0.417   -19.011 1.00 58.04 ? 92  GLU A C   1 
ATOM   530  O O   . GLU A 1 112 ? -10.583 1.210   -19.446 1.00 58.25 ? 92  GLU A O   1 
ATOM   531  C CB  . GLU A 1 112 ? -11.271 0.217   -17.082 1.00 49.53 ? 92  GLU A CB  1 
ATOM   532  C CG  . GLU A 1 112 ? -11.745 -0.486  -15.822 1.00 55.52 ? 92  GLU A CG  1 
ATOM   533  C CD  . GLU A 1 112 ? -12.601 0.442   -14.970 1.00 63.58 ? 92  GLU A CD  1 
ATOM   534  O OE1 . GLU A 1 112 ? -12.627 1.678   -15.243 1.00 60.40 ? 92  GLU A OE1 1 
ATOM   535  O OE2 . GLU A 1 112 ? -13.249 -0.049  -14.017 1.00 65.65 ? 92  GLU A OE2 1 
ATOM   536  N N   . ASN A 1 113 ? -8.558  0.247   -19.546 1.00 69.63 ? 93  ASN A N   1 
ATOM   537  C CA  . ASN A 1 113 ? -7.998  1.041   -20.649 1.00 68.54 ? 93  ASN A CA  1 
ATOM   538  C C   . ASN A 1 113 ? -7.072  0.144   -21.482 1.00 67.24 ? 93  ASN A C   1 
ATOM   539  O O   . ASN A 1 113 ? -6.372  0.592   -22.397 1.00 71.77 ? 93  ASN A O   1 
ATOM   540  C CB  . ASN A 1 113 ? -7.205  2.240   -20.100 1.00 63.74 ? 93  ASN A CB  1 
ATOM   541  C CG  . ASN A 1 113 ? -8.067  3.217   -19.314 1.00 66.22 ? 93  ASN A CG  1 
ATOM   542  O OD1 . ASN A 1 113 ? -9.042  2.846   -18.672 1.00 68.10 ? 93  ASN A OD1 1 
ATOM   543  N ND2 . ASN A 1 113 ? -7.687  4.470   -19.343 1.00 66.73 ? 93  ASN A ND2 1 
ATOM   544  N N   . THR A 1 117 ? 0.904   2.645   -25.362 1.00 59.84 ? 97  THR A N   1 
ATOM   545  C CA  . THR A 1 117 ? 2.208   2.455   -24.654 1.00 56.01 ? 97  THR A CA  1 
ATOM   546  C C   . THR A 1 117 ? 2.894   1.035   -24.736 1.00 52.53 ? 97  THR A C   1 
ATOM   547  O O   . THR A 1 117 ? 2.216   -0.005  -24.778 1.00 64.13 ? 97  THR A O   1 
ATOM   548  C CB  . THR A 1 117 ? 2.189   3.118   -23.234 1.00 54.44 ? 97  THR A CB  1 
ATOM   549  O OG1 . THR A 1 117 ? 3.403   3.862   -23.049 1.00 64.10 ? 97  THR A OG1 1 
ATOM   550  C CG2 . THR A 1 117 ? 1.951   2.158   -22.092 1.00 45.91 ? 97  THR A CG2 1 
ATOM   551  N N   . ASP A 1 118 ? 4.235   1.034   -24.786 1.00 46.45 ? 98  ASP A N   1 
ATOM   552  C CA  . ASP A 1 118 ? 5.052   -0.166  -24.663 1.00 38.00 ? 98  ASP A CA  1 
ATOM   553  C C   . ASP A 1 118 ? 4.832   -0.930  -23.317 1.00 36.62 ? 98  ASP A C   1 
ATOM   554  O O   . ASP A 1 118 ? 4.291   -0.387  -22.346 1.00 29.78 ? 98  ASP A O   1 
ATOM   555  C CB  . ASP A 1 118 ? 6.530   0.154   -24.934 1.00 39.86 ? 98  ASP A CB  1 
ATOM   556  C CG  . ASP A 1 118 ? 7.191   0.954   -23.820 1.00 37.44 ? 98  ASP A CG  1 
ATOM   557  O OD1 . ASP A 1 118 ? 7.217   0.557   -22.696 1.00 39.47 ? 98  ASP A OD1 1 
ATOM   558  O OD2 . ASP A 1 118 ? 7.733   2.018   -24.045 1.00 54.71 ? 98  ASP A OD2 1 
ATOM   559  N N   . ARG A 1 119 ? 5.212   -2.202  -23.306 1.00 33.09 ? 99  ARG A N   1 
ATOM   560  C CA  . ARG A 1 119 ? 5.046   -3.087  -22.144 1.00 33.69 ? 99  ARG A CA  1 
ATOM   561  C C   . ARG A 1 119 ? 5.799   -2.559  -20.902 1.00 27.32 ? 99  ARG A C   1 
ATOM   562  O O   . ARG A 1 119 ? 5.239   -2.586  -19.815 1.00 28.18 ? 99  ARG A O   1 
ATOM   563  C CB  . ARG A 1 119 ? 5.435   -4.530  -22.529 1.00 37.25 ? 99  ARG A CB  1 
ATOM   564  C CG  . ARG A 1 119 ? 6.938   -4.694  -22.692 1.00 45.91 ? 99  ARG A CG  1 
ATOM   565  C CD  . ARG A 1 119 ? 7.442   -5.789  -23.635 1.00 50.01 ? 99  ARG A CD  1 
ATOM   566  N NE  . ARG A 1 119 ? 8.874   -5.994  -23.364 1.00 54.39 ? 99  ARG A NE  1 
ATOM   567  C CZ  . ARG A 1 119 ? 9.595   -7.018  -23.819 1.00 55.53 ? 99  ARG A CZ  1 
ATOM   568  N NH1 . ARG A 1 119 ? 9.009   -7.951  -24.568 1.00 48.60 ? 99  ARG A NH1 1 
ATOM   569  N NH2 . ARG A 1 119 ? 10.897  -7.113  -23.513 1.00 56.62 ? 99  ARG A NH2 1 
ATOM   570  N N   . GLU A 1 120 ? 7.018   -2.001  -21.068 1.00 25.77 ? 100 GLU A N   1 
ATOM   571  C CA  . GLU A 1 120 ? 7.750   -1.514  -19.911 1.00 25.70 ? 100 GLU A CA  1 
ATOM   572  C C   . GLU A 1 120 ? 6.959   -0.374  -19.233 1.00 28.05 ? 100 GLU A C   1 
ATOM   573  O O   . GLU A 1 120 ? 6.734   -0.280  -18.000 1.00 22.42 ? 100 GLU A O   1 
ATOM   574  C CB  . GLU A 1 120 ? 9.117   -1.063  -20.344 1.00 27.05 ? 100 GLU A CB  1 
ATOM   575  C CG  . GLU A 1 120 ? 9.818   -0.412  -19.187 1.00 31.94 ? 100 GLU A CG  1 
ATOM   576  C CD  . GLU A 1 120 ? 11.271  -0.250  -19.403 1.00 39.94 ? 100 GLU A CD  1 
ATOM   577  O OE1 . GLU A 1 120 ? 11.874  -1.033  -20.160 1.00 47.23 ? 100 GLU A OE1 1 
ATOM   578  O OE2 . GLU A 1 120 ? 11.811  0.674   -18.802 1.00 45.00 ? 100 GLU A OE2 1 
ATOM   579  N N   . ASN A 1 121 ? 6.503   0.522   -20.096 1.00 27.56 ? 101 ASN A N   1 
ATOM   580  C CA  . ASN A 1 121 ? 5.718   1.655   -19.629 1.00 28.05 ? 101 ASN A CA  1 
ATOM   581  C C   . ASN A 1 121 ? 4.378   1.292   -19.020 1.00 22.89 ? 101 ASN A C   1 
ATOM   582  O O   . ASN A 1 121 ? 3.906   1.944   -18.039 1.00 25.84 ? 101 ASN A O   1 
ATOM   583  C CB  . ASN A 1 121 ? 5.517   2.625   -20.779 1.00 30.09 ? 101 ASN A CB  1 
ATOM   584  C CG  . ASN A 1 121 ? 5.378   4.003   -20.260 1.00 34.42 ? 101 ASN A CG  1 
ATOM   585  O OD1 . ASN A 1 121 ? 6.294   4.523   -19.597 1.00 36.33 ? 101 ASN A OD1 1 
ATOM   586  N ND2 . ASN A 1 121 ? 4.196   4.591   -20.471 1.00 36.90 ? 101 ASN A ND2 1 
ATOM   587  N N   . MET A 1 122 ? 3.751   0.236   -19.553 1.00 20.95 ? 102 MET A N   1 
ATOM   588  C CA  . MET A 1 122 ? 2.555   -0.263  -18.939 1.00 21.72 ? 102 MET A CA  1 
ATOM   589  C C   . MET A 1 122 ? 2.796   -0.691  -17.484 1.00 21.06 ? 102 MET A C   1 
ATOM   590  O O   . MET A 1 122 ? 1.984   -0.353  -16.611 1.00 20.22 ? 102 MET A O   1 
ATOM   591  C CB  . MET A 1 122 ? 1.979   -1.468  -19.740 1.00 25.71 ? 102 MET A CB  1 
ATOM   592  C CG  . MET A 1 122 ? 0.743   -2.095  -19.115 1.00 30.98 ? 102 MET A CG  1 
ATOM   593  S SD  . MET A 1 122 ? 0.156   -3.646  -19.859 1.00 38.10 ? 102 MET A SD  1 
ATOM   594  C CE  . MET A 1 122 ? 1.224   -4.939  -19.223 1.00 33.45 ? 102 MET A CE  1 
ATOM   595  N N   . TRP A 1 123 ? 3.851   -1.483  -17.224 1.00 19.85 ? 103 TRP A N   1 
ATOM   596  C CA  . TRP A 1 123 ? 4.070   -1.959  -15.832 1.00 18.80 ? 103 TRP A CA  1 
ATOM   597  C C   . TRP A 1 123 ? 4.477   -0.790  -14.966 1.00 17.93 ? 103 TRP A C   1 
ATOM   598  O O   . TRP A 1 123 ? 4.063   -0.676  -13.820 1.00 17.72 ? 103 TRP A O   1 
ATOM   599  C CB  . TRP A 1 123 ? 5.123   -3.077  -15.798 1.00 17.22 ? 103 TRP A CB  1 
ATOM   600  C CG  . TRP A 1 123 ? 4.554   -4.369  -16.381 1.00 18.12 ? 103 TRP A CG  1 
ATOM   601  C CD1 . TRP A 1 123 ? 4.846   -4.970  -17.604 1.00 20.71 ? 103 TRP A CD1 1 
ATOM   602  C CD2 . TRP A 1 123 ? 3.523   -5.226  -15.772 1.00 18.12 ? 103 TRP A CD2 1 
ATOM   603  N NE1 . TRP A 1 123 ? 4.101   -6.140  -17.773 1.00 18.97 ? 103 TRP A NE1 1 
ATOM   604  C CE2 . TRP A 1 123 ? 3.285   -6.337  -16.732 1.00 18.54 ? 103 TRP A CE2 1 
ATOM   605  C CE3 . TRP A 1 123 ? 2.771   -5.152  -14.607 1.00 18.12 ? 103 TRP A CE3 1 
ATOM   606  C CZ2 . TRP A 1 123 ? 2.397   -7.371  -16.466 1.00 17.18 ? 103 TRP A CZ2 1 
ATOM   607  C CZ3 . TRP A 1 123 ? 1.855   -6.195  -14.357 1.00 19.54 ? 103 TRP A CZ3 1 
ATOM   608  C CH2 . TRP A 1 123 ? 1.678   -7.269  -15.264 1.00 17.93 ? 103 TRP A CH2 1 
ATOM   609  N N   . ARG A 1 124 ? 5.309   0.093   -15.523 1.00 16.49 ? 104 ARG A N   1 
ATOM   610  C CA  . ARG A 1 124 ? 5.750   1.257   -14.763 1.00 16.75 ? 104 ARG A CA  1 
ATOM   611  C C   . ARG A 1 124 ? 4.519   2.093   -14.280 1.00 18.43 ? 104 ARG A C   1 
ATOM   612  O O   . ARG A 1 124 ? 4.440   2.522   -13.112 1.00 18.00 ? 104 ARG A O   1 
ATOM   613  C CB  . ARG A 1 124 ? 6.647   2.157   -15.663 1.00 18.23 ? 104 ARG A CB  1 
ATOM   614  C CG  . ARG A 1 124 ? 7.112   3.414   -14.905 1.00 18.90 ? 104 ARG A CG  1 
ATOM   615  C CD  . ARG A 1 124 ? 8.126   4.249   -15.707 1.00 23.81 ? 104 ARG A CD  1 
ATOM   616  N NE  . ARG A 1 124 ? 9.255   3.418   -16.146 1.00 28.80 ? 104 ARG A NE  1 
ATOM   617  C CZ  . ARG A 1 124 ? 10.388  3.233   -15.444 1.00 35.88 ? 104 ARG A CZ  1 
ATOM   618  N NH1 . ARG A 1 124 ? 10.597  3.838   -14.265 1.00 34.31 ? 104 ARG A NH1 1 
ATOM   619  N NH2 . ARG A 1 124 ? 11.359  2.460   -15.950 1.00 35.26 ? 104 ARG A NH2 1 
ATOM   620  N N   . THR A 1 125 ? 3.530   2.320   -15.171 1.00 16.83 ? 105 THR A N   1 
ATOM   621  C CA  . THR A 1 125 ? 2.376   3.142   -14.762 1.00 17.00 ? 105 THR A CA  1 
ATOM   622  C C   . THR A 1 125 ? 1.563   2.432   -13.674 1.00 17.86 ? 105 THR A C   1 
ATOM   623  O O   . THR A 1 125 ? 1.005   3.084   -12.758 1.00 17.46 ? 105 THR A O   1 
ATOM   624  C CB  . THR A 1 125 ? 1.407   3.435   -15.992 1.00 20.97 ? 105 THR A CB  1 
ATOM   625  O OG1 . THR A 1 125 ? 2.195   4.049   -16.983 1.00 21.26 ? 105 THR A OG1 1 
ATOM   626  C CG2 . THR A 1 125 ? 0.272   4.452   -15.515 1.00 26.58 ? 105 THR A CG2 1 
ATOM   627  N N   . GLY A 1 126 ? 1.470   1.093   -13.748 1.00 19.57 ? 106 GLY A N   1 
ATOM   628  C CA  . GLY A 1 126 ? 0.771   0.379   -12.675 1.00 18.12 ? 106 GLY A CA  1 
ATOM   629  C C   . GLY A 1 126 ? 1.560   0.327   -11.351 1.00 17.07 ? 106 GLY A C   1 
ATOM   630  O O   . GLY A 1 126 ? 1.017   0.582   -10.234 1.00 15.81 ? 106 GLY A O   1 
ATOM   631  N N   . ILE A 1 127 ? 2.839   -0.016  -11.407 1.00 14.92 ? 107 ILE A N   1 
ATOM   632  C CA  . ILE A 1 127 ? 3.599   0.046   -10.113 1.00 14.63 ? 107 ILE A CA  1 
ATOM   633  C C   . ILE A 1 127 ? 3.574   1.458   -9.537  1.00 15.03 ? 107 ILE A C   1 
ATOM   634  O O   . ILE A 1 127 ? 3.549   1.663   -8.311  1.00 17.38 ? 107 ILE A O   1 
ATOM   635  C CB  . ILE A 1 127 ? 5.057   -0.375  -10.387 1.00 13.76 ? 107 ILE A CB  1 
ATOM   636  C CG1 . ILE A 1 127 ? 5.039   -1.888  -10.736 1.00 12.06 ? 107 ILE A CG1 1 
ATOM   637  C CG2 . ILE A 1 127 ? 5.926   -0.139  -9.164  1.00 11.94 ? 107 ILE A CG2 1 
ATOM   638  C CD1 . ILE A 1 127 ? 6.387   -2.289  -11.353 1.00 15.17 ? 107 ILE A CD1 1 
ATOM   639  N N   . ASN A 1 128 ? 3.627   2.462   -10.431 1.00 13.77 ? 108 ASN A N   1 
ATOM   640  C CA  . ASN A 1 128 ? 3.563   3.880   -9.941  1.00 14.98 ? 108 ASN A CA  1 
ATOM   641  C C   . ASN A 1 128 ? 2.294   4.228   -9.129  1.00 15.06 ? 108 ASN A C   1 
ATOM   642  O O   . ASN A 1 128 ? 2.311   5.160   -8.296  1.00 16.60 ? 108 ASN A O   1 
ATOM   643  C CB  . ASN A 1 128 ? 3.618   4.859   -11.158 1.00 15.64 ? 108 ASN A CB  1 
ATOM   644  C CG  . ASN A 1 128 ? 3.857   6.314   -10.700 1.00 17.78 ? 108 ASN A CG  1 
ATOM   645  O OD1 . ASN A 1 128 ? 4.838   6.604   -10.018 1.00 16.61 ? 108 ASN A OD1 1 
ATOM   646  N ND2 . ASN A 1 128 ? 2.990   7.227   -11.125 1.00 18.17 ? 108 ASN A ND2 1 
ATOM   647  N N   . VAL A 1 129 ? 1.162   3.558   -9.415  1.00 15.48 ? 109 VAL A N   1 
ATOM   648  C CA  . VAL A 1 129 ? -0.028  3.771   -8.559  1.00 17.62 ? 109 VAL A CA  1 
ATOM   649  C C   . VAL A 1 129 ? 0.354   3.540   -7.120  1.00 15.67 ? 109 VAL A C   1 
ATOM   650  O O   . VAL A 1 129 ? -0.067  4.308   -6.168  1.00 16.20 ? 109 VAL A O   1 
ATOM   651  C CB  . VAL A 1 129 ? -1.159  2.781   -8.960  1.00 21.83 ? 109 VAL A CB  1 
ATOM   652  C CG1 . VAL A 1 129 ? -2.257  2.655   -7.890  1.00 23.80 ? 109 VAL A CG1 1 
ATOM   653  C CG2 . VAL A 1 129 ? -1.692  3.162   -10.335 1.00 24.25 ? 109 VAL A CG2 1 
ATOM   654  N N   . PHE A 1 130 ? 1.110   2.452   -6.869  1.00 14.68 ? 110 PHE A N   1 
ATOM   655  C CA  . PHE A 1 130 ? 1.445   2.077   -5.463  1.00 14.23 ? 110 PHE A CA  1 
ATOM   656  C C   . PHE A 1 130 ? 2.466   3.000   -4.879  1.00 14.41 ? 110 PHE A C   1 
ATOM   657  O O   . PHE A 1 130 ? 2.368   3.491   -3.720  1.00 15.88 ? 110 PHE A O   1 
ATOM   658  C CB  . PHE A 1 130 ? 1.891   0.570   -5.413  1.00 13.72 ? 110 PHE A CB  1 
ATOM   659  C CG  . PHE A 1 130 ? 0.740   -0.353  -5.779  1.00 16.78 ? 110 PHE A CG  1 
ATOM   660  C CD1 . PHE A 1 130 ? -0.193  -0.697  -4.828  1.00 18.29 ? 110 PHE A CD1 1 
ATOM   661  C CD2 . PHE A 1 130 ? 0.529   -0.749  -7.095  1.00 17.01 ? 110 PHE A CD2 1 
ATOM   662  C CE1 . PHE A 1 130 ? -1.297  -1.473  -5.153  1.00 18.21 ? 110 PHE A CE1 1 
ATOM   663  C CE2 . PHE A 1 130 ? -0.593  -1.512  -7.453  1.00 20.08 ? 110 PHE A CE2 1 
ATOM   664  C CZ  . PHE A 1 130 ? -1.496  -1.888  -6.459  1.00 20.31 ? 110 PHE A CZ  1 
ATOM   665  N N   . PHE A 1 131 ? 3.475   3.283   -5.677  1.00 14.45 ? 111 PHE A N   1 
ATOM   666  C CA  . PHE A 1 131 ? 4.518   4.212   -5.240  1.00 15.46 ? 111 PHE A CA  1 
ATOM   667  C C   . PHE A 1 131 ? 3.932   5.623   -4.862  1.00 16.21 ? 111 PHE A C   1 
ATOM   668  O O   . PHE A 1 131 ? 4.286   6.194   -3.817  1.00 16.28 ? 111 PHE A O   1 
ATOM   669  C CB  . PHE A 1 131 ? 5.436   4.380   -6.498  1.00 18.27 ? 111 PHE A CB  1 
ATOM   670  C CG  . PHE A 1 131 ? 6.601   5.319   -6.275  1.00 21.02 ? 111 PHE A CG  1 
ATOM   671  C CD1 . PHE A 1 131 ? 7.624   4.993   -5.345  1.00 19.45 ? 111 PHE A CD1 1 
ATOM   672  C CD2 . PHE A 1 131 ? 6.708   6.484   -7.008  1.00 21.67 ? 111 PHE A CD2 1 
ATOM   673  C CE1 . PHE A 1 131 ? 8.711   5.856   -5.168  1.00 23.69 ? 111 PHE A CE1 1 
ATOM   674  C CE2 . PHE A 1 131 ? 7.788   7.379   -6.811  1.00 24.74 ? 111 PHE A CE2 1 
ATOM   675  C CZ  . PHE A 1 131 ? 8.790   7.031   -5.897  1.00 21.40 ? 111 PHE A CZ  1 
ATOM   676  N N   . GLU A 1 132 ? 3.093   6.196   -5.737  1.00 17.42 ? 112 GLU A N   1 
ATOM   677  C CA  . GLU A 1 132 ? 2.471   7.535   -5.459  1.00 18.50 ? 112 GLU A CA  1 
ATOM   678  C C   . GLU A 1 132 ? 1.433   7.477   -4.342  1.00 18.57 ? 112 GLU A C   1 
ATOM   679  O O   . GLU A 1 132 ? 1.402   8.358   -3.473  1.00 21.86 ? 112 GLU A O   1 
ATOM   680  C CB  . GLU A 1 132 ? 1.744   8.031   -6.725  1.00 20.28 ? 112 GLU A CB  1 
ATOM   681  C CG  . GLU A 1 132 ? 2.765   8.510   -7.752  1.00 23.26 ? 112 GLU A CG  1 
ATOM   682  C CD  . GLU A 1 132 ? 3.468   9.797   -7.289  1.00 32.69 ? 112 GLU A CD  1 
ATOM   683  O OE1 . GLU A 1 132 ? 2.904   10.515  -6.400  1.00 31.98 ? 112 GLU A OE1 1 
ATOM   684  O OE2 . GLU A 1 132 ? 4.605   10.055  -7.764  1.00 32.25 ? 112 GLU A OE2 1 
ATOM   685  N N   . THR A 1 133 ? 0.620   6.429   -4.319  1.00 16.99 ? 113 THR A N   1 
ATOM   686  C CA  . THR A 1 133 ? -0.439  6.372   -3.355  1.00 19.76 ? 113 THR A CA  1 
ATOM   687  C C   . THR A 1 133 ? 0.165   6.144   -1.981  1.00 20.42 ? 113 THR A C   1 
ATOM   688  O O   . THR A 1 133 ? -0.141  6.927   -1.046  1.00 18.17 ? 113 THR A O   1 
ATOM   689  C CB  . THR A 1 133 ? -1.525  5.290   -3.642  1.00 19.90 ? 113 THR A CB  1 
ATOM   690  O OG1 . THR A 1 133 ? -2.029  5.437   -4.960  1.00 20.57 ? 113 THR A OG1 1 
ATOM   691  C CG2 . THR A 1 133 ? -2.740  5.396   -2.628  1.00 24.19 ? 113 THR A CG2 1 
ATOM   692  N N   . PHE A 1 134 ? 1.013   5.109   -1.814  1.00 18.33 ? 114 PHE A N   1 
ATOM   693  C CA  . PHE A 1 134 ? 1.562   4.871   -0.457  1.00 18.68 ? 114 PHE A CA  1 
ATOM   694  C C   . PHE A 1 134 ? 2.588   5.958   -0.152  1.00 19.83 ? 114 PHE A C   1 
ATOM   695  O O   . PHE A 1 134 ? 2.800   6.375   1.035   1.00 18.22 ? 114 PHE A O   1 
ATOM   696  C CB  . PHE A 1 134 ? 2.180   3.448   -0.315  1.00 19.92 ? 114 PHE A CB  1 
ATOM   697  C CG  . PHE A 1 134 ? 1.128   2.337   -0.313  1.00 24.17 ? 114 PHE A CG  1 
ATOM   698  C CD1 . PHE A 1 134 ? 0.330   2.110   0.836   1.00 28.47 ? 114 PHE A CD1 1 
ATOM   699  C CD2 . PHE A 1 134 ? 0.993   1.486   -1.382  1.00 22.24 ? 114 PHE A CD2 1 
ATOM   700  C CE1 . PHE A 1 134 ? -0.670  1.076   0.844   1.00 28.38 ? 114 PHE A CE1 1 
ATOM   701  C CE2 . PHE A 1 134 ? 0.024   0.435   -1.384  1.00 24.59 ? 114 PHE A CE2 1 
ATOM   702  C CZ  . PHE A 1 134 ? -0.857  0.286   -0.303  1.00 25.31 ? 114 PHE A CZ  1 
ATOM   703  N N   . GLY A 1 135 ? 3.263   6.383   -1.217  1.00 21.20 ? 115 GLY A N   1 
ATOM   704  C CA  . GLY A 1 135 ? 4.255   7.500   -1.114  1.00 23.17 ? 115 GLY A CA  1 
ATOM   705  C C   . GLY A 1 135 ? 3.691   8.834   -0.621  1.00 23.73 ? 115 GLY A C   1 
ATOM   706  O O   . GLY A 1 135 ? 4.415   9.639   -0.031  1.00 25.91 ? 115 GLY A O   1 
ATOM   707  N N   . SER A 1 136 ? 2.426   9.083   -0.925  1.00 23.87 ? 116 SER A N   1 
ATOM   708  C CA  . SER A 1 136 ? 1.700   10.269  -0.467  1.00 26.41 ? 116 SER A CA  1 
ATOM   709  C C   . SER A 1 136 ? 1.141   10.104  0.969   1.00 27.50 ? 116 SER A C   1 
ATOM   710  O O   . SER A 1 136 ? 0.577   11.063  1.503   1.00 29.08 ? 116 SER A O   1 
ATOM   711  C CB  . SER A 1 136 ? 0.545   10.560  -1.437  1.00 23.92 ? 116 SER A CB  1 
ATOM   712  O OG  . SER A 1 136 ? 1.150   11.013  -2.632  1.00 26.34 ? 116 SER A OG  1 
ATOM   713  N N   . HIS A 1 137 ? 1.226   8.887   1.528   1.00 23.82 ? 117 HIS A N   1 
ATOM   714  C CA  . HIS A 1 137 ? 0.716   8.574   2.871   1.00 27.39 ? 117 HIS A CA  1 
ATOM   715  C C   . HIS A 1 137 ? 1.715   7.701   3.576   1.00 26.82 ? 117 HIS A C   1 
ATOM   716  O O   . HIS A 1 137 ? 1.374   6.596   4.027   1.00 27.43 ? 117 HIS A O   1 
ATOM   717  C CB  . HIS A 1 137 ? -0.674  7.892   2.811   1.00 26.75 ? 117 HIS A CB  1 
ATOM   718  C CG  . HIS A 1 137 ? -1.709  8.748   2.203   1.00 28.06 ? 117 HIS A CG  1 
ATOM   719  N ND1 . HIS A 1 137 ? -2.074  8.646   0.876   1.00 32.02 ? 117 HIS A ND1 1 
ATOM   720  C CD2 . HIS A 1 137 ? -2.421  9.822   2.734   1.00 27.19 ? 117 HIS A CD2 1 
ATOM   721  C CE1 . HIS A 1 137 ? -2.986  9.619   0.591   1.00 32.04 ? 117 HIS A CE1 1 
ATOM   722  N NE2 . HIS A 1 137 ? -3.194  10.340  1.725   1.00 30.57 ? 117 HIS A NE2 1 
ATOM   723  N N   . LYS A 1 138 ? 2.976   8.161   3.655   1.00 27.85 ? 118 LYS A N   1 
ATOM   724  C CA  . LYS A 1 138 ? 4.025   7.361   4.308   1.00 31.07 ? 118 LYS A CA  1 
ATOM   725  C C   . LYS A 1 138 ? 3.783   6.990   5.750   1.00 30.68 ? 118 LYS A C   1 
ATOM   726  O O   . LYS A 1 138 ? 4.039   5.837   6.151   1.00 28.29 ? 118 LYS A O   1 
ATOM   727  C CB  . LYS A 1 138 ? 5.355   8.104   4.252   1.00 27.02 ? 118 LYS A CB  1 
ATOM   728  C CG  . LYS A 1 138 ? 5.966   8.055   2.867   1.00 29.19 ? 118 LYS A CG  1 
ATOM   729  C CD  . LYS A 1 138 ? 7.289   8.807   2.731   1.00 29.42 ? 118 LYS A CD  1 
ATOM   730  C CE  . LYS A 1 138 ? 7.477   8.810   1.226   1.00 32.77 ? 118 LYS A CE  1 
ATOM   731  N NZ  . LYS A 1 138 ? 8.276   9.975   0.862   1.00 38.15 ? 118 LYS A NZ  1 
ATOM   732  N N   . ALA A 1 139 ? 3.359   7.979   6.544   1.00 29.65 ? 119 ALA A N   1 
ATOM   733  C CA  . ALA A 1 139 ? 3.157   7.761   7.988   1.00 29.88 ? 119 ALA A CA  1 
ATOM   734  C C   . ALA A 1 139 ? 2.092   6.675   8.171   1.00 26.78 ? 119 ALA A C   1 
ATOM   735  O O   . ALA A 1 139 ? 2.302   5.734   8.936   1.00 29.42 ? 119 ALA A O   1 
ATOM   736  C CB  . ALA A 1 139 ? 2.755   9.084   8.676   1.00 27.89 ? 119 ALA A CB  1 
ATOM   737  N N   . VAL A 1 140 ? 0.996   6.749   7.413   1.00 26.98 ? 120 VAL A N   1 
ATOM   738  C CA  . VAL A 1 140 ? -0.062  5.722   7.521   1.00 25.10 ? 120 VAL A CA  1 
ATOM   739  C C   . VAL A 1 140 ? 0.440   4.347   7.028   1.00 31.53 ? 120 VAL A C   1 
ATOM   740  O O   . VAL A 1 140 ? 0.145   3.299   7.615   1.00 32.83 ? 120 VAL A O   1 
ATOM   741  C CB  . VAL A 1 140 ? -1.358  6.156   6.801   1.00 24.74 ? 120 VAL A CB  1 
ATOM   742  C CG1 . VAL A 1 140 ? -2.328  4.992   6.718   1.00 25.68 ? 120 VAL A CG1 1 
ATOM   743  C CG2 . VAL A 1 140 ? -2.035  7.310   7.612   1.00 25.26 ? 120 VAL A CG2 1 
ATOM   744  N N   . THR A 1 141 ? 1.206   4.379   5.945   1.00 30.61 ? 121 THR A N   1 
ATOM   745  C CA  . THR A 1 141 ? 1.852   3.191   5.373   1.00 33.74 ? 121 THR A CA  1 
ATOM   746  C C   . THR A 1 141 ? 2.748   2.525   6.414   1.00 32.66 ? 121 THR A C   1 
ATOM   747  O O   . THR A 1 141 ? 2.516   1.369   6.709   1.00 36.36 ? 121 THR A O   1 
ATOM   748  C CB  . THR A 1 141 ? 2.700   3.613   4.141   1.00 31.38 ? 121 THR A CB  1 
ATOM   749  O OG1 . THR A 1 141 ? 1.831   4.150   3.158   1.00 31.66 ? 121 THR A OG1 1 
ATOM   750  C CG2 . THR A 1 141 ? 3.443   2.452   3.538   1.00 38.63 ? 121 THR A CG2 1 
ATOM   751  N N   . ARG A 1 142 ? 3.729   3.253   6.952   1.00 35.46 ? 122 ARG A N   1 
ATOM   752  C CA  . ARG A 1 142 ? 4.636   2.750   7.988   1.00 38.39 ? 122 ARG A CA  1 
ATOM   753  C C   . ARG A 1 142 ? 3.809   2.171   9.198   1.00 44.62 ? 122 ARG A C   1 
ATOM   754  O O   . ARG A 1 142 ? 4.020   1.021   9.603   1.00 40.60 ? 122 ARG A O   1 
ATOM   755  C CB  . ARG A 1 142 ? 5.557   3.861   8.455   1.00 49.06 ? 122 ARG A CB  1 
ATOM   756  C CG  . ARG A 1 142 ? 6.804   3.432   9.243   1.00 63.89 ? 122 ARG A CG  1 
ATOM   757  C CD  . ARG A 1 142 ? 7.768   4.603   9.516   1.00 70.32 ? 122 ARG A CD  1 
ATOM   758  N NE  . ARG A 1 142 ? 8.105   5.393   8.311   1.00 76.18 ? 122 ARG A NE  1 
ATOM   759  C CZ  . ARG A 1 142 ? 7.632   6.617   8.017   1.00 70.31 ? 122 ARG A CZ  1 
ATOM   760  N NH1 . ARG A 1 142 ? 6.779   7.243   8.828   1.00 66.24 ? 122 ARG A NH1 1 
ATOM   761  N NH2 . ARG A 1 142 ? 8.005   7.223   6.895   1.00 62.05 ? 122 ARG A NH2 1 
ATOM   762  N N   . ALA A 1 143 ? 2.840   2.934   9.723   1.00 35.35 ? 123 ALA A N   1 
ATOM   763  C CA  . ALA A 1 143 ? 2.042   2.493   10.878  1.00 33.25 ? 123 ALA A CA  1 
ATOM   764  C C   . ALA A 1 143 ? 1.224   1.252   10.545  1.00 33.50 ? 123 ALA A C   1 
ATOM   765  O O   . ALA A 1 143 ? 1.186   0.269   11.319  1.00 34.04 ? 123 ALA A O   1 
ATOM   766  C CB  . ALA A 1 143 ? 1.163   3.664   11.361  1.00 33.55 ? 123 ALA A CB  1 
ATOM   767  N N   . GLY A 1 144 ? 0.594   1.219   9.374   1.00 36.35 ? 124 GLY A N   1 
ATOM   768  C CA  . GLY A 1 144 ? -0.198  0.013   8.995   1.00 35.68 ? 124 GLY A CA  1 
ATOM   769  C C   . GLY A 1 144 ? 0.666   -1.231  8.786   1.00 39.96 ? 124 GLY A C   1 
ATOM   770  O O   . GLY A 1 144 ? 0.219   -2.345  9.079   1.00 47.81 ? 124 GLY A O   1 
ATOM   771  N N   . GLN A 1 145 ? 1.880   -1.006  8.268   1.00 41.75 ? 125 GLN A N   1 
ATOM   772  C CA  . GLN A 1 145 ? 3.025   -1.978  8.169   1.00 54.07 ? 125 GLN A CA  1 
ATOM   773  C C   . GLN A 1 145 ? 3.224   -2.558  9.578   1.00 51.12 ? 125 GLN A C   1 
ATOM   774  O O   . GLN A 1 145 ? 3.003   -3.757  9.793   1.00 47.51 ? 125 GLN A O   1 
ATOM   775  C CB  . GLN A 1 145 ? 4.325   -1.301  7.531   1.00 56.77 ? 125 GLN A CB  1 
ATOM   776  C CG  . GLN A 1 145 ? 5.786   -1.740  7.944   1.00 64.56 ? 125 GLN A CG  1 
ATOM   777  C CD  . GLN A 1 145 ? 7.011   -0.829  7.466   1.00 65.39 ? 125 GLN A CD  1 
ATOM   778  O OE1 . GLN A 1 145 ? 6.954   0.413   7.500   1.00 59.13 ? 125 GLN A OE1 1 
ATOM   779  N NE2 . GLN A 1 145 ? 8.145   -1.476  7.073   1.00 52.99 ? 125 GLN A NE2 1 
ATOM   780  N N   . ALA A 1 146 ? 3.545   -1.694  10.542  1.00 43.81 ? 126 ALA A N   1 
ATOM   781  C CA  . ALA A 1 146 ? 3.769   -2.149  11.896  1.00 43.55 ? 126 ALA A CA  1 
ATOM   782  C C   . ALA A 1 146 ? 2.560   -2.867  12.475  1.00 42.51 ? 126 ALA A C   1 
ATOM   783  O O   . ALA A 1 146 ? 2.719   -3.951  13.019  1.00 47.50 ? 126 ALA A O   1 
ATOM   784  C CB  . ALA A 1 146 ? 4.217   -1.003  12.792  1.00 39.05 ? 126 ALA A CB  1 
ATOM   785  N N   . ALA A 1 147 ? 1.349   -2.311  12.336  1.00 40.72 ? 127 ALA A N   1 
ATOM   786  C CA  . ALA A 1 147 ? 0.160   -2.885  13.015  1.00 40.00 ? 127 ALA A CA  1 
ATOM   787  C C   . ALA A 1 147 ? -0.275  -4.289  12.540  1.00 40.25 ? 127 ALA A C   1 
ATOM   788  O O   . ALA A 1 147 ? -1.069  -4.970  13.211  1.00 35.84 ? 127 ALA A O   1 
ATOM   789  C CB  . ALA A 1 147 ? -1.021  -1.905  12.992  1.00 35.31 ? 127 ALA A CB  1 
ATOM   790  N N   . ARG A 1 148 ? 0.241   -4.727  11.390  1.00 44.01 ? 128 ARG A N   1 
ATOM   791  C CA  . ARG A 1 148 ? -0.021  -6.072  10.881  1.00 45.26 ? 128 ARG A CA  1 
ATOM   792  C C   . ARG A 1 148 ? 0.375   -7.133  11.920  1.00 48.23 ? 128 ARG A C   1 
ATOM   793  O O   . ARG A 1 148 ? -0.271  -8.187  12.011  1.00 51.39 ? 128 ARG A O   1 
ATOM   794  C CB  . ARG A 1 148 ? 0.812   -6.320  9.655   1.00 48.68 ? 128 ARG A CB  1 
ATOM   795  C CG  . ARG A 1 148 ? 0.235   -5.900  8.332   1.00 54.76 ? 128 ARG A CG  1 
ATOM   796  C CD  . ARG A 1 148 ? 1.400   -5.926  7.363   1.00 64.88 ? 128 ARG A CD  1 
ATOM   797  N NE  . ARG A 1 148 ? 1.206   -6.762  6.171   1.00 77.16 ? 128 ARG A NE  1 
ATOM   798  C CZ  . ARG A 1 148 ? 1.455   -8.076  6.067   1.00 74.17 ? 128 ARG A CZ  1 
ATOM   799  N NH1 . ARG A 1 148 ? 1.916   -8.793  7.094   1.00 78.64 ? 128 ARG A NH1 1 
ATOM   800  N NH2 . ARG A 1 148 ? 1.233   -8.683  4.906   1.00 66.01 ? 128 ARG A NH2 1 
ATOM   801  N N   . ALA A 1 149 ? 1.443   -6.868  12.671  1.00 45.88 ? 129 ALA A N   1 
ATOM   802  C CA  . ALA A 1 149 ? 1.809   -7.695  13.845  1.00 54.17 ? 129 ALA A CA  1 
ATOM   803  C C   . ALA A 1 149 ? 0.787   -7.575  14.994  1.00 58.51 ? 129 ALA A C   1 
ATOM   804  O O   . ALA A 1 149 ? 0.226   -8.577  15.431  1.00 62.10 ? 129 ALA A O   1 
ATOM   805  C CB  . ALA A 1 149 ? 3.208   -7.338  14.337  1.00 45.83 ? 129 ALA A CB  1 
ATOM   806  N N   . THR A 1 150 ? 0.587   -6.342  15.460  1.00 64.45 ? 130 THR A N   1 
ATOM   807  C CA  . THR A 1 150 ? -0.364  -5.918  16.505  1.00 58.69 ? 130 THR A CA  1 
ATOM   808  C C   . THR A 1 150 ? -1.789  -6.402  16.299  1.00 58.37 ? 130 THR A C   1 
ATOM   809  O O   . THR A 1 150 ? -2.446  -6.729  17.279  1.00 61.46 ? 130 THR A O   1 
ATOM   810  C CB  . THR A 1 150 ? -0.441  -4.354  16.526  1.00 60.84 ? 130 THR A CB  1 
ATOM   811  O OG1 . THR A 1 150 ? 0.837   -3.804  16.831  1.00 67.09 ? 130 THR A OG1 1 
ATOM   812  C CG2 . THR A 1 150 ? -1.493  -3.772  17.520  1.00 67.82 ? 130 THR A CG2 1 
ATOM   813  N N   . SER A 1 151 ? -2.282  -6.402  15.050  1.00 48.15 ? 131 SER A N   1 
ATOM   814  C CA  . SER A 1 151 ? -3.727  -6.394  14.772  1.00 38.15 ? 131 SER A CA  1 
ATOM   815  C C   . SER A 1 151 ? -4.252  -7.361  13.663  1.00 44.75 ? 131 SER A C   1 
ATOM   816  O O   . SER A 1 151 ? -3.946  -7.238  12.463  1.00 38.74 ? 131 SER A O   1 
ATOM   817  C CB  . SER A 1 151 ? -4.209  -4.941  14.542  1.00 34.64 ? 131 SER A CB  1 
ATOM   818  O OG  . SER A 1 151 ? -5.379  -4.890  13.698  1.00 35.34 ? 131 SER A OG  1 
ATOM   819  N N   . VAL A 1 152 ? -5.064  -8.332  14.075  1.00 46.06 ? 132 VAL A N   1 
ATOM   820  C CA  . VAL A 1 152 ? -5.632  -9.287  13.156  1.00 42.19 ? 132 VAL A CA  1 
ATOM   821  C C   . VAL A 1 152 ? -6.428  -8.567  12.073  1.00 44.48 ? 132 VAL A C   1 
ATOM   822  O O   . VAL A 1 152 ? -6.484  -9.020  10.919  1.00 41.66 ? 132 VAL A O   1 
ATOM   823  C CB  . VAL A 1 152 ? -6.548  -10.307 13.875  1.00 43.51 ? 132 VAL A CB  1 
ATOM   824  C CG1 . VAL A 1 152 ? -7.584  -10.885 12.914  1.00 37.29 ? 132 VAL A CG1 1 
ATOM   825  C CG2 . VAL A 1 152 ? -5.714  -11.428 14.495  1.00 42.90 ? 132 VAL A CG2 1 
ATOM   826  N N   . GLU A 1 153 ? -7.073  -7.458  12.428  1.00 39.33 ? 133 GLU A N   1 
ATOM   827  C CA  . GLU A 1 153 ? -7.865  -6.766  11.420  1.00 38.63 ? 133 GLU A CA  1 
ATOM   828  C C   . GLU A 1 153 ? -6.967  -6.048  10.372  1.00 28.51 ? 133 GLU A C   1 
ATOM   829  O O   . GLU A 1 153 ? -7.281  -6.030  9.195   1.00 29.11 ? 133 GLU A O   1 
ATOM   830  C CB  . GLU A 1 153 ? -8.680  -5.727  12.096  1.00 41.60 ? 133 GLU A CB  1 
ATOM   831  C CG  . GLU A 1 153 ? -10.095 -5.749  11.634  1.00 52.79 ? 133 GLU A CG  1 
ATOM   832  C CD  . GLU A 1 153 ? -10.954 -5.508  12.830  1.00 60.62 ? 133 GLU A CD  1 
ATOM   833  O OE1 . GLU A 1 153 ? -10.517 -5.997  13.907  1.00 60.25 ? 133 GLU A OE1 1 
ATOM   834  O OE2 . GLU A 1 153 ? -11.993 -4.813  12.703  1.00 62.99 ? 133 GLU A OE2 1 
ATOM   835  N N   . VAL A 1 154 ? -5.897  -5.439  10.854  1.00 30.12 ? 134 VAL A N   1 
ATOM   836  C CA  . VAL A 1 154 ? -4.939  -4.800  9.951   1.00 31.25 ? 134 VAL A CA  1 
ATOM   837  C C   . VAL A 1 154 ? -4.331  -5.899  9.085   1.00 32.95 ? 134 VAL A C   1 
ATOM   838  O O   . VAL A 1 154 ? -4.323  -5.767  7.850   1.00 30.58 ? 134 VAL A O   1 
ATOM   839  C CB  . VAL A 1 154 ? -3.880  -3.987  10.703  1.00 32.71 ? 134 VAL A CB  1 
ATOM   840  C CG1 . VAL A 1 154 ? -2.665  -3.669  9.790   1.00 28.15 ? 134 VAL A CG1 1 
ATOM   841  C CG2 . VAL A 1 154 ? -4.513  -2.703  11.286  1.00 29.24 ? 134 VAL A CG2 1 
ATOM   842  N N   . ALA A 1 155 ? -3.872  -7.000  9.711   1.00 29.61 ? 135 ALA A N   1 
ATOM   843  C CA  . ALA A 1 155 ? -3.407  -8.187  8.925   1.00 31.05 ? 135 ALA A CA  1 
ATOM   844  C C   . ALA A 1 155 ? -4.393  -8.663  7.872   1.00 31.28 ? 135 ALA A C   1 
ATOM   845  O O   . ALA A 1 155 ? -3.986  -8.931  6.732   1.00 28.05 ? 135 ALA A O   1 
ATOM   846  C CB  . ALA A 1 155 ? -2.941  -9.348  9.831   1.00 26.28 ? 135 ALA A CB  1 
ATOM   847  N N   . GLU A 1 156 ? -5.699  -8.777  8.169   1.00 28.18 ? 136 GLU A N   1 
ATOM   848  C CA  . GLU A 1 156 ? -6.583  -9.305  7.138   1.00 28.15 ? 136 GLU A CA  1 
ATOM   849  C C   . GLU A 1 156 ? -6.887  -8.320  6.009   1.00 26.67 ? 136 GLU A C   1 
ATOM   850  O O   . GLU A 1 156 ? -7.057  -8.712  4.854   1.00 24.88 ? 136 GLU A O   1 
ATOM   851  C CB  . GLU A 1 156 ? -7.882  -9.895  7.729   1.00 38.95 ? 136 GLU A CB  1 
ATOM   852  C CG  . GLU A 1 156 ? -7.562  -11.114 8.607   1.00 47.70 ? 136 GLU A CG  1 
ATOM   853  C CD  . GLU A 1 156 ? -8.769  -11.631 9.367   1.00 61.41 ? 136 GLU A CD  1 
ATOM   854  O OE1 . GLU A 1 156 ? -9.851  -10.981 9.318   1.00 58.00 ? 136 GLU A OE1 1 
ATOM   855  O OE2 . GLU A 1 156 ? -8.632  -12.706 10.008  1.00 61.98 ? 136 GLU A OE2 1 
ATOM   856  N N   . LEU A 1 157 ? -6.921  -7.054  6.334   1.00 25.12 ? 137 LEU A N   1 
ATOM   857  C CA  . LEU A 1 157 ? -7.160  -6.003  5.329   1.00 24.30 ? 137 LEU A CA  1 
ATOM   858  C C   . LEU A 1 157 ? -5.976  -6.046  4.306   1.00 20.70 ? 137 LEU A C   1 
ATOM   859  O O   . LEU A 1 157 ? -6.158  -6.158  3.082   1.00 20.23 ? 137 LEU A O   1 
ATOM   860  C CB  . LEU A 1 157 ? -7.155  -4.650  6.088   1.00 26.76 ? 137 LEU A CB  1 
ATOM   861  C CG  . LEU A 1 157 ? -7.158  -3.422  5.172   1.00 27.80 ? 137 LEU A CG  1 
ATOM   862  C CD1 . LEU A 1 157 ? -8.341  -3.383  4.204   1.00 28.93 ? 137 LEU A CD1 1 
ATOM   863  C CD2 . LEU A 1 157 ? -7.098  -2.127  6.004   1.00 30.98 ? 137 LEU A CD2 1 
ATOM   864  N N   . TRP A 1 158 ? -4.772  -5.998  4.839   1.00 20.71 ? 138 TRP A N   1 
ATOM   865  C CA  . TRP A 1 158 ? -3.546  -6.073  4.021   1.00 24.39 ? 138 TRP A CA  1 
ATOM   866  C C   . TRP A 1 158 ? -3.533  -7.326  3.168   1.00 20.53 ? 138 TRP A C   1 
ATOM   867  O O   . TRP A 1 158 ? -3.427  -7.329  1.929   1.00 18.87 ? 138 TRP A O   1 
ATOM   868  C CB  . TRP A 1 158 ? -2.340  -5.960  4.948   1.00 28.06 ? 138 TRP A CB  1 
ATOM   869  C CG  . TRP A 1 158 ? -1.215  -5.557  4.151   1.00 34.41 ? 138 TRP A CG  1 
ATOM   870  C CD1 . TRP A 1 158 ? -0.224  -6.377  3.597   1.00 40.10 ? 138 TRP A CD1 1 
ATOM   871  C CD2 . TRP A 1 158 ? -0.936  -4.202  3.644   1.00 35.26 ? 138 TRP A CD2 1 
ATOM   872  N NE1 . TRP A 1 158 ? 0.676   -5.626  2.855   1.00 37.46 ? 138 TRP A NE1 1 
ATOM   873  C CE2 . TRP A 1 158 ? 0.274   -4.309  2.827   1.00 41.70 ? 138 TRP A CE2 1 
ATOM   874  C CE3 . TRP A 1 158 ? -1.526  -2.969  3.803   1.00 35.25 ? 138 TRP A CE3 1 
ATOM   875  C CZ2 . TRP A 1 158 ? 0.842   -3.187  2.208   1.00 41.11 ? 138 TRP A CZ2 1 
ATOM   876  C CZ3 . TRP A 1 158 ? -0.946  -1.853  3.180   1.00 40.61 ? 138 TRP A CZ3 1 
ATOM   877  C CH2 . TRP A 1 158 ? 0.200   -1.961  2.404   1.00 36.38 ? 138 TRP A CH2 1 
ATOM   878  N N   . SER A 1 159 ? -3.743  -8.456  3.824   1.00 21.19 ? 139 SER A N   1 
ATOM   879  C CA  . SER A 1 159 ? -3.855  -9.745  3.116   1.00 20.33 ? 139 SER A CA  1 
ATOM   880  C C   . SER A 1 159 ? -4.900  -9.789  1.997   1.00 20.87 ? 139 SER A C   1 
ATOM   881  O O   . SER A 1 159 ? -4.626  -10.304 0.874   1.00 20.36 ? 139 SER A O   1 
ATOM   882  C CB  . SER A 1 159 ? -4.040  -10.892 4.197   1.00 21.22 ? 139 SER A CB  1 
ATOM   883  O OG  . SER A 1 159 ? -4.386  -12.065 3.522   1.00 26.89 ? 139 SER A OG  1 
ATOM   884  N N   . THR A 1 160 ? -6.153  -9.335  2.250   1.00 22.21 ? 140 THR A N   1 
ATOM   885  C CA  . THR A 1 160 ? -7.170  -9.307  1.188   1.00 22.72 ? 140 THR A CA  1 
ATOM   886  C C   . THR A 1 160 ? -6.723  -8.484  -0.006  1.00 19.73 ? 140 THR A C   1 
ATOM   887  O O   . THR A 1 160 ? -6.941  -8.885  -1.145  1.00 19.17 ? 140 THR A O   1 
ATOM   888  C CB  . THR A 1 160 ? -8.500  -8.635  1.662   1.00 28.92 ? 140 THR A CB  1 
ATOM   889  O OG1 . THR A 1 160 ? -8.756  -9.064  3.002   1.00 37.40 ? 140 THR A OG1 1 
ATOM   890  C CG2 . THR A 1 160 ? -9.616  -9.063  0.833   1.00 34.34 ? 140 THR A CG2 1 
ATOM   891  N N   . PHE A 1 161 ? -6.173  -7.282  0.241   1.00 17.70 ? 141 PHE A N   1 
ATOM   892  C CA  . PHE A 1 161 ? -5.789  -6.453  -0.917  1.00 19.06 ? 141 PHE A CA  1 
ATOM   893  C C   . PHE A 1 161 ? -4.588  -7.031  -1.657  1.00 17.24 ? 141 PHE A C   1 
ATOM   894  O O   . PHE A 1 161 ? -4.556  -6.944  -2.872  1.00 17.77 ? 141 PHE A O   1 
ATOM   895  C CB  . PHE A 1 161 ? -5.608  -4.991  -0.496  1.00 19.92 ? 141 PHE A CB  1 
ATOM   896  C CG  . PHE A 1 161 ? -6.942  -4.272  -0.504  1.00 21.62 ? 141 PHE A CG  1 
ATOM   897  C CD1 . PHE A 1 161 ? -7.490  -3.826  -1.729  1.00 21.58 ? 141 PHE A CD1 1 
ATOM   898  C CD2 . PHE A 1 161 ? -7.743  -4.268  0.657   1.00 23.34 ? 141 PHE A CD2 1 
ATOM   899  C CE1 . PHE A 1 161 ? -8.759  -3.216  -1.756  1.00 24.65 ? 141 PHE A CE1 1 
ATOM   900  C CE2 . PHE A 1 161 ? -9.037  -3.671  0.624   1.00 26.52 ? 141 PHE A CE2 1 
ATOM   901  C CZ  . PHE A 1 161 ? -9.535  -3.180  -0.583  1.00 23.17 ? 141 PHE A CZ  1 
ATOM   902  N N   . MET A 1 162 ? -3.589  -7.557  -0.922  1.00 18.21 ? 142 MET A N   1 
ATOM   903  C CA  . MET A 1 162 ? -2.415  -8.182  -1.617  1.00 17.59 ? 142 MET A CA  1 
ATOM   904  C C   . MET A 1 162 ? -2.904  -9.370  -2.491  1.00 19.04 ? 142 MET A C   1 
ATOM   905  O O   . MET A 1 162 ? -2.468  -9.562  -3.635  1.00 16.10 ? 142 MET A O   1 
ATOM   906  C CB  . MET A 1 162 ? -1.353  -8.640  -0.588  1.00 17.28 ? 142 MET A CB  1 
ATOM   907  C CG  . MET A 1 162 ? -0.630  -7.518  0.160   1.00 17.57 ? 142 MET A CG  1 
ATOM   908  S SD  . MET A 1 162 ? 0.390   -6.588  -1.080  1.00 22.21 ? 142 MET A SD  1 
ATOM   909  C CE  . MET A 1 162 ? 1.760   -7.722  -1.322  1.00 17.87 ? 142 MET A CE  1 
ATOM   910  N N   . GLN A 1 163 ? -3.818  -10.208 -1.937  1.00 16.69 ? 143 GLN A N   1 
ATOM   911  C CA  . GLN A 1 163 ? -4.362  -11.285 -2.819  1.00 19.08 ? 143 GLN A CA  1 
ATOM   912  C C   . GLN A 1 163 ? -5.031  -10.725 -4.051  1.00 16.79 ? 143 GLN A C   1 
ATOM   913  O O   . GLN A 1 163 ? -4.860  -11.254 -5.140  1.00 14.89 ? 143 GLN A O   1 
ATOM   914  C CB  . GLN A 1 163 ? -5.409  -12.143 -2.094  1.00 20.43 ? 143 GLN A CB  1 
ATOM   915  C CG  . GLN A 1 163 ? -4.774  -12.753 -0.850  1.00 25.21 ? 143 GLN A CG  1 
ATOM   916  C CD  . GLN A 1 163 ? -5.823  -13.503 -0.001  1.00 36.27 ? 143 GLN A CD  1 
ATOM   917  O OE1 . GLN A 1 163 ? -6.625  -14.213 -0.540  1.00 37.71 ? 143 GLN A OE1 1 
ATOM   918  N NE2 . GLN A 1 163 ? -5.821  -13.293 1.315   1.00 39.87 ? 143 GLN A NE2 1 
ATOM   919  N N   . LYS A 1 164 ? -5.822  -9.671  -3.886  1.00 17.23 ? 144 LYS A N   1 
ATOM   920  C CA  . LYS A 1 164 ? -6.458  -9.060  -5.064  1.00 17.72 ? 144 LYS A CA  1 
ATOM   921  C C   . LYS A 1 164 ? -5.389  -8.547  -6.072  1.00 18.55 ? 144 LYS A C   1 
ATOM   922  O O   . LYS A 1 164 ? -5.507  -8.734  -7.309  1.00 16.66 ? 144 LYS A O   1 
ATOM   923  C CB  . LYS A 1 164 ? -7.311  -7.895  -4.562  1.00 22.98 ? 144 LYS A CB  1 
ATOM   924  C CG  . LYS A 1 164 ? -8.107  -7.207  -5.649  1.00 29.62 ? 144 LYS A CG  1 
ATOM   925  C CD  . LYS A 1 164 ? -9.234  -6.292  -5.093  1.00 35.63 ? 144 LYS A CD  1 
ATOM   926  C CE  . LYS A 1 164 ? -10.039 -5.751  -6.306  1.00 39.03 ? 144 LYS A CE  1 
ATOM   927  N NZ  . LYS A 1 164 ? -10.898 -4.583  -5.979  1.00 36.45 ? 144 LYS A NZ  1 
ATOM   928  N N   . TRP A 1 165 ? -4.334  -7.861  -5.576  1.00 15.81 ? 145 TRP A N   1 
ATOM   929  C CA  . TRP A 1 165 ? -3.369  -7.291  -6.563  1.00 14.83 ? 145 TRP A CA  1 
ATOM   930  C C   . TRP A 1 165 ? -2.520  -8.344  -7.238  1.00 14.44 ? 145 TRP A C   1 
ATOM   931  O O   . TRP A 1 165 ? -2.147  -8.217  -8.399  1.00 16.64 ? 145 TRP A O   1 
ATOM   932  C CB  . TRP A 1 165 ? -2.477  -6.309  -5.850  1.00 14.63 ? 145 TRP A CB  1 
ATOM   933  C CG  . TRP A 1 165 ? -3.356  -5.167  -5.264  1.00 17.89 ? 145 TRP A CG  1 
ATOM   934  C CD1 . TRP A 1 165 ? -4.577  -4.657  -5.792  1.00 16.81 ? 145 TRP A CD1 1 
ATOM   935  C CD2 . TRP A 1 165 ? -3.090  -4.363  -4.070  1.00 16.22 ? 145 TRP A CD2 1 
ATOM   936  N NE1 . TRP A 1 165 ? -5.016  -3.577  -5.010  1.00 18.44 ? 145 TRP A NE1 1 
ATOM   937  C CE2 . TRP A 1 165 ? -4.196  -3.389  -3.955  1.00 18.76 ? 145 TRP A CE2 1 
ATOM   938  C CE3 . TRP A 1 165 ? -2.097  -4.354  -3.106  1.00 17.39 ? 145 TRP A CE3 1 
ATOM   939  C CZ2 . TRP A 1 165 ? -4.240  -2.441  -2.924  1.00 18.35 ? 145 TRP A CZ2 1 
ATOM   940  C CZ3 . TRP A 1 165 ? -2.184  -3.427  -2.061  1.00 18.82 ? 145 TRP A CZ3 1 
ATOM   941  C CH2 . TRP A 1 165 ? -3.218  -2.487  -1.986  1.00 18.01 ? 145 TRP A CH2 1 
ATOM   942  N N   . ILE A 1 166 ? -2.220  -9.387  -6.464  1.00 14.55 ? 146 ILE A N   1 
ATOM   943  C CA  . ILE A 1 166 ? -1.507  -10.557 -7.046  1.00 15.16 ? 146 ILE A CA  1 
ATOM   944  C C   . ILE A 1 166 ? -2.369  -11.218 -8.131  1.00 15.41 ? 146 ILE A C   1 
ATOM   945  O O   . ILE A 1 166 ? -1.863  -11.530 -9.219  1.00 15.30 ? 146 ILE A O   1 
ATOM   946  C CB  . ILE A 1 166 ? -1.126  -11.536 -5.893  1.00 13.91 ? 146 ILE A CB  1 
ATOM   947  C CG1 . ILE A 1 166 ? 0.047   -10.934 -5.116  1.00 13.64 ? 146 ILE A CG1 1 
ATOM   948  C CG2 . ILE A 1 166 ? -0.705  -12.934 -6.448  1.00 13.99 ? 146 ILE A CG2 1 
ATOM   949  C CD1 . ILE A 1 166 ? 0.303   -11.681 -3.799  1.00 14.36 ? 146 ILE A CD1 1 
ATOM   950  N N   . ALA A 1 167 ? -3.653  -11.455 -7.812  1.00 16.05 ? 147 ALA A N   1 
ATOM   951  C CA  . ALA A 1 167 ? -4.553  -12.148 -8.777  1.00 18.15 ? 147 ALA A CA  1 
ATOM   952  C C   . ALA A 1 167 ? -4.633  -11.276 -10.034 1.00 19.84 ? 147 ALA A C   1 
ATOM   953  O O   . ALA A 1 167 ? -4.505  -11.758 -11.183 1.00 18.45 ? 147 ALA A O   1 
ATOM   954  C CB  . ALA A 1 167 ? -5.930  -12.385 -8.121  1.00 16.94 ? 147 ALA A CB  1 
ATOM   955  N N   . TYR A 1 168 ? -4.782  -9.957  -9.854  1.00 21.48 ? 148 TYR A N   1 
ATOM   956  C CA  . TYR A 1 168 ? -4.716  -9.093  -11.062 1.00 23.04 ? 148 TYR A CA  1 
ATOM   957  C C   . TYR A 1 168 ? -3.363  -9.077  -11.848 1.00 20.82 ? 148 TYR A C   1 
ATOM   958  O O   . TYR A 1 168 ? -3.334  -9.213  -13.099 1.00 17.85 ? 148 TYR A O   1 
ATOM   959  C CB  . TYR A 1 168 ? -5.229  -7.662  -10.754 1.00 27.62 ? 148 TYR A CB  1 
ATOM   960  C CG  . TYR A 1 168 ? -5.434  -6.907  -12.005 1.00 32.17 ? 148 TYR A CG  1 
ATOM   961  C CD1 . TYR A 1 168 ? -6.319  -7.374  -13.008 1.00 39.32 ? 148 TYR A CD1 1 
ATOM   962  C CD2 . TYR A 1 168 ? -4.724  -5.744  -12.253 1.00 38.79 ? 148 TYR A CD2 1 
ATOM   963  C CE1 . TYR A 1 168 ? -6.506  -6.663  -14.195 1.00 39.30 ? 148 TYR A CE1 1 
ATOM   964  C CE2 . TYR A 1 168 ? -4.909  -5.034  -13.442 1.00 41.48 ? 148 TYR A CE2 1 
ATOM   965  C CZ  . TYR A 1 168 ? -5.794  -5.499  -14.407 1.00 41.55 ? 148 TYR A CZ  1 
ATOM   966  O OH  . TYR A 1 168 ? -5.916  -4.766  -15.592 1.00 53.71 ? 148 TYR A OH  1 
ATOM   967  N N   . THR A 1 169 ? -2.224  -8.985  -11.147 1.00 16.96 ? 149 THR A N   1 
ATOM   968  C CA  . THR A 1 169 ? -0.955  -9.146  -11.864 1.00 16.39 ? 149 THR A CA  1 
ATOM   969  C C   . THR A 1 169 ? -0.912  -10.514 -12.604 1.00 16.15 ? 149 THR A C   1 
ATOM   970  O O   . THR A 1 169 ? -0.473  -10.560 -13.696 1.00 17.61 ? 149 THR A O   1 
ATOM   971  C CB  . THR A 1 169 ? 0.232   -9.136  -10.825 1.00 16.94 ? 149 THR A CB  1 
ATOM   972  O OG1 . THR A 1 169 ? 0.128   -7.951  -9.969  1.00 16.70 ? 149 THR A OG1 1 
ATOM   973  C CG2 . THR A 1 169 ? 1.600   -9.273  -11.502 1.00 15.38 ? 149 THR A CG2 1 
ATOM   974  N N   . ALA A 1 170 ? -1.319  -11.614 -11.956 1.00 16.51 ? 150 ALA A N   1 
ATOM   975  C CA  . ALA A 1 170 ? -1.227  -12.949 -12.645 1.00 18.78 ? 150 ALA A CA  1 
ATOM   976  C C   . ALA A 1 170 ? -2.120  -12.939 -13.947 1.00 19.60 ? 150 ALA A C   1 
ATOM   977  O O   . ALA A 1 170 ? -1.742  -13.514 -14.970 1.00 20.24 ? 150 ALA A O   1 
ATOM   978  C CB  . ALA A 1 170 ? -1.725  -14.048 -11.673 1.00 17.17 ? 150 ALA A CB  1 
ATOM   979  N N   . ALA A 1 171 ? -3.334  -12.359 -13.844 1.00 21.36 ? 151 ALA A N   1 
ATOM   980  C CA  . ALA A 1 171 ? -4.265  -12.283 -15.027 1.00 21.97 ? 151 ALA A CA  1 
ATOM   981  C C   . ALA A 1 171 ? -3.634  -11.531 -16.186 1.00 23.32 ? 151 ALA A C   1 
ATOM   982  O O   . ALA A 1 171 ? -3.726  -11.939 -17.347 1.00 21.17 ? 151 ALA A O   1 
ATOM   983  C CB  . ALA A 1 171 ? -5.600  -11.643 -14.591 1.00 23.58 ? 151 ALA A CB  1 
ATOM   984  N N   . VAL A 1 172 ? -2.885  -10.457 -15.886 1.00 21.50 ? 152 VAL A N   1 
ATOM   985  C CA  . VAL A 1 172 ? -2.238  -9.678  -16.975 1.00 22.19 ? 152 VAL A CA  1 
ATOM   986  C C   . VAL A 1 172 ? -1.079  -10.476 -17.514 1.00 22.34 ? 152 VAL A C   1 
ATOM   987  O O   . VAL A 1 172 ? -0.879  -10.544 -18.720 1.00 19.88 ? 152 VAL A O   1 
ATOM   988  C CB  . VAL A 1 172 ? -1.775  -8.262  -16.442 1.00 24.94 ? 152 VAL A CB  1 
ATOM   989  C CG1 . VAL A 1 172 ? -0.994  -7.486  -17.488 1.00 23.43 ? 152 VAL A CG1 1 
ATOM   990  C CG2 . VAL A 1 172 ? -2.996  -7.479  -15.941 1.00 26.19 ? 152 VAL A CG2 1 
ATOM   991  N N   . ILE A 1 173 ? -0.272  -11.094 -16.631 1.00 19.54 ? 153 ILE A N   1 
ATOM   992  C CA  . ILE A 1 173 ? 0.785   -11.964 -17.163 1.00 17.81 ? 153 ILE A CA  1 
ATOM   993  C C   . ILE A 1 173 ? 0.188   -13.057 -18.097 1.00 18.65 ? 153 ILE A C   1 
ATOM   994  O O   . ILE A 1 173 ? 0.709   -13.273 -19.138 1.00 23.51 ? 153 ILE A O   1 
ATOM   995  C CB  . ILE A 1 173 ? 1.622   -12.591 -16.001 1.00 16.63 ? 153 ILE A CB  1 
ATOM   996  C CG1 . ILE A 1 173 ? 2.518   -11.458 -15.304 1.00 15.85 ? 153 ILE A CG1 1 
ATOM   997  C CG2 . ILE A 1 173 ? 2.566   -13.679 -16.481 1.00 16.51 ? 153 ILE A CG2 1 
ATOM   998  C CD1 . ILE A 1 173 ? 2.956   -11.908 -13.900 1.00 16.93 ? 153 ILE A CD1 1 
ATOM   999  N N   . ASP A 1 174 ? -0.817  -13.766 -17.637 1.00 20.62 ? 154 ASP A N   1 
ATOM   1000 C CA  . ASP A 1 174 ? -1.489  -14.762 -18.474 1.00 26.18 ? 154 ASP A CA  1 
ATOM   1001 C C   . ASP A 1 174 ? -1.948  -14.210 -19.811 1.00 28.93 ? 154 ASP A C   1 
ATOM   1002 O O   . ASP A 1 174 ? -1.639  -14.816 -20.834 1.00 35.24 ? 154 ASP A O   1 
ATOM   1003 C CB  . ASP A 1 174 ? -2.592  -15.423 -17.655 1.00 26.94 ? 154 ASP A CB  1 
ATOM   1004 C CG  . ASP A 1 174 ? -2.022  -16.496 -16.736 1.00 30.16 ? 154 ASP A CG  1 
ATOM   1005 O OD1 . ASP A 1 174 ? -0.884  -17.003 -16.988 1.00 32.69 ? 154 ASP A OD1 1 
ATOM   1006 O OD2 . ASP A 1 174 ? -2.684  -16.855 -15.749 1.00 35.94 ? 154 ASP A OD2 1 
ATOM   1007 N N   . ALA A 1 175 ? -2.619  -13.058 -19.809 1.00 28.30 ? 155 ALA A N   1 
ATOM   1008 C CA  . ALA A 1 175 ? -2.978  -12.381 -21.079 1.00 31.43 ? 155 ALA A CA  1 
ATOM   1009 C C   . ALA A 1 175 ? -1.765  -12.126 -21.975 1.00 31.90 ? 155 ALA A C   1 
ATOM   1010 O O   . ALA A 1 175 ? -1.827  -12.353 -23.165 1.00 31.47 ? 155 ALA A O   1 
ATOM   1011 C CB  . ALA A 1 175 ? -3.712  -11.070 -20.789 1.00 29.18 ? 155 ALA A CB  1 
ATOM   1012 N N   . GLU A 1 176 ? -0.653  -11.641 -21.417 1.00 27.53 ? 156 GLU A N   1 
ATOM   1013 C CA  . GLU A 1 176 ? 0.544   -11.396 -22.185 1.00 28.41 ? 156 GLU A CA  1 
ATOM   1014 C C   . GLU A 1 176 ? 1.051   -12.714 -22.729 1.00 28.87 ? 156 GLU A C   1 
ATOM   1015 O O   . GLU A 1 176 ? 1.648   -12.765 -23.843 1.00 31.50 ? 156 GLU A O   1 
ATOM   1016 C CB  . GLU A 1 176 ? 1.659   -10.763 -21.320 1.00 25.68 ? 156 GLU A CB  1 
ATOM   1017 C CG  . GLU A 1 176 ? 1.333   -9.347  -20.856 1.00 24.95 ? 156 GLU A CG  1 
ATOM   1018 C CD  . GLU A 1 176 ? 1.485   -8.383  -22.030 1.00 31.04 ? 156 GLU A CD  1 
ATOM   1019 O OE1 . GLU A 1 176 ? 0.511   -8.355  -22.817 1.00 28.86 ? 156 GLU A OE1 1 
ATOM   1020 O OE2 . GLU A 1 176 ? 2.544   -7.739  -22.222 1.00 25.88 ? 156 GLU A OE2 1 
ATOM   1021 N N   . ARG A 1 177 ? 0.868   -13.779 -21.956 1.00 24.57 ? 157 ARG A N   1 
ATOM   1022 C CA  . ARG A 1 177 ? 1.396   -15.071 -22.446 1.00 27.19 ? 157 ARG A CA  1 
ATOM   1023 C C   . ARG A 1 177 ? 0.409   -15.571 -23.583 1.00 29.91 ? 157 ARG A C   1 
ATOM   1024 O O   . ARG A 1 177 ? 0.853   -16.130 -24.551 1.00 29.74 ? 157 ARG A O   1 
ATOM   1025 C CB  . ARG A 1 177 ? 1.506   -16.130 -21.352 1.00 25.22 ? 157 ARG A CB  1 
ATOM   1026 C CG  . ARG A 1 177 ? 2.688   -15.842 -20.415 1.00 24.23 ? 157 ARG A CG  1 
ATOM   1027 C CD  . ARG A 1 177 ? 2.519   -16.639 -19.116 1.00 21.80 ? 157 ARG A CD  1 
ATOM   1028 N NE  . ARG A 1 177 ? 3.710   -16.409 -18.290 1.00 22.09 ? 157 ARG A NE  1 
ATOM   1029 C CZ  . ARG A 1 177 ? 4.063   -17.161 -17.239 1.00 20.92 ? 157 ARG A CZ  1 
ATOM   1030 N NH1 . ARG A 1 177 ? 3.282   -18.160 -16.836 1.00 18.29 ? 157 ARG A NH1 1 
ATOM   1031 N NH2 . ARG A 1 177 ? 5.184   -16.862 -16.581 1.00 18.64 ? 157 ARG A NH2 1 
ATOM   1032 N N   . ASP A 1 178 ? -0.900  -15.402 -23.393 1.00 30.18 ? 158 ASP A N   1 
ATOM   1033 C CA  . ASP A 1 178 ? -1.898  -15.832 -24.402 1.00 32.30 ? 158 ASP A CA  1 
ATOM   1034 C C   . ASP A 1 178 ? -1.718  -15.066 -25.701 1.00 39.03 ? 158 ASP A C   1 
ATOM   1035 O O   . ASP A 1 178 ? -1.894  -15.635 -26.777 1.00 44.89 ? 158 ASP A O   1 
ATOM   1036 C CB  . ASP A 1 178 ? -3.296  -15.579 -23.891 1.00 31.11 ? 158 ASP A CB  1 
ATOM   1037 C CG  . ASP A 1 178 ? -3.677  -16.548 -22.854 1.00 37.45 ? 158 ASP A CG  1 
ATOM   1038 O OD1 . ASP A 1 178 ? -2.932  -17.551 -22.685 1.00 42.88 ? 158 ASP A OD1 1 
ATOM   1039 O OD2 . ASP A 1 178 ? -4.695  -16.314 -22.176 1.00 43.31 ? 158 ASP A OD2 1 
ATOM   1040 N N   . ARG A 1 179 ? -1.337  -13.794 -25.640 1.00 36.45 ? 159 ARG A N   1 
ATOM   1041 C CA  . ARG A 1 179 ? -1.015  -13.101 -26.902 1.00 38.81 ? 159 ARG A CA  1 
ATOM   1042 C C   . ARG A 1 179 ? 0.357   -13.293 -27.474 1.00 36.51 ? 159 ARG A C   1 
ATOM   1043 O O   . ARG A 1 179 ? 0.683   -12.700 -28.473 1.00 39.22 ? 159 ARG A O   1 
ATOM   1044 C CB  . ARG A 1 179 ? -1.419  -11.632 -26.929 1.00 43.46 ? 159 ARG A CB  1 
ATOM   1045 C CG  . ARG A 1 179 ? -1.101  -10.789 -25.736 1.00 46.45 ? 159 ARG A CG  1 
ATOM   1046 C CD  . ARG A 1 179 ? -1.777  -9.418  -25.798 1.00 49.76 ? 159 ARG A CD  1 
ATOM   1047 N NE  . ARG A 1 179 ? -0.794  -8.449  -25.339 1.00 61.04 ? 159 ARG A NE  1 
ATOM   1048 C CZ  . ARG A 1 179 ? 0.429   -8.319  -25.869 1.00 64.30 ? 159 ARG A CZ  1 
ATOM   1049 N NH1 . ARG A 1 179 ? 0.778   -9.085  -26.892 1.00 68.97 ? 159 ARG A NH1 1 
ATOM   1050 N NH2 . ARG A 1 179 ? 1.308   -7.429  -25.389 1.00 60.72 ? 159 ARG A NH2 1 
ATOM   1051 N N   . GLY A 1 180 ? 1.170   -14.139 -26.866 1.00 36.97 ? 160 GLY A N   1 
ATOM   1052 C CA  . GLY A 1 180 ? 2.511   -14.398 -27.362 1.00 27.90 ? 160 GLY A CA  1 
ATOM   1053 C C   . GLY A 1 180 ? 3.556   -13.338 -27.055 1.00 33.37 ? 160 GLY A C   1 
ATOM   1054 O O   . GLY A 1 180 ? 4.652   -13.394 -27.595 1.00 32.89 ? 160 GLY A O   1 
ATOM   1055 N N   . ALA A 1 181 ? 3.230   -12.358 -26.203 1.00 32.68 ? 161 ALA A N   1 
ATOM   1056 C CA  . ALA A 1 181 ? 4.191   -11.297 -25.869 1.00 31.89 ? 161 ALA A CA  1 
ATOM   1057 C C   . ALA A 1 181 ? 5.098   -11.679 -24.692 1.00 30.16 ? 161 ALA A C   1 
ATOM   1058 O O   . ALA A 1 181 ? 6.138   -11.144 -24.587 1.00 32.11 ? 161 ALA A O   1 
ATOM   1059 C CB  . ALA A 1 181 ? 3.455   -10.004 -25.538 1.00 29.12 ? 161 ALA A CB  1 
ATOM   1060 N N   . ALA A 1 182 ? 4.681   -12.595 -23.813 1.00 28.07 ? 162 ALA A N   1 
ATOM   1061 C CA  . ALA A 1 182 ? 5.573   -13.119 -22.708 1.00 25.67 ? 162 ALA A CA  1 
ATOM   1062 C C   . ALA A 1 182 ? 5.755   -14.674 -22.782 1.00 24.31 ? 162 ALA A C   1 
ATOM   1063 O O   . ALA A 1 182 ? 4.810   -15.353 -23.164 1.00 21.56 ? 162 ALA A O   1 
ATOM   1064 C CB  . ALA A 1 182 ? 4.935   -12.736 -21.376 1.00 25.61 ? 162 ALA A CB  1 
ATOM   1065 N N   . PRO A 1 183 ? 6.938   -15.213 -22.403 1.00 25.04 ? 163 PRO A N   1 
ATOM   1066 C CA  . PRO A 1 183 ? 7.166   -16.664 -22.466 1.00 24.54 ? 163 PRO A CA  1 
ATOM   1067 C C   . PRO A 1 183 ? 6.528   -17.377 -21.266 1.00 26.81 ? 163 PRO A C   1 
ATOM   1068 O O   . PRO A 1 183 ? 6.379   -16.778 -20.165 1.00 22.51 ? 163 PRO A O   1 
ATOM   1069 C CB  . PRO A 1 183 ? 8.702   -16.764 -22.504 1.00 22.78 ? 163 PRO A CB  1 
ATOM   1070 C CG  . PRO A 1 183 ? 9.120   -15.620 -21.597 1.00 26.80 ? 163 PRO A CG  1 
ATOM   1071 C CD  . PRO A 1 183 ? 8.177   -14.479 -21.999 1.00 24.33 ? 163 PRO A CD  1 
ATOM   1072 N N   . ARG A 1 184 ? 6.086   -18.620 -21.441 1.00 25.92 ? 164 ARG A N   1 
ATOM   1073 C CA  . ARG A 1 184 ? 5.549   -19.395 -20.312 1.00 27.10 ? 164 ARG A CA  1 
ATOM   1074 C C   . ARG A 1 184 ? 6.657   -20.011 -19.481 1.00 27.96 ? 164 ARG A C   1 
ATOM   1075 O O   . ARG A 1 184 ? 7.122   -21.125 -19.796 1.00 26.33 ? 164 ARG A O   1 
ATOM   1076 C CB  . ARG A 1 184 ? 4.646   -20.574 -20.809 1.00 31.44 ? 164 ARG A CB  1 
ATOM   1077 C CG  . ARG A 1 184 ? 3.162   -20.267 -20.817 1.00 43.81 ? 164 ARG A CG  1 
ATOM   1078 C CD  . ARG A 1 184 ? 2.272   -21.179 -21.709 1.00 52.57 ? 164 ARG A CD  1 
ATOM   1079 N NE  . ARG A 1 184 ? 1.271   -20.450 -22.548 1.00 55.23 ? 164 ARG A NE  1 
ATOM   1080 C CZ  . ARG A 1 184 ? 0.252   -19.677 -22.107 1.00 55.08 ? 164 ARG A CZ  1 
ATOM   1081 N NH1 . ARG A 1 184 ? 0.047   -19.467 -20.805 1.00 51.93 ? 164 ARG A NH1 1 
ATOM   1082 N NH2 . ARG A 1 184 ? -0.570  -19.073 -22.975 1.00 45.88 ? 164 ARG A NH2 1 
ATOM   1083 N N   . THR A 1 185 ? 7.060   -19.321 -18.418 1.00 22.53 ? 165 THR A N   1 
ATOM   1084 C CA  . THR A 1 185 ? 8.191   -19.707 -17.598 1.00 20.76 ? 165 THR A CA  1 
ATOM   1085 C C   . THR A 1 185 ? 7.560   -20.196 -16.293 1.00 23.91 ? 165 THR A C   1 
ATOM   1086 O O   . THR A 1 185 ? 6.846   -21.205 -16.278 1.00 23.35 ? 165 THR A O   1 
ATOM   1087 C CB  . THR A 1 185 ? 9.170   -18.532 -17.473 1.00 22.37 ? 165 THR A CB  1 
ATOM   1088 O OG1 . THR A 1 185 ? 8.427   -17.358 -17.045 1.00 20.90 ? 165 THR A OG1 1 
ATOM   1089 C CG2 . THR A 1 185 ? 9.923   -18.252 -18.871 1.00 20.45 ? 165 THR A CG2 1 
ATOM   1090 N N   . LEU A 1 186 ? 7.706   -19.440 -15.206 1.00 22.50 ? 166 LEU A N   1 
ATOM   1091 C CA  . LEU A 1 186 ? 7.092   -19.811 -13.918 1.00 22.18 ? 166 LEU A CA  1 
ATOM   1092 C C   . LEU A 1 186 ? 5.600   -19.722 -14.054 1.00 19.60 ? 166 LEU A C   1 
ATOM   1093 O O   . LEU A 1 186 ? 5.100   -18.909 -14.859 1.00 21.82 ? 166 LEU A O   1 
ATOM   1094 C CB  . LEU A 1 186 ? 7.449   -18.788 -12.814 1.00 20.59 ? 166 LEU A CB  1 
ATOM   1095 C CG  . LEU A 1 186 ? 8.865   -18.563 -12.388 1.00 24.67 ? 166 LEU A CG  1 
ATOM   1096 C CD1 . LEU A 1 186 ? 8.909   -17.541 -11.260 1.00 22.58 ? 166 LEU A CD1 1 
ATOM   1097 C CD2 . LEU A 1 186 ? 9.430   -19.933 -11.882 1.00 26.23 ? 166 LEU A CD2 1 
ATOM   1098 N N   . PRO A 1 187 ? 4.878   -20.482 -13.236 1.00 18.96 ? 167 PRO A N   1 
ATOM   1099 C CA  . PRO A 1 187 ? 3.432   -20.263 -13.009 1.00 18.95 ? 167 PRO A CA  1 
ATOM   1100 C C   . PRO A 1 187 ? 3.155   -18.769 -12.672 1.00 22.09 ? 167 PRO A C   1 
ATOM   1101 O O   . PRO A 1 187 ? 3.857   -18.175 -11.773 1.00 17.81 ? 167 PRO A O   1 
ATOM   1102 C CB  . PRO A 1 187 ? 3.136   -21.121 -11.785 1.00 20.04 ? 167 PRO A CB  1 
ATOM   1103 C CG  . PRO A 1 187 ? 4.101   -22.306 -11.884 1.00 19.56 ? 167 PRO A CG  1 
ATOM   1104 C CD  . PRO A 1 187 ? 5.400   -21.606 -12.424 1.00 19.03 ? 167 PRO A CD  1 
ATOM   1105 N N   . ALA A 1 188 ? 2.161   -18.177 -13.368 1.00 18.32 ? 168 ALA A N   1 
ATOM   1106 C CA  . ALA A 1 188 ? 1.977   -16.737 -13.339 1.00 17.31 ? 168 ALA A CA  1 
ATOM   1107 C C   . ALA A 1 188 ? 1.621   -16.272 -11.927 1.00 19.50 ? 168 ALA A C   1 
ATOM   1108 O O   . ALA A 1 188 ? 2.084   -15.165 -11.471 1.00 17.62 ? 168 ALA A O   1 
ATOM   1109 C CB  . ALA A 1 188 ? 0.889   -16.302 -14.361 1.00 19.57 ? 168 ALA A CB  1 
ATOM   1110 N N   . HIS A 1 189 ? 0.864   -17.082 -11.187 1.00 15.64 ? 169 HIS A N   1 
ATOM   1111 C CA  . HIS A 1 189 ? 0.464   -16.656 -9.926  1.00 16.43 ? 169 HIS A CA  1 
ATOM   1112 C C   . HIS A 1 189 ? 1.612   -16.641 -8.902  1.00 17.66 ? 169 HIS A C   1 
ATOM   1113 O O   . HIS A 1 189 ? 1.628   -15.795 -7.943  1.00 15.00 ? 169 HIS A O   1 
ATOM   1114 C CB  . HIS A 1 189 ? -0.706  -17.513 -9.465  1.00 20.00 ? 169 HIS A CB  1 
ATOM   1115 C CG  . HIS A 1 189 ? -1.453  -16.954 -8.251  1.00 17.60 ? 169 HIS A CG  1 
ATOM   1116 N ND1 . HIS A 1 189 ? -1.096  -17.218 -6.986  1.00 18.17 ? 169 HIS A ND1 1 
ATOM   1117 C CD2 . HIS A 1 189 ? -2.516  -16.047 -8.182  1.00 15.95 ? 169 HIS A CD2 1 
ATOM   1118 C CE1 . HIS A 1 189 ? -1.919  -16.615 -6.131  1.00 19.04 ? 169 HIS A CE1 1 
ATOM   1119 N NE2 . HIS A 1 189 ? -2.830  -15.918 -6.862  1.00 18.41 ? 169 HIS A NE2 1 
ATOM   1120 N N   . GLU A 1 190 ? 2.515   -17.612 -9.012  1.00 15.52 ? 170 GLU A N   1 
ATOM   1121 C CA  . GLU A 1 190 ? 3.661   -17.629 -8.114  1.00 16.37 ? 170 GLU A CA  1 
ATOM   1122 C C   . GLU A 1 190 ? 4.640   -16.428 -8.424  1.00 15.56 ? 170 GLU A C   1 
ATOM   1123 O O   . GLU A 1 190 ? 5.137   -15.792 -7.495  1.00 13.43 ? 170 GLU A O   1 
ATOM   1124 C CB  . GLU A 1 190 ? 4.401   -18.987 -8.290  1.00 20.54 ? 170 GLU A CB  1 
ATOM   1125 C CG  . GLU A 1 190 ? 3.501   -20.145 -7.744  1.00 20.72 ? 170 GLU A CG  1 
ATOM   1126 C CD  . GLU A 1 190 ? 4.041   -21.594 -8.023  1.00 25.55 ? 170 GLU A CD  1 
ATOM   1127 O OE1 . GLU A 1 190 ? 5.169   -21.726 -8.593  1.00 20.33 ? 170 GLU A OE1 1 
ATOM   1128 O OE2 . GLU A 1 190 ? 3.236   -22.560 -7.752  1.00 28.08 ? 170 GLU A OE2 1 
ATOM   1129 N N   . LEU A 1 191 ? 4.929   -16.199 -9.701  1.00 13.34 ? 171 LEU A N   1 
ATOM   1130 C CA  . LEU A 1 191 ? 5.764   -15.053 -10.147 1.00 14.83 ? 171 LEU A CA  1 
ATOM   1131 C C   . LEU A 1 191 ? 5.110   -13.766 -9.630  1.00 13.50 ? 171 LEU A C   1 
ATOM   1132 O O   . LEU A 1 191 ? 5.778   -12.897 -9.081  1.00 11.94 ? 171 LEU A O   1 
ATOM   1133 C CB  . LEU A 1 191 ? 5.787   -15.011 -11.698 1.00 14.66 ? 171 LEU A CB  1 
ATOM   1134 C CG  . LEU A 1 191 ? 6.502   -13.815 -12.417 1.00 16.85 ? 171 LEU A CG  1 
ATOM   1135 C CD1 . LEU A 1 191 ? 7.929   -13.489 -11.825 1.00 15.07 ? 171 LEU A CD1 1 
ATOM   1136 C CD2 . LEU A 1 191 ? 6.616   -14.064 -13.938 1.00 17.76 ? 171 LEU A CD2 1 
ATOM   1137 N N   . ALA A 1 192 ? 3.787   -13.645 -9.816  1.00 13.41 ? 172 ALA A N   1 
ATOM   1138 C CA  . ALA A 1 192 ? 3.036   -12.431 -9.312  1.00 14.87 ? 172 ALA A CA  1 
ATOM   1139 C C   . ALA A 1 192 ? 3.175   -12.252 -7.790  1.00 14.41 ? 172 ALA A C   1 
ATOM   1140 O O   . ALA A 1 192 ? 3.322   -11.117 -7.304  1.00 13.44 ? 172 ALA A O   1 
ATOM   1141 C CB  . ALA A 1 192 ? 1.532   -12.450 -9.736  1.00 13.96 ? 172 ALA A CB  1 
ATOM   1142 N N   . THR A 1 193 ? 3.027   -13.360 -7.018  1.00 12.81 ? 173 THR A N   1 
ATOM   1143 C CA  . THR A 1 193 ? 3.122   -13.262 -5.566  1.00 13.90 ? 173 THR A CA  1 
ATOM   1144 C C   . THR A 1 193 ? 4.534   -12.700 -5.217  1.00 14.02 ? 173 THR A C   1 
ATOM   1145 O O   . THR A 1 193 ? 4.600   -11.774 -4.468  1.00 12.77 ? 173 THR A O   1 
ATOM   1146 C CB  . THR A 1 193 ? 2.895   -14.671 -4.931  1.00 17.16 ? 173 THR A CB  1 
ATOM   1147 O OG1 . THR A 1 193 ? 1.579   -15.075 -5.367  1.00 15.71 ? 173 THR A OG1 1 
ATOM   1148 C CG2 . THR A 1 193 ? 3.080   -14.655 -3.368  1.00 15.10 ? 173 THR A CG2 1 
ATOM   1149 N N   . ALA A 1 194 ? 5.608   -13.289 -5.745  1.00 12.27 ? 174 ALA A N   1 
ATOM   1150 C CA  . ALA A 1 194 ? 6.980   -12.780 -5.370  1.00 13.73 ? 174 ALA A CA  1 
ATOM   1151 C C   . ALA A 1 194 ? 7.199   -11.325 -5.766  1.00 12.78 ? 174 ALA A C   1 
ATOM   1152 O O   . ALA A 1 194 ? 7.823   -10.557 -4.986  1.00 12.33 ? 174 ALA A O   1 
ATOM   1153 C CB  . ALA A 1 194 ? 8.097   -13.649 -5.972  1.00 13.36 ? 174 ALA A CB  1 
ATOM   1154 N N   . LEU A 1 195 ? 6.731   -10.938 -6.968  1.00 13.66 ? 175 LEU A N   1 
ATOM   1155 C CA  . LEU A 1 195 ? 6.910   -9.515  -7.451  1.00 13.87 ? 175 LEU A CA  1 
ATOM   1156 C C   . LEU A 1 195 ? 6.155   -8.579  -6.559  1.00 13.98 ? 175 LEU A C   1 
ATOM   1157 O O   . LEU A 1 195 ? 6.609   -7.503  -6.226  1.00 12.85 ? 175 LEU A O   1 
ATOM   1158 C CB  . LEU A 1 195 ? 6.482   -9.374  -8.917  1.00 13.31 ? 175 LEU A CB  1 
ATOM   1159 C CG  . LEU A 1 195 ? 7.420   -10.097 -9.884  1.00 14.77 ? 175 LEU A CG  1 
ATOM   1160 C CD1 . LEU A 1 195 ? 6.834   -10.004 -11.348 1.00 14.66 ? 175 LEU A CD1 1 
ATOM   1161 C CD2 . LEU A 1 195 ? 8.879   -9.554  -9.808  1.00 12.27 ? 175 LEU A CD2 1 
ATOM   1162 N N   . ASN A 1 196 ? 4.919   -8.953  -6.208  1.00 13.42 ? 176 ASN A N   1 
ATOM   1163 C CA  . ASN A 1 196 ? 4.163   -8.095  -5.332  1.00 13.00 ? 176 ASN A CA  1 
ATOM   1164 C C   . ASN A 1 196 ? 4.745   -7.988  -3.936  1.00 14.00 ? 176 ASN A C   1 
ATOM   1165 O O   . ASN A 1 196 ? 4.700   -6.887  -3.300  1.00 12.80 ? 176 ASN A O   1 
ATOM   1166 C CB  . ASN A 1 196 ? 2.657   -8.589  -5.258  1.00 12.94 ? 176 ASN A CB  1 
ATOM   1167 C CG  . ASN A 1 196 ? 1.810   -7.999  -6.409  1.00 12.74 ? 176 ASN A CG  1 
ATOM   1168 O OD1 . ASN A 1 196 ? 1.219   -6.952  -6.213  1.00 14.89 ? 176 ASN A OD1 1 
ATOM   1169 N ND2 . ASN A 1 196 ? 1.836   -8.578  -7.600  1.00 12.94 ? 176 ASN A ND2 1 
ATOM   1170 N N   . LEU A 1 197 ? 5.270   -9.107  -3.394  1.00 12.50 ? 177 LEU A N   1 
ATOM   1171 C CA  . LEU A 1 197 ? 5.877   -9.061  -2.049  1.00 11.47 ? 177 LEU A CA  1 
ATOM   1172 C C   . LEU A 1 197 ? 7.184   -8.206  -2.125  1.00 12.28 ? 177 LEU A C   1 
ATOM   1173 O O   . LEU A 1 197 ? 7.555   -7.576  -1.148  1.00 13.05 ? 177 LEU A O   1 
ATOM   1174 C CB  . LEU A 1 197 ? 6.234   -10.501 -1.544  1.00 10.87 ? 177 LEU A CB  1 
ATOM   1175 C CG  . LEU A 1 197 ? 4.930   -11.278 -1.135  1.00 11.91 ? 177 LEU A CG  1 
ATOM   1176 C CD1 . LEU A 1 197 ? 5.323   -12.704 -0.749  1.00 11.98 ? 177 LEU A CD1 1 
ATOM   1177 C CD2 . LEU A 1 197 ? 4.231   -10.589 0.056   1.00 12.19 ? 177 LEU A CD2 1 
ATOM   1178 N N   . MET A 1 198 ? 7.914   -8.330  -3.224  1.00 11.68 ? 178 MET A N   1 
ATOM   1179 C CA  . MET A 1 198 ? 9.129   -7.540  -3.385  1.00 14.16 ? 178 MET A CA  1 
ATOM   1180 C C   . MET A 1 198 ? 8.758   -6.057  -3.315  1.00 14.14 ? 178 MET A C   1 
ATOM   1181 O O   . MET A 1 198 ? 9.414   -5.225  -2.600  1.00 11.66 ? 178 MET A O   1 
ATOM   1182 C CB  . MET A 1 198 ? 9.761   -7.760  -4.739  1.00 11.97 ? 178 MET A CB  1 
ATOM   1183 C CG  . MET A 1 198 ? 10.935  -6.687  -4.983  1.00 12.56 ? 178 MET A CG  1 
ATOM   1184 S SD  . MET A 1 198 ? 11.811  -7.018  -6.558  1.00 14.51 ? 178 MET A SD  1 
ATOM   1185 C CE  . MET A 1 198 ? 10.465  -6.630  -7.756  1.00 12.10 ? 178 MET A CE  1 
ATOM   1186 N N   . ASN A 1 199 ? 7.671   -5.698  -4.000  1.00 13.84 ? 179 ASN A N   1 
ATOM   1187 C CA  . ASN A 1 199 ? 7.326   -4.270  -3.978  1.00 14.70 ? 179 ASN A CA  1 
ATOM   1188 C C   . ASN A 1 199 ? 6.928   -3.761  -2.622  1.00 15.76 ? 179 ASN A C   1 
ATOM   1189 O O   . ASN A 1 199 ? 7.333   -2.634  -2.203  1.00 13.77 ? 179 ASN A O   1 
ATOM   1190 C CB  . ASN A 1 199 ? 6.161   -3.946  -5.023  1.00 14.80 ? 179 ASN A CB  1 
ATOM   1191 C CG  . ASN A 1 199 ? 6.662   -3.958  -6.437  1.00 14.80 ? 179 ASN A CG  1 
ATOM   1192 O OD1 . ASN A 1 199 ? 7.785   -4.490  -6.741  1.00 15.27 ? 179 ASN A OD1 1 
ATOM   1193 N ND2 . ASN A 1 199 ? 5.844   -3.395  -7.371  1.00 14.14 ? 179 ASN A ND2 1 
ATOM   1194 N N   . GLU A 1 200 ? 6.100   -4.549  -1.921  1.00 16.26 ? 180 GLU A N   1 
ATOM   1195 C CA  . GLU A 1 200 ? 5.673   -4.212  -0.589  1.00 16.06 ? 180 GLU A CA  1 
ATOM   1196 C C   . GLU A 1 200 ? 6.910   -3.926  0.274   1.00 16.08 ? 180 GLU A C   1 
ATOM   1197 O O   . GLU A 1 200 ? 6.992   -2.831  0.913   1.00 14.75 ? 180 GLU A O   1 
ATOM   1198 C CB  . GLU A 1 200 ? 4.823   -5.364  0.013   1.00 17.01 ? 180 GLU A CB  1 
ATOM   1199 C CG  . GLU A 1 200 ? 4.579   -5.183  1.510   1.00 19.91 ? 180 GLU A CG  1 
ATOM   1200 C CD  . GLU A 1 200 ? 4.030   -6.453  2.197   1.00 23.58 ? 180 GLU A CD  1 
ATOM   1201 O OE1 . GLU A 1 200 ? 3.022   -7.027  1.805   1.00 23.34 ? 180 GLU A OE1 1 
ATOM   1202 O OE2 . GLU A 1 200 ? 4.574   -6.893  3.171   1.00 26.55 ? 180 GLU A OE2 1 
ATOM   1203 N N   . ARG A 1 201 ? 7.823   -4.900  0.350   1.00 13.51 ? 181 ARG A N   1 
ATOM   1204 C CA  . ARG A 1 201 ? 8.982   -4.801  1.294   1.00 13.54 ? 181 ARG A CA  1 
ATOM   1205 C C   . ARG A 1 201 ? 9.952   -3.696  0.868   1.00 15.63 ? 181 ARG A C   1 
ATOM   1206 O O   . ARG A 1 201 ? 10.468  -2.933  1.692   1.00 15.38 ? 181 ARG A O   1 
ATOM   1207 C CB  . ARG A 1 201 ? 9.770   -6.112  1.284   1.00 13.00 ? 181 ARG A CB  1 
ATOM   1208 C CG  . ARG A 1 201 ? 11.001  -6.096  2.228   1.00 15.69 ? 181 ARG A CG  1 
ATOM   1209 C CD  . ARG A 1 201 ? 10.463  -6.056  3.711   1.00 17.00 ? 181 ARG A CD  1 
ATOM   1210 N NE  . ARG A 1 201 ? 11.607  -5.901  4.597   1.00 21.12 ? 181 ARG A NE  1 
ATOM   1211 C CZ  . ARG A 1 201 ? 12.056  -4.738  5.064   1.00 22.36 ? 181 ARG A CZ  1 
ATOM   1212 N NH1 . ARG A 1 201 ? 11.416  -3.605  4.830   1.00 23.27 ? 181 ARG A NH1 1 
ATOM   1213 N NH2 . ARG A 1 201 ? 13.057  -4.764  5.884   1.00 25.50 ? 181 ARG A NH2 1 
ATOM   1214 N N   . THR A 1 202 ? 10.161  -3.569  -0.431  1.00 14.55 ? 182 THR A N   1 
ATOM   1215 C CA  . THR A 1 202 ? 11.184  -2.623  -0.927  1.00 13.89 ? 182 THR A CA  1 
ATOM   1216 C C   . THR A 1 202 ? 10.614  -1.202  -0.803  1.00 14.03 ? 182 THR A C   1 
ATOM   1217 O O   . THR A 1 202 ? 11.319  -0.300  -0.396  1.00 14.51 ? 182 THR A O   1 
ATOM   1218 C CB  . THR A 1 202 ? 11.534  -2.912  -2.429  1.00 16.12 ? 182 THR A CB  1 
ATOM   1219 O OG1 . THR A 1 202 ? 12.073  -4.237  -2.552  1.00 15.29 ? 182 THR A OG1 1 
ATOM   1220 C CG2 . THR A 1 202 ? 12.702  -1.920  -2.914  1.00 16.72 ? 182 THR A CG2 1 
ATOM   1221 N N   . LEU A 1 203 ? 9.334   -0.977  -1.164  1.00 14.19 ? 183 LEU A N   1 
ATOM   1222 C CA  . LEU A 1 203 ? 8.741   0.370   -0.944  1.00 15.53 ? 183 LEU A CA  1 
ATOM   1223 C C   . LEU A 1 203 ? 8.655   0.745   0.496   1.00 17.67 ? 183 LEU A C   1 
ATOM   1224 O O   . LEU A 1 203 ? 8.941   1.928   0.848   1.00 19.80 ? 183 LEU A O   1 
ATOM   1225 C CB  . LEU A 1 203 ? 7.367   0.516   -1.573  1.00 15.46 ? 183 LEU A CB  1 
ATOM   1226 C CG  . LEU A 1 203 ? 7.475   0.581   -3.132  1.00 16.19 ? 183 LEU A CG  1 
ATOM   1227 C CD1 . LEU A 1 203 ? 6.132   0.985   -3.664  1.00 19.26 ? 183 LEU A CD1 1 
ATOM   1228 C CD2 . LEU A 1 203 ? 8.549   1.577   -3.652  1.00 19.18 ? 183 LEU A CD2 1 
ATOM   1229 N N   . PHE A 1 204 ? 8.255   -0.209  1.365   1.00 18.52 ? 184 PHE A N   1 
ATOM   1230 C CA  . PHE A 1 204 ? 8.272   0.090   2.788   1.00 19.23 ? 184 PHE A CA  1 
ATOM   1231 C C   . PHE A 1 204 ? 9.663   0.490   3.252   1.00 18.79 ? 184 PHE A C   1 
ATOM   1232 O O   . PHE A 1 204 ? 9.807   1.478   4.002   1.00 18.76 ? 184 PHE A O   1 
ATOM   1233 C CB  . PHE A 1 204 ? 7.822   -1.099  3.671   1.00 21.34 ? 184 PHE A CB  1 
ATOM   1234 C CG  . PHE A 1 204 ? 6.343   -1.280  3.744   1.00 29.89 ? 184 PHE A CG  1 
ATOM   1235 C CD1 . PHE A 1 204 ? 5.454   -0.148  3.811   1.00 32.63 ? 184 PHE A CD1 1 
ATOM   1236 C CD2 . PHE A 1 204 ? 5.778   -2.598  3.859   1.00 33.61 ? 184 PHE A CD2 1 
ATOM   1237 C CE1 . PHE A 1 204 ? 4.043   -0.352  3.919   1.00 38.67 ? 184 PHE A CE1 1 
ATOM   1238 C CE2 . PHE A 1 204 ? 4.372   -2.774  3.989   1.00 39.35 ? 184 PHE A CE2 1 
ATOM   1239 C CZ  . PHE A 1 204 ? 3.512   -1.655  4.009   1.00 39.07 ? 184 PHE A CZ  1 
ATOM   1240 N N   . ALA A 1 205 ? 10.696  -0.259  2.830   1.00 16.03 ? 185 ALA A N   1 
ATOM   1241 C CA  . ALA A 1 205 ? 12.077  0.116   3.232   1.00 17.75 ? 185 ALA A CA  1 
ATOM   1242 C C   . ALA A 1 205 ? 12.466  1.507   2.735   1.00 16.41 ? 185 ALA A C   1 
ATOM   1243 O O   . ALA A 1 205 ? 13.063  2.299   3.500   1.00 17.68 ? 185 ALA A O   1 
ATOM   1244 C CB  . ALA A 1 205 ? 13.141  -0.912  2.744   1.00 15.21 ? 185 ALA A CB  1 
ATOM   1245 N N   . SER A 1 206 ? 12.191  1.799   1.485   1.00 16.27 ? 186 SER A N   1 
ATOM   1246 C CA  . SER A 1 206 ? 12.579  3.122   0.934   1.00 19.21 ? 186 SER A CA  1 
ATOM   1247 C C   . SER A 1 206 ? 11.825  4.220   1.664   1.00 22.51 ? 186 SER A C   1 
ATOM   1248 O O   . SER A 1 206 ? 12.425  5.295   1.952   1.00 21.02 ? 186 SER A O   1 
ATOM   1249 C CB  . SER A 1 206 ? 12.209  3.245   -0.549  1.00 18.16 ? 186 SER A CB  1 
ATOM   1250 O OG  . SER A 1 206 ? 13.097  2.471   -1.289  1.00 25.66 ? 186 SER A OG  1 
ATOM   1251 N N   . PHE A 1 207 ? 10.523  4.002   1.899   1.00 17.88 ? 187 PHE A N   1 
ATOM   1252 C CA  . PHE A 1 207 ? 9.741   5.062   2.446   1.00 22.98 ? 187 PHE A CA  1 
ATOM   1253 C C   . PHE A 1 207 ? 10.137  5.296   3.893   1.00 27.78 ? 187 PHE A C   1 
ATOM   1254 O O   . PHE A 1 207 ? 9.999   6.415   4.362   1.00 27.59 ? 187 PHE A O   1 
ATOM   1255 C CB  . PHE A 1 207 ? 8.221   4.816   2.432   1.00 20.95 ? 187 PHE A CB  1 
ATOM   1256 C CG  . PHE A 1 207 ? 7.628   4.819   1.049   1.00 23.14 ? 187 PHE A CG  1 
ATOM   1257 C CD1 . PHE A 1 207 ? 8.207   5.553   0.041   1.00 22.25 ? 187 PHE A CD1 1 
ATOM   1258 C CD2 . PHE A 1 207 ? 6.479   4.100   0.765   1.00 25.23 ? 187 PHE A CD2 1 
ATOM   1259 C CE1 . PHE A 1 207 ? 7.704   5.562   -1.231  1.00 22.13 ? 187 PHE A CE1 1 
ATOM   1260 C CE2 . PHE A 1 207 ? 5.935   4.134   -0.510  1.00 22.01 ? 187 PHE A CE2 1 
ATOM   1261 C CZ  . PHE A 1 207 ? 6.567   4.836   -1.530  1.00 21.78 ? 187 PHE A CZ  1 
ATOM   1262 N N   . ALA A 1 208 ? 10.533  4.248   4.614   1.00 29.99 ? 188 ALA A N   1 
ATOM   1263 C CA  . ALA A 1 208 ? 10.948  4.385   6.013   1.00 29.38 ? 188 ALA A CA  1 
ATOM   1264 C C   . ALA A 1 208 ? 12.367  4.868   6.130   1.00 27.88 ? 188 ALA A C   1 
ATOM   1265 O O   . ALA A 1 208 ? 12.826  5.098   7.204   1.00 29.53 ? 188 ALA A O   1 
ATOM   1266 C CB  . ALA A 1 208 ? 10.715  3.072   6.816   1.00 27.49 ? 188 ALA A CB  1 
ATOM   1267 N N   . GLY A 1 209 ? 13.092  5.034   5.041   1.00 27.64 ? 189 GLY A N   1 
ATOM   1268 C CA  . GLY A 1 209 ? 14.495  5.377   5.160   1.00 27.73 ? 189 GLY A CA  1 
ATOM   1269 C C   . GLY A 1 209 ? 15.348  4.262   5.790   1.00 35.42 ? 189 GLY A C   1 
ATOM   1270 O O   . GLY A 1 209 ? 16.426  4.560   6.316   1.00 29.31 ? 189 GLY A O   1 
ATOM   1271 N N   . GLU A 1 210 ? 14.926  2.982   5.679   1.00 25.76 ? 190 GLU A N   1 
ATOM   1272 C CA  . GLU A 1 210 ? 15.674  1.861   6.276   1.00 26.24 ? 190 GLU A CA  1 
ATOM   1273 C C   . GLU A 1 210 ? 17.070  1.684   5.756   1.00 26.54 ? 190 GLU A C   1 
ATOM   1274 O O   . GLU A 1 210 ? 17.423  2.038   4.637   1.00 26.18 ? 190 GLU A O   1 
ATOM   1275 C CB  . GLU A 1 210 ? 14.922  0.505   6.173   1.00 23.37 ? 190 GLU A CB  1 
ATOM   1276 C CG  . GLU A 1 210 ? 13.640  0.426   6.966   1.00 24.64 ? 190 GLU A CG  1 
ATOM   1277 C CD  . GLU A 1 210 ? 12.979  -0.947  6.762   1.00 33.03 ? 190 GLU A CD  1 
ATOM   1278 O OE1 . GLU A 1 210 ? 13.632  -1.860  6.202   1.00 30.28 ? 190 GLU A OE1 1 
ATOM   1279 O OE2 . GLU A 1 210 ? 11.806  -1.101  7.123   1.00 42.73 ? 190 GLU A OE2 1 
ATOM   1280 N N   . GLN A 1 211 ? 17.916  1.094   6.586   1.00 28.06 ? 191 GLN A N   1 
ATOM   1281 C CA  . GLN A 1 211 ? 19.171  0.643   6.038   1.00 29.44 ? 191 GLN A CA  1 
ATOM   1282 C C   . GLN A 1 211 ? 19.175  -0.873  6.153   1.00 28.43 ? 191 GLN A C   1 
ATOM   1283 O O   . GLN A 1 211 ? 19.039  -1.420  7.237   1.00 30.17 ? 191 GLN A O   1 
ATOM   1284 C CB  . GLN A 1 211 ? 20.363  1.262   6.775   1.00 39.81 ? 191 GLN A CB  1 
ATOM   1285 C CG  . GLN A 1 211 ? 21.436  1.604   5.766   1.00 53.04 ? 191 GLN A CG  1 
ATOM   1286 C CD  . GLN A 1 211 ? 22.660  2.232   6.397   1.00 64.16 ? 191 GLN A CD  1 
ATOM   1287 O OE1 . GLN A 1 211 ? 22.946  2.041   7.585   1.00 66.74 ? 191 GLN A OE1 1 
ATOM   1288 N NE2 . GLN A 1 211 ? 23.410  2.974   5.589   1.00 62.54 ? 191 GLN A NE2 1 
ATOM   1289 N N   . PRO A 1 212 ? 19.254  -1.582  5.031   1.00 26.56 ? 192 PRO A N   1 
ATOM   1290 C CA  . PRO A 1 212 ? 19.446  -1.093  3.657   1.00 22.35 ? 192 PRO A CA  1 
ATOM   1291 C C   . PRO A 1 212 ? 18.104  -0.672  3.006   1.00 19.34 ? 192 PRO A C   1 
ATOM   1292 O O   . PRO A 1 212 ? 17.040  -1.262  3.319   1.00 18.91 ? 192 PRO A O   1 
ATOM   1293 C CB  . PRO A 1 212 ? 19.967  -2.354  2.955   1.00 24.87 ? 192 PRO A CB  1 
ATOM   1294 C CG  . PRO A 1 212 ? 19.240  -3.496  3.654   1.00 23.47 ? 192 PRO A CG  1 
ATOM   1295 C CD  . PRO A 1 212 ? 19.096  -3.075  5.108   1.00 23.44 ? 192 PRO A CD  1 
ATOM   1296 N N   . SER A 1 213 ? 18.147  0.245   2.031   1.00 18.34 ? 193 SER A N   1 
ATOM   1297 C CA  . SER A 1 213 ? 16.989  0.501   1.128   1.00 18.04 ? 193 SER A CA  1 
ATOM   1298 C C   . SER A 1 213 ? 17.487  1.056   -0.181  1.00 21.72 ? 193 SER A C   1 
ATOM   1299 O O   . SER A 1 213 ? 18.609  1.532   -0.246  1.00 20.98 ? 193 SER A O   1 
ATOM   1300 C CB  . SER A 1 213 ? 15.946  1.470   1.755   1.00 18.19 ? 193 SER A CB  1 
ATOM   1301 O OG  . SER A 1 213 ? 16.600  2.716   2.137   1.00 14.98 ? 193 SER A OG  1 
ATOM   1302 N N   . VAL A 1 214 ? 16.686  0.952   -1.226  1.00 18.48 ? 194 VAL A N   1 
ATOM   1303 C CA  . VAL A 1 214 ? 16.893  1.719   -2.489  1.00 16.99 ? 194 VAL A CA  1 
ATOM   1304 C C   . VAL A 1 214 ? 16.432  3.141   -2.172  1.00 17.62 ? 194 VAL A C   1 
ATOM   1305 O O   . VAL A 1 214 ? 15.333  3.341   -1.614  1.00 16.97 ? 194 VAL A O   1 
ATOM   1306 C CB  . VAL A 1 214 ? 16.061  1.106   -3.649  1.00 16.70 ? 194 VAL A CB  1 
ATOM   1307 C CG1 . VAL A 1 214 ? 16.227  1.855   -5.010  1.00 15.68 ? 194 VAL A CG1 1 
ATOM   1308 C CG2 . VAL A 1 214 ? 16.508  -0.376  -3.901  1.00 16.88 ? 194 VAL A CG2 1 
ATOM   1309 N N   . PRO A 1 215 ? 17.239  4.153   -2.542  1.00 18.39 ? 195 PRO A N   1 
ATOM   1310 C CA  . PRO A 1 215 ? 16.811  5.542   -2.365  1.00 17.36 ? 195 PRO A CA  1 
ATOM   1311 C C   . PRO A 1 215 ? 15.434  5.739   -3.069  1.00 16.61 ? 195 PRO A C   1 
ATOM   1312 O O   . PRO A 1 215 ? 15.157  5.171   -4.172  1.00 15.29 ? 195 PRO A O   1 
ATOM   1313 C CB  . PRO A 1 215 ? 17.869  6.326   -3.182  1.00 19.38 ? 195 PRO A CB  1 
ATOM   1314 C CG  . PRO A 1 215 ? 19.088  5.442   -3.132  1.00 23.45 ? 195 PRO A CG  1 
ATOM   1315 C CD  . PRO A 1 215 ? 18.562  4.024   -3.181  1.00 20.92 ? 195 PRO A CD  1 
ATOM   1316 N N   . GLU A 1 216 ? 14.570  6.551   -2.482  1.00 16.24 ? 196 GLU A N   1 
ATOM   1317 C CA  . GLU A 1 216 ? 13.245  6.710   -3.024  1.00 17.87 ? 196 GLU A CA  1 
ATOM   1318 C C   . GLU A 1 216 ? 13.229  7.184   -4.460  1.00 18.52 ? 196 GLU A C   1 
ATOM   1319 O O   . GLU A 1 216 ? 12.356  6.781   -5.310  1.00 15.68 ? 196 GLU A O   1 
ATOM   1320 C CB  . GLU A 1 216 ? 12.477  7.608   -2.014  1.00 24.38 ? 196 GLU A CB  1 
ATOM   1321 C CG  . GLU A 1 216 ? 11.162  8.041   -2.549  1.00 28.92 ? 196 GLU A CG  1 
ATOM   1322 C CD  . GLU A 1 216 ? 10.246  8.684   -1.485  1.00 37.70 ? 196 GLU A CD  1 
ATOM   1323 O OE1 . GLU A 1 216 ? 10.453  8.506   -0.250  1.00 37.04 ? 196 GLU A OE1 1 
ATOM   1324 O OE2 . GLU A 1 216 ? 9.256   9.285   -1.933  1.00 40.32 ? 196 GLU A OE2 1 
ATOM   1325 N N   . ALA A 1 217 ? 14.205  8.064   -4.801  1.00 16.60 ? 197 ALA A N   1 
ATOM   1326 C CA  . ALA A 1 217 ? 14.335  8.510   -6.203  1.00 17.87 ? 197 ALA A CA  1 
ATOM   1327 C C   . ALA A 1 217 ? 14.762  7.432   -7.183  1.00 18.16 ? 197 ALA A C   1 
ATOM   1328 O O   . ALA A 1 217 ? 14.700  7.687   -8.356  1.00 19.51 ? 197 ALA A O   1 
ATOM   1329 C CB  . ALA A 1 217 ? 15.357  9.728   -6.289  1.00 16.91 ? 197 ALA A CB  1 
ATOM   1330 N N   . ARG A 1 218 ? 15.204  6.238   -6.766  1.00 15.86 ? 198 ARG A N   1 
ATOM   1331 C CA  . ARG A 1 218 ? 15.633  5.219   -7.720  1.00 16.84 ? 198 ARG A CA  1 
ATOM   1332 C C   . ARG A 1 218 ? 14.736  3.936   -7.654  1.00 18.59 ? 198 ARG A C   1 
ATOM   1333 O O   . ARG A 1 218 ? 14.878  3.034   -8.453  1.00 16.86 ? 198 ARG A O   1 
ATOM   1334 C CB  . ARG A 1 218 ? 17.087  4.761   -7.354  1.00 18.11 ? 198 ARG A CB  1 
ATOM   1335 C CG  . ARG A 1 218 ? 18.087  5.940   -7.582  1.00 19.56 ? 198 ARG A CG  1 
ATOM   1336 C CD  . ARG A 1 218 ? 18.397  6.110   -9.115  1.00 20.88 ? 198 ARG A CD  1 
ATOM   1337 N NE  . ARG A 1 218 ? 18.616  4.820   -9.781  1.00 22.22 ? 198 ARG A NE  1 
ATOM   1338 C CZ  . ARG A 1 218 ? 18.014  4.501   -10.945 1.00 27.07 ? 198 ARG A CZ  1 
ATOM   1339 N NH1 . ARG A 1 218 ? 17.349  5.464   -11.575 1.00 27.57 ? 198 ARG A NH1 1 
ATOM   1340 N NH2 . ARG A 1 218 ? 18.088  3.272   -11.520 1.00 23.52 ? 198 ARG A NH2 1 
ATOM   1341 N N   . VAL A 1 219 ? 13.851  3.897   -6.681  1.00 16.88 ? 199 VAL A N   1 
ATOM   1342 C CA  . VAL A 1 219 ? 13.107  2.652   -6.400  1.00 17.26 ? 199 VAL A CA  1 
ATOM   1343 C C   . VAL A 1 219 ? 12.104  2.290   -7.521  1.00 14.84 ? 199 VAL A C   1 
ATOM   1344 O O   . VAL A 1 219 ? 11.977  1.139   -7.880  1.00 14.79 ? 199 VAL A O   1 
ATOM   1345 C CB  . VAL A 1 219 ? 12.597  2.658   -4.922  1.00 17.69 ? 199 VAL A CB  1 
ATOM   1346 C CG1 . VAL A 1 219 ? 11.340  3.496   -4.787  1.00 18.02 ? 199 VAL A CG1 1 
ATOM   1347 C CG2 . VAL A 1 219 ? 12.299  1.200   -4.500  1.00 16.82 ? 199 VAL A CG2 1 
ATOM   1348 N N   . LEU A 1 220 ? 11.420  3.273   -8.155  1.00 15.64 ? 200 LEU A N   1 
ATOM   1349 C CA  . LEU A 1 220 ? 10.465  2.925   -9.200  1.00 15.88 ? 200 LEU A CA  1 
ATOM   1350 C C   . LEU A 1 220 ? 11.209  2.251   -10.350 1.00 16.01 ? 200 LEU A C   1 
ATOM   1351 O O   . LEU A 1 220 ? 10.794  1.168   -10.819 1.00 16.24 ? 200 LEU A O   1 
ATOM   1352 C CB  . LEU A 1 220 ? 9.671   4.199   -9.742  1.00 15.76 ? 200 LEU A CB  1 
ATOM   1353 C CG  . LEU A 1 220 ? 8.606   3.841   -10.763 1.00 16.51 ? 200 LEU A CG  1 
ATOM   1354 C CD1 . LEU A 1 220 ? 7.634   2.780   -10.181 1.00 16.48 ? 200 LEU A CD1 1 
ATOM   1355 C CD2 . LEU A 1 220 ? 7.925   5.191   -11.145 1.00 19.43 ? 200 LEU A CD2 1 
ATOM   1356 N N   . ASP A 1 221 ? 12.312  2.859   -10.815 1.00 15.61 ? 201 ASP A N   1 
ATOM   1357 C CA  . ASP A 1 221 ? 13.049  2.265   -11.942 1.00 17.35 ? 201 ASP A CA  1 
ATOM   1358 C C   . ASP A 1 221 ? 13.582  0.825   -11.524 1.00 14.54 ? 201 ASP A C   1 
ATOM   1359 O O   . ASP A 1 221 ? 13.706  -0.085  -12.361 1.00 14.69 ? 201 ASP A O   1 
ATOM   1360 C CB  . ASP A 1 221 ? 14.304  3.100   -12.292 1.00 18.77 ? 201 ASP A CB  1 
ATOM   1361 C CG  . ASP A 1 221 ? 14.016  4.357   -13.187 1.00 28.11 ? 201 ASP A CG  1 
ATOM   1362 O OD1 . ASP A 1 221 ? 12.965  4.415   -13.812 1.00 25.14 ? 201 ASP A OD1 1 
ATOM   1363 O OD2 . ASP A 1 221 ? 14.932  5.230   -13.300 1.00 31.20 ? 201 ASP A OD2 1 
ATOM   1364 N N   . THR A 1 222 ? 13.996  0.698   -10.268 1.00 15.45 ? 202 THR A N   1 
ATOM   1365 C CA  . THR A 1 222 ? 14.582  -0.597  -9.800  1.00 14.26 ? 202 THR A CA  1 
ATOM   1366 C C   . THR A 1 222 ? 13.500  -1.680  -9.921  1.00 15.26 ? 202 THR A C   1 
ATOM   1367 O O   . THR A 1 222 ? 13.723  -2.725  -10.548 1.00 14.38 ? 202 THR A O   1 
ATOM   1368 C CB  . THR A 1 222 ? 15.030  -0.461  -8.332  1.00 17.82 ? 202 THR A CB  1 
ATOM   1369 O OG1 . THR A 1 222 ? 16.055  0.553   -8.249  1.00 18.09 ? 202 THR A OG1 1 
ATOM   1370 C CG2 . THR A 1 222 ? 15.581  -1.850  -7.801  1.00 17.80 ? 202 THR A CG2 1 
ATOM   1371 N N   . LEU A 1 223 ? 12.291  -1.386  -9.413  1.00 14.22 ? 203 LEU A N   1 
ATOM   1372 C CA  . LEU A 1 223 ? 11.234  -2.374  -9.421  1.00 14.40 ? 203 LEU A CA  1 
ATOM   1373 C C   . LEU A 1 223 ? 10.769  -2.673  -10.810 1.00 13.65 ? 203 LEU A C   1 
ATOM   1374 O O   . LEU A 1 223 ? 10.503  -3.847  -11.179 1.00 14.16 ? 203 LEU A O   1 
ATOM   1375 C CB  . LEU A 1 223 ? 10.041  -1.906  -8.522  1.00 12.48 ? 203 LEU A CB  1 
ATOM   1376 C CG  . LEU A 1 223 ? 10.423  -1.750  -7.059  1.00 13.39 ? 203 LEU A CG  1 
ATOM   1377 C CD1 . LEU A 1 223 ? 9.259   -1.064  -6.317  1.00 14.07 ? 203 LEU A CD1 1 
ATOM   1378 C CD2 . LEU A 1 223 ? 10.815  -3.053  -6.280  1.00 12.13 ? 203 LEU A CD2 1 
ATOM   1379 N N   . VAL A 1 224 ? 10.651  -1.644  -11.633 1.00 14.23 ? 204 VAL A N   1 
ATOM   1380 C CA  . VAL A 1 224 ? 10.156  -1.869  -13.019 1.00 13.61 ? 204 VAL A CA  1 
ATOM   1381 C C   . VAL A 1 224 ? 11.140  -2.766  -13.809 1.00 15.32 ? 204 VAL A C   1 
ATOM   1382 O O   . VAL A 1 224 ? 10.707  -3.703  -14.553 1.00 15.89 ? 204 VAL A O   1 
ATOM   1383 C CB  . VAL A 1 224 ? 9.954   -0.527  -13.776 1.00 15.19 ? 204 VAL A CB  1 
ATOM   1384 C CG1 . VAL A 1 224 ? 9.731   -0.828  -15.265 1.00 15.65 ? 204 VAL A CG1 1 
ATOM   1385 C CG2 . VAL A 1 224 ? 8.800   0.286   -13.193 1.00 15.94 ? 204 VAL A CG2 1 
ATOM   1386 N N   . HIS A 1 225 ? 12.449  -2.525  -13.665 1.00 14.14 ? 205 HIS A N   1 
ATOM   1387 C CA  . HIS A 1 225 ? 13.461  -3.391  -14.345 1.00 15.73 ? 205 HIS A CA  1 
ATOM   1388 C C   . HIS A 1 225 ? 13.246  -4.894  -13.966 1.00 15.06 ? 205 HIS A C   1 
ATOM   1389 O O   . HIS A 1 225 ? 13.246  -5.770  -14.848 1.00 14.84 ? 205 HIS A O   1 
ATOM   1390 C CB  . HIS A 1 225 ? 14.888  -2.997  -14.026 1.00 15.02 ? 205 HIS A CB  1 
ATOM   1391 C CG  . HIS A 1 225 ? 15.938  -4.058  -14.434 1.00 16.87 ? 205 HIS A CG  1 
ATOM   1392 N ND1 . HIS A 1 225 ? 16.497  -4.101  -15.673 1.00 15.88 ? 205 HIS A ND1 1 
ATOM   1393 C CD2 . HIS A 1 225 ? 16.489  -5.106  -13.729 1.00 14.77 ? 205 HIS A CD2 1 
ATOM   1394 C CE1 . HIS A 1 225 ? 17.370  -5.104  -15.767 1.00 17.51 ? 205 HIS A CE1 1 
ATOM   1395 N NE2 . HIS A 1 225 ? 17.368  -5.760  -14.592 1.00 15.86 ? 205 HIS A NE2 1 
ATOM   1396 N N   . ILE A 1 226 ? 13.031  -5.154  -12.667 1.00 15.71 ? 206 ILE A N   1 
ATOM   1397 C CA  . ILE A 1 226 ? 12.897  -6.531  -12.170 1.00 13.58 ? 206 ILE A CA  1 
ATOM   1398 C C   . ILE A 1 226 ? 11.559  -7.129  -12.650 1.00 12.93 ? 206 ILE A C   1 
ATOM   1399 O O   . ILE A 1 226 ? 11.540  -8.291  -13.005 1.00 13.87 ? 206 ILE A O   1 
ATOM   1400 C CB  . ILE A 1 226 ? 13.060  -6.627  -10.596 1.00 12.74 ? 206 ILE A CB  1 
ATOM   1401 C CG1 . ILE A 1 226 ? 14.493  -6.284  -10.203 1.00 14.02 ? 206 ILE A CG1 1 
ATOM   1402 C CG2 . ILE A 1 226 ? 12.918  -8.090  -10.121 1.00 12.36 ? 206 ILE A CG2 1 
ATOM   1403 C CD1 . ILE A 1 226 ? 14.607  -5.831  -8.718  1.00 13.33 ? 206 ILE A CD1 1 
ATOM   1404 N N   . TRP A 1 227 ? 10.467  -6.359  -12.655 1.00 12.59 ? 207 TRP A N   1 
ATOM   1405 C CA  . TRP A 1 227 ? 9.178   -6.891  -13.146 1.00 12.87 ? 207 TRP A CA  1 
ATOM   1406 C C   . TRP A 1 227 ? 9.301   -7.226  -14.597 1.00 15.94 ? 207 TRP A C   1 
ATOM   1407 O O   . TRP A 1 227 ? 8.993   -8.356  -15.022 1.00 15.07 ? 207 TRP A O   1 
ATOM   1408 C CB  . TRP A 1 227 ? 8.068   -5.873  -12.950 1.00 12.83 ? 207 TRP A CB  1 
ATOM   1409 C CG  . TRP A 1 227 ? 7.499   -5.898  -11.574 1.00 12.41 ? 207 TRP A CG  1 
ATOM   1410 C CD1 . TRP A 1 227 ? 8.196   -5.677  -10.337 1.00 11.73 ? 207 TRP A CD1 1 
ATOM   1411 C CD2 . TRP A 1 227 ? 6.083   -6.027  -11.217 1.00 12.67 ? 207 TRP A CD2 1 
ATOM   1412 N NE1 . TRP A 1 227 ? 7.320   -5.734  -9.293  1.00 13.09 ? 207 TRP A NE1 1 
ATOM   1413 C CE2 . TRP A 1 227 ? 6.021   -5.924  -9.767  1.00 11.89 ? 207 TRP A CE2 1 
ATOM   1414 C CE3 . TRP A 1 227 ? 4.895   -6.279  -11.951 1.00 12.08 ? 207 TRP A CE3 1 
ATOM   1415 C CZ2 . TRP A 1 227 ? 4.845   -6.103  -9.066  1.00 13.26 ? 207 TRP A CZ2 1 
ATOM   1416 C CZ3 . TRP A 1 227 ? 3.704   -6.410  -11.257 1.00 12.94 ? 207 TRP A CZ3 1 
ATOM   1417 C CH2 . TRP A 1 227 ? 3.669   -6.373  -9.825  1.00 13.59 ? 207 TRP A CH2 1 
ATOM   1418 N N   . VAL A 1 228 ? 9.840   -6.278  -15.397 1.00 15.27 ? 208 VAL A N   1 
ATOM   1419 C CA  . VAL A 1 228 ? 9.866   -6.477  -16.848 1.00 16.64 ? 208 VAL A CA  1 
ATOM   1420 C C   . VAL A 1 228 ? 10.805  -7.641  -17.298 1.00 15.64 ? 208 VAL A C   1 
ATOM   1421 O O   . VAL A 1 228 ? 10.403  -8.455  -18.147 1.00 17.20 ? 208 VAL A O   1 
ATOM   1422 C CB  . VAL A 1 228 ? 10.207  -5.128  -17.585 1.00 18.71 ? 208 VAL A CB  1 
ATOM   1423 C CG1 . VAL A 1 228 ? 10.335  -5.391  -19.096 1.00 24.09 ? 208 VAL A CG1 1 
ATOM   1424 C CG2 . VAL A 1 228 ? 9.047   -4.156  -17.345 1.00 21.51 ? 208 VAL A CG2 1 
ATOM   1425 N N   . THR A 1 229 ? 12.010  -7.708  -16.745 1.00 14.87 ? 209 THR A N   1 
ATOM   1426 C CA  . THR A 1 229 ? 12.951  -8.765  -17.094 1.00 17.38 ? 209 THR A CA  1 
ATOM   1427 C C   . THR A 1 229 ? 12.373  -10.106 -16.648 1.00 19.48 ? 209 THR A C   1 
ATOM   1428 O O   . THR A 1 229 ? 12.456  -11.084 -17.404 1.00 19.00 ? 209 THR A O   1 
ATOM   1429 C CB  . THR A 1 229 ? 14.340  -8.541  -16.506 1.00 18.70 ? 209 THR A CB  1 
ATOM   1430 O OG1 . THR A 1 229 ? 14.279  -8.329  -15.087 1.00 15.50 ? 209 THR A OG1 1 
ATOM   1431 C CG2 . THR A 1 229 ? 15.054  -7.371  -17.186 1.00 17.47 ? 209 THR A CG2 1 
ATOM   1432 N N   . SER A 1 230 ? 11.658  -10.132 -15.491 1.00 15.24 ? 210 SER A N   1 
ATOM   1433 C CA  . SER A 1 230 ? 11.194  -11.431 -14.993 1.00 15.83 ? 210 SER A CA  1 
ATOM   1434 C C   . SER A 1 230 ? 9.916   -11.899 -15.682 1.00 17.14 ? 210 SER A C   1 
ATOM   1435 O O   . SER A 1 230 ? 9.695   -13.108 -15.843 1.00 18.55 ? 210 SER A O   1 
ATOM   1436 C CB  . SER A 1 230 ? 11.094  -11.466 -13.457 1.00 14.74 ? 210 SER A CB  1 
ATOM   1437 O OG  . SER A 1 230 ? 10.002  -10.668 -13.000 1.00 14.26 ? 210 SER A OG  1 
ATOM   1438 N N   . ILE A 1 231 ? 9.099   -10.960 -16.137 1.00 16.08 ? 211 ILE A N   1 
ATOM   1439 C CA  . ILE A 1 231 ? 7.876   -11.285 -16.868 1.00 17.64 ? 211 ILE A CA  1 
ATOM   1440 C C   . ILE A 1 231 ? 8.194   -11.696 -18.342 1.00 19.57 ? 211 ILE A C   1 
ATOM   1441 O O   . ILE A 1 231 ? 7.608   -12.643 -18.877 1.00 18.45 ? 211 ILE A O   1 
ATOM   1442 C CB  . ILE A 1 231 ? 6.880   -10.133 -16.747 1.00 15.71 ? 211 ILE A CB  1 
ATOM   1443 C CG1 . ILE A 1 231 ? 6.384   -10.149 -15.261 1.00 13.54 ? 211 ILE A CG1 1 
ATOM   1444 C CG2 . ILE A 1 231 ? 5.666   -10.303 -17.698 1.00 17.02 ? 211 ILE A CG2 1 
ATOM   1445 C CD1 . ILE A 1 231 ? 5.619   -8.819  -14.891 1.00 15.00 ? 211 ILE A CD1 1 
ATOM   1446 N N   . TYR A 1 232 ? 9.136   -11.006 -18.968 1.00 19.84 ? 212 TYR A N   1 
ATOM   1447 C CA  . TYR A 1 232 ? 9.292   -11.132 -20.440 1.00 20.64 ? 212 TYR A CA  1 
ATOM   1448 C C   . TYR A 1 232 ? 10.516  -11.956 -20.727 1.00 22.06 ? 212 TYR A C   1 
ATOM   1449 O O   . TYR A 1 232 ? 10.705  -12.362 -21.857 1.00 23.68 ? 212 TYR A O   1 
ATOM   1450 C CB  . TYR A 1 232 ? 9.360   -9.701  -21.113 1.00 19.65 ? 212 TYR A CB  1 
ATOM   1451 C CG  . TYR A 1 232 ? 7.997   -9.065  -20.989 1.00 19.77 ? 212 TYR A CG  1 
ATOM   1452 C CD1 . TYR A 1 232 ? 6.936   -9.458  -21.829 1.00 21.45 ? 212 TYR A CD1 1 
ATOM   1453 C CD2 . TYR A 1 232 ? 7.779   -8.047  -20.048 1.00 20.62 ? 212 TYR A CD2 1 
ATOM   1454 C CE1 . TYR A 1 232 ? 5.677   -8.900  -21.684 1.00 19.50 ? 212 TYR A CE1 1 
ATOM   1455 C CE2 . TYR A 1 232 ? 6.571   -7.443  -19.937 1.00 21.49 ? 212 TYR A CE2 1 
ATOM   1456 C CZ  . TYR A 1 232 ? 5.504   -7.880  -20.720 1.00 22.33 ? 212 TYR A CZ  1 
ATOM   1457 O OH  . TYR A 1 232 ? 4.282   -7.304  -20.438 1.00 22.34 ? 212 TYR A OH  1 
ATOM   1458 N N   . GLY A 1 233 ? 11.351  -12.212 -19.707 1.00 21.21 ? 213 GLY A N   1 
ATOM   1459 C CA  . GLY A 1 233 ? 12.654  -12.840 -19.919 1.00 23.21 ? 213 GLY A CA  1 
ATOM   1460 C C   . GLY A 1 233 ? 12.574  -14.383 -19.966 1.00 28.85 ? 213 GLY A C   1 
ATOM   1461 O O   . GLY A 1 233 ? 11.767  -15.006 -19.312 1.00 25.83 ? 213 GLY A O   1 
ATOM   1462 N N   . GLU A 1 234 ? 13.457  -14.996 -20.739 1.00 38.76 ? 214 GLU A N   1 
ATOM   1463 C CA  . GLU A 1 234 ? 13.710  -16.417 -20.559 1.00 46.20 ? 214 GLU A CA  1 
ATOM   1464 C C   . GLU A 1 234 ? 15.169  -16.730 -20.231 1.00 43.89 ? 214 GLU A C   1 
ATOM   1465 O O   . GLU A 1 234 ? 15.448  -17.585 -19.385 1.00 62.63 ? 214 GLU A O   1 
ATOM   1466 C CB  . GLU A 1 234 ? 13.300  -17.137 -21.810 1.00 47.82 ? 214 GLU A CB  1 
ATOM   1467 C CG  . GLU A 1 234 ? 12.981  -18.565 -21.457 1.00 52.84 ? 214 GLU A CG  1 
ATOM   1468 C CD  . GLU A 1 234 ? 11.851  -19.072 -22.311 1.00 52.53 ? 214 GLU A CD  1 
ATOM   1469 O OE1 . GLU A 1 234 ? 11.639  -18.501 -23.440 1.00 55.75 ? 214 GLU A OE1 1 
ATOM   1470 O OE2 . GLU A 1 234 ? 11.176  -20.021 -21.847 1.00 56.06 ? 214 GLU A OE2 1 
HETATM 1471 O O3  . 0MN B 2 .   ? 3.130   -2.682  -7.379  1.00 18.14 ? 301 0MN A O3  1 
HETATM 1472 C C8  . 0MN B 2 .   ? 2.328   -3.590  -6.943  1.00 20.83 ? 301 0MN A C8  1 
HETATM 1473 C C7  . 0MN B 2 .   ? 2.167   -3.849  -5.491  1.00 19.38 ? 301 0MN A C7  1 
HETATM 1474 O O2  . 0MN B 2 .   ? 3.079   -2.972  -4.756  1.00 20.01 ? 301 0MN A O2  1 
HETATM 1475 C C6  . 0MN B 2 .   ? 2.897   -2.769  -3.388  1.00 19.21 ? 301 0MN A C6  1 
HETATM 1476 C C5  . 0MN B 2 .   ? 1.992   -3.505  -2.627  1.00 19.58 ? 301 0MN A C5  1 
HETATM 1477 C C4  . 0MN B 2 .   ? 1.882   -3.300  -1.228  1.00 19.10 ? 301 0MN A C4  1 
HETATM 1478 C C3  . 0MN B 2 .   ? 2.580   -2.266  -0.560  1.00 18.00 ? 301 0MN A C3  1 
HETATM 1479 C C22 . 0MN B 2 .   ? 3.557   -1.727  -2.773  1.00 20.34 ? 301 0MN A C22 1 
HETATM 1480 C C2  . 0MN B 2 .   ? 3.414   -1.483  -1.388  1.00 20.05 ? 301 0MN A C2  1 
HETATM 1481 O O1  . 0MN B 2 .   ? 4.193   -0.454  -0.875  1.00 22.88 ? 301 0MN A O1  1 
HETATM 1482 C C1  . 0MN B 2 .   ? 4.081   -0.059  0.517   1.00 21.85 ? 301 0MN A C1  1 
HETATM 1483 N N1  . 0MN B 2 .   ? 1.645   -4.433  -7.693  1.00 20.89 ? 301 0MN A N1  1 
HETATM 1484 C C9  . 0MN B 2 .   ? 1.176   -4.219  -8.942  1.00 22.15 ? 301 0MN A C9  1 
HETATM 1485 C C14 . 0MN B 2 .   ? 1.728   -3.268  -9.796  1.00 20.94 ? 301 0MN A C14 1 
HETATM 1486 C C13 . 0MN B 2 .   ? 1.129   -3.130  -11.031 1.00 22.17 ? 301 0MN A C13 1 
HETATM 1487 C C12 . 0MN B 2 .   ? 0.053   -3.922  -11.486 1.00 24.61 ? 301 0MN A C12 1 
HETATM 1488 C C11 . 0MN B 2 .   ? -0.467  -4.900  -10.673 1.00 22.41 ? 301 0MN A C11 1 
HETATM 1489 C C10 . 0MN B 2 .   ? 0.092   -5.030  -9.395  1.00 22.70 ? 301 0MN A C10 1 
HETATM 1490 C C15 . 0MN B 2 .   ? -0.479  -3.662  -12.751 1.00 28.14 ? 301 0MN A C15 1 
HETATM 1491 S S   . 0MN B 2 .   ? -1.768  -4.661  -13.437 1.00 30.76 ? 301 0MN A S   1 
HETATM 1492 C C21 . 0MN B 2 .   ? -1.870  -3.721  -14.790 1.00 29.12 ? 301 0MN A C21 1 
HETATM 1493 C C16 . 0MN B 2 .   ? -0.908  -2.668  -14.804 1.00 29.56 ? 301 0MN A C16 1 
HETATM 1494 N N2  . 0MN B 2 .   ? -0.130  -2.688  -13.644 1.00 25.72 ? 301 0MN A N2  1 
HETATM 1495 C C20 . 0MN B 2 .   ? -2.749  -3.919  -15.869 1.00 33.00 ? 301 0MN A C20 1 
HETATM 1496 C C19 . 0MN B 2 .   ? -2.667  -3.039  -16.983 1.00 32.50 ? 301 0MN A C19 1 
HETATM 1497 C C18 . 0MN B 2 .   ? -1.728  -1.998  -17.030 1.00 34.65 ? 301 0MN A C18 1 
HETATM 1498 C C17 . 0MN B 2 .   ? -0.842  -1.830  -15.940 1.00 31.52 ? 301 0MN A C17 1 
HETATM 1499 N N   . NH4 C 3 .   ? 5.361   10.192  -3.568  1.00 39.44 ? 302 NH4 A N   1 
HETATM 1500 C C1  . GOL D 4 .   ? 0.980   -20.678 -15.108 1.00 29.47 ? 303 GOL A C1  1 
HETATM 1501 O O1  . GOL D 4 .   ? 0.521   -19.400 -15.463 1.00 36.69 ? 303 GOL A O1  1 
HETATM 1502 C C2  . GOL D 4 .   ? 1.489   -21.269 -16.360 1.00 41.26 ? 303 GOL A C2  1 
HETATM 1503 O O2  . GOL D 4 .   ? 0.295   -21.916 -16.816 1.00 46.61 ? 303 GOL A O2  1 
HETATM 1504 C C3  . GOL D 4 .   ? 2.563   -22.239 -15.925 1.00 35.56 ? 303 GOL A C3  1 
HETATM 1505 O O3  . GOL D 4 .   ? 3.968   -21.996 -16.266 1.00 45.62 ? 303 GOL A O3  1 
HETATM 1506 C C1  . GOL E 4 .   ? -4.130  7.892   26.641  1.00 64.84 ? 304 GOL A C1  1 
HETATM 1507 O O1  . GOL E 4 .   ? -4.868  9.113   26.760  1.00 58.85 ? 304 GOL A O1  1 
HETATM 1508 C C2  . GOL E 4 .   ? -4.959  6.955   25.757  1.00 68.31 ? 304 GOL A C2  1 
HETATM 1509 O O2  . GOL E 4 .   ? -5.955  6.329   26.584  1.00 71.54 ? 304 GOL A O2  1 
HETATM 1510 C C3  . GOL E 4 .   ? -4.099  5.918   25.004  1.00 64.24 ? 304 GOL A C3  1 
HETATM 1511 O O3  . GOL E 4 .   ? -4.940  4.896   24.454  1.00 55.19 ? 304 GOL A O3  1 
HETATM 1512 C C1  . GOL F 4 .   ? -17.033 2.025   22.102  1.00 54.42 ? 305 GOL A C1  1 
HETATM 1513 O O1  . GOL F 4 .   ? -16.364 3.133   22.747  1.00 47.89 ? 305 GOL A O1  1 
HETATM 1514 C C2  . GOL F 4 .   ? -16.585 0.661   22.650  1.00 54.76 ? 305 GOL A C2  1 
HETATM 1515 O O2  . GOL F 4 .   ? -15.230 0.717   23.133  1.00 57.31 ? 305 GOL A O2  1 
HETATM 1516 C C3  . GOL F 4 .   ? -16.748 -0.445  21.596  1.00 60.21 ? 305 GOL A C3  1 
HETATM 1517 O O3  . GOL F 4 .   ? -18.150 -0.669  21.376  1.00 67.11 ? 305 GOL A O3  1 
HETATM 1518 O O   . HOH G 5 .   ? 11.643  6.168   -7.871  1.00 17.61 ? 401 HOH A O   1 
HETATM 1519 O O   . HOH G 5 .   ? 6.024   -14.747 -18.366 1.00 21.80 ? 402 HOH A O   1 
HETATM 1520 O O   . HOH G 5 .   ? 15.708  9.710   -2.944  1.00 20.49 ? 403 HOH A O   1 
HETATM 1521 O O   . HOH G 5 .   ? 0.428   9.138   6.047   1.00 25.91 ? 404 HOH A O   1 
HETATM 1522 O O   . HOH G 5 .   ? -4.322  -14.035 -5.236  1.00 20.46 ? 405 HOH A O   1 
HETATM 1523 O O   . HOH G 5 .   ? 3.968   -5.088  6.652   1.00 57.41 ? 406 HOH A O   1 
HETATM 1524 O O   . HOH G 5 .   ? 6.423   -3.316  -26.003 1.00 46.45 ? 407 HOH A O   1 
HETATM 1525 O O   . HOH G 5 .   ? 5.825   9.007   -9.865  1.00 20.65 ? 408 HOH A O   1 
HETATM 1526 O O   . HOH G 5 .   ? 14.176  -0.095  -0.614  1.00 21.73 ? 409 HOH A O   1 
HETATM 1527 O O   . HOH G 5 .   ? 0.687   5.878   -12.572 1.00 23.63 ? 410 HOH A O   1 
HETATM 1528 O O   . HOH G 5 .   ? -11.408 -0.732  -3.635  1.00 40.36 ? 411 HOH A O   1 
HETATM 1529 O O   . HOH G 5 .   ? 17.226  0.505   9.390   1.00 37.51 ? 412 HOH A O   1 
HETATM 1530 O O   . HOH G 5 .   ? -0.063  -19.799 -11.289 1.00 31.91 ? 413 HOH A O   1 
HETATM 1531 O O   . HOH G 5 .   ? -2.700  -14.767 -3.234  1.00 31.43 ? 414 HOH A O   1 
HETATM 1532 O O   . HOH G 5 .   ? -5.317  -14.210 -11.647 1.00 30.18 ? 415 HOH A O   1 
HETATM 1533 O O   . HOH G 5 .   ? 3.827   12.380  -10.125 1.00 29.35 ? 416 HOH A O   1 
HETATM 1534 O O   . HOH G 5 .   ? 9.413   -15.129 -17.781 1.00 21.47 ? 417 HOH A O   1 
HETATM 1535 O O   . HOH G 5 .   ? 13.166  5.476   -10.100 1.00 18.69 ? 418 HOH A O   1 
HETATM 1536 O O   . HOH G 5 .   ? 18.409  1.111   -9.866  1.00 29.75 ? 419 HOH A O   1 
HETATM 1537 O O   . HOH G 5 .   ? -0.271  -15.810 -3.545  1.00 30.22 ? 420 HOH A O   1 
HETATM 1538 O O   . HOH G 5 .   ? 15.779  -2.864  5.135   1.00 21.86 ? 421 HOH A O   1 
HETATM 1539 O O   . HOH G 5 .   ? 2.924   10.933  5.517   1.00 37.46 ? 422 HOH A O   1 
HETATM 1540 O O   . HOH G 5 .   ? 5.215   5.143   -17.250 1.00 34.24 ? 423 HOH A O   1 
HETATM 1541 O O   . HOH G 5 .   ? 13.208  -1.039  -16.971 1.00 35.08 ? 424 HOH A O   1 
HETATM 1542 O O   . HOH G 5 .   ? 13.592  0.727   -15.034 1.00 17.67 ? 425 HOH A O   1 
HETATM 1543 O O   . HOH G 5 .   ? 3.614   10.995  2.982   1.00 35.99 ? 426 HOH A O   1 
HETATM 1544 O O   . HOH G 5 .   ? 13.240  -8.376  -21.370 1.00 50.89 ? 427 HOH A O   1 
HETATM 1545 O O   . HOH G 5 .   ? -2.958  -17.408 -13.305 1.00 38.50 ? 428 HOH A O   1 
HETATM 1546 O O   . HOH G 5 .   ? 0.091   -21.774 -7.189  0.50 15.34 ? 429 HOH A O   1 
HETATM 1547 O O   . HOH G 5 .   ? 6.428   -19.948 -24.055 1.00 36.87 ? 430 HOH A O   1 
HETATM 1548 O O   . HOH G 5 .   ? 1.162   -19.285 -18.247 1.00 53.28 ? 431 HOH A O   1 
HETATM 1549 O O   . HOH G 5 .   ? 1.093   1.247   13.995  1.00 42.35 ? 432 HOH A O   1 
HETATM 1550 O O   . HOH G 5 .   ? 10.456  8.525   -8.793  1.00 35.22 ? 433 HOH A O   1 
HETATM 1551 O O   . HOH G 5 .   ? 15.958  -5.690  5.813   1.00 32.71 ? 434 HOH A O   1 
HETATM 1552 O O   . HOH G 5 .   ? 17.713  3.046   -14.244 1.00 33.23 ? 435 HOH A O   1 
HETATM 1553 O O   . HOH G 5 .   ? 8.968   -1.976  -23.247 1.00 41.78 ? 436 HOH A O   1 
HETATM 1554 O O   . HOH G 5 .   ? -7.703  -4.868  -7.936  1.00 43.01 ? 437 HOH A O   1 
HETATM 1555 O O   . HOH G 5 .   ? -7.925  -9.334  -8.595  1.00 36.62 ? 438 HOH A O   1 
HETATM 1556 O O   . HOH G 5 .   ? -8.439  -10.613 -11.286 1.00 43.77 ? 439 HOH A O   1 
HETATM 1557 O O   . HOH G 5 .   ? 6.768   -8.328  -25.408 1.00 41.02 ? 440 HOH A O   1 
HETATM 1558 O O   . HOH G 5 .   ? -12.479 15.002  27.044  1.00 43.82 ? 441 HOH A O   1 
HETATM 1559 O O   . HOH G 5 .   ? -1.421  -9.280  6.284   1.00 31.16 ? 442 HOH A O   1 
HETATM 1560 O O   . HOH G 5 .   ? -16.973 17.059  27.492  1.00 31.09 ? 443 HOH A O   1 
HETATM 1561 O O   . HOH G 5 .   ? -12.070 -2.314  2.320   1.00 35.05 ? 444 HOH A O   1 
HETATM 1562 O O   . HOH G 5 .   ? 7.499   2.352   5.333   1.00 40.84 ? 445 HOH A O   1 
HETATM 1563 O O   . HOH G 5 .   ? 6.813   5.064   5.724   1.00 43.87 ? 446 HOH A O   1 
HETATM 1564 O O   . HOH G 5 .   ? -1.157  -19.446 -13.816 1.00 51.98 ? 447 HOH A O   1 
HETATM 1565 O O   . HOH G 5 .   ? 7.214   -5.704  4.161   1.00 35.93 ? 448 HOH A O   1 
# 
